data_9UO4
#
_entry.id   9UO4
#
_cell.length_a   1.00
_cell.length_b   1.00
_cell.length_c   1.00
_cell.angle_alpha   90.00
_cell.angle_beta   90.00
_cell.angle_gamma   90.00
#
_symmetry.space_group_name_H-M   'P 1'
#
_entity_poly.entity_id   1
_entity_poly.type   'polypeptide(L)'
_entity_poly.pdbx_seq_one_letter_code
;ASAWSHPQFEKGGGSGGGSGGSAWSHPQFEKIDTTIAELPPKVSVFVPPRDGFFGNPRKSKLICQATGFSPRQIQVSWLR
EGKQVGSGVTTDQVQAEAKESGPTTYKVTSTLTIKESDWLGQSMFTCRVDHRGLTFQQNASSMCVPDQDTAIRVFAIPPS
FASIFLTKSTKLTCLVTDLTTYDSVTISWTRQNGEAVKTHTNISESHPNATFSAVGEASICEDDWNSGERFTCTVTHTDL
PSPLKQTISRPKGVALHRPDVYLLPPAREQLNLRESATITCLVTGFSPADVFVQWMQRGQPLSPEKYVTSAPMPEPQAPG
RYFAHSILTVSEEEWNTGETYTCVVAHEALPNRVTERTVDKSTGKSSLVNVNLVMS
;
_entity_poly.pdbx_strand_id   A,B,C,D,E,F,G,H,I,J,K,L
#
# COMPACT_ATOMS: atom_id res chain seq x y z
N ILE A 152 12.42 -15.66 70.32
CA ILE A 152 13.39 -16.41 71.12
C ILE A 152 14.68 -16.59 70.31
N ARG A 153 14.58 -16.42 69.00
CA ARG A 153 15.70 -16.57 68.09
C ARG A 153 15.92 -15.27 67.34
N VAL A 154 17.18 -14.84 67.25
CA VAL A 154 17.55 -13.63 66.53
C VAL A 154 17.84 -13.99 65.07
N PHE A 155 17.11 -13.38 64.15
CA PHE A 155 17.30 -13.66 62.74
C PHE A 155 18.44 -12.82 62.18
N ALA A 156 18.94 -13.23 61.02
CA ALA A 156 20.00 -12.52 60.31
C ALA A 156 19.38 -11.80 59.13
N ILE A 157 19.61 -10.49 59.05
CA ILE A 157 19.03 -9.67 57.98
C ILE A 157 20.15 -9.07 57.15
N PRO A 158 20.54 -9.71 56.03
CA PRO A 158 21.52 -9.09 55.15
C PRO A 158 20.92 -7.87 54.46
N PRO A 159 21.75 -6.89 54.09
CA PRO A 159 21.22 -5.72 53.38
C PRO A 159 20.78 -6.06 51.96
N SER A 160 19.47 -6.10 51.73
CA SER A 160 18.94 -6.41 50.42
C SER A 160 19.20 -5.25 49.45
N PHE A 161 19.32 -5.58 48.17
CA PHE A 161 19.60 -4.56 47.16
C PHE A 161 18.45 -3.56 47.08
N ALA A 162 17.22 -4.05 47.25
CA ALA A 162 16.06 -3.18 47.26
C ALA A 162 16.16 -2.14 48.39
N SER A 163 16.58 -2.57 49.58
CA SER A 163 16.69 -1.62 50.68
C SER A 163 17.87 -0.68 50.50
N ILE A 164 18.99 -1.19 49.95
CA ILE A 164 20.16 -0.32 49.82
C ILE A 164 19.95 0.75 48.76
N PHE A 165 19.15 0.48 47.72
CA PHE A 165 18.78 1.55 46.81
C PHE A 165 17.40 2.13 47.07
N LEU A 166 16.76 1.74 48.18
CA LEU A 166 15.66 2.55 48.70
C LEU A 166 16.18 3.66 49.61
N THR A 167 17.21 3.37 50.40
CA THR A 167 17.82 4.35 51.28
C THR A 167 19.13 4.93 50.74
N LYS A 168 19.57 4.48 49.57
CA LYS A 168 20.81 4.96 48.93
C LYS A 168 22.04 4.78 49.82
N SER A 169 22.03 3.76 50.67
CA SER A 169 23.16 3.45 51.54
C SER A 169 23.08 2.00 51.96
N THR A 170 24.20 1.46 52.43
CA THR A 170 24.22 0.12 53.00
C THR A 170 23.56 0.14 54.38
N LYS A 171 22.64 -0.79 54.59
CA LYS A 171 21.87 -0.85 55.84
C LYS A 171 21.79 -2.30 56.30
N LEU A 172 22.66 -2.68 57.23
CA LEU A 172 22.64 -4.00 57.85
C LEU A 172 22.00 -3.92 59.23
N THR A 173 21.21 -4.93 59.57
CA THR A 173 20.52 -4.96 60.85
C THR A 173 20.64 -6.35 61.46
N CYS A 174 20.62 -6.39 62.79
CA CYS A 174 20.47 -7.63 63.55
C CYS A 174 19.10 -7.57 64.20
N LEU A 175 18.09 -7.96 63.44
CA LEU A 175 16.69 -7.75 63.80
C LEU A 175 16.09 -9.03 64.34
N VAL A 176 15.42 -8.93 65.48
CA VAL A 176 14.73 -10.05 66.09
C VAL A 176 13.32 -10.14 65.52
N THR A 177 12.73 -11.33 65.61
CA THR A 177 11.39 -11.57 65.09
C THR A 177 10.40 -11.95 66.17
N ASP A 178 10.72 -12.94 67.00
CA ASP A 178 9.81 -13.43 68.02
C ASP A 178 10.34 -13.20 69.42
N LEU A 179 11.17 -12.16 69.60
CA LEU A 179 11.68 -11.78 70.91
C LEU A 179 10.62 -10.92 71.60
N THR A 180 9.65 -11.60 72.20
CA THR A 180 8.42 -10.96 72.68
C THR A 180 8.62 -10.38 74.08
N THR A 181 8.34 -9.08 74.21
CA THR A 181 8.24 -8.38 75.50
C THR A 181 9.48 -8.58 76.36
N TYR A 182 10.66 -8.43 75.74
CA TYR A 182 11.93 -8.54 76.44
C TYR A 182 12.62 -7.17 76.40
N ASP A 183 12.77 -6.56 77.58
CA ASP A 183 13.40 -5.26 77.69
C ASP A 183 14.89 -5.43 77.97
N SER A 184 15.57 -4.32 78.29
CA SER A 184 17.01 -4.28 78.60
C SER A 184 17.83 -4.97 77.53
N VAL A 185 17.53 -4.66 76.27
CA VAL A 185 18.24 -5.24 75.13
C VAL A 185 19.45 -4.36 74.82
N THR A 186 20.64 -4.89 75.03
CA THR A 186 21.88 -4.18 74.77
C THR A 186 22.81 -5.05 73.95
N ILE A 187 23.43 -4.45 72.93
CA ILE A 187 24.39 -5.15 72.07
C ILE A 187 25.59 -4.24 71.88
N SER A 188 26.79 -4.83 71.92
CA SER A 188 28.04 -4.10 71.78
C SER A 188 28.80 -4.43 70.51
N TRP A 189 28.30 -5.39 69.70
CA TRP A 189 28.92 -5.78 68.43
C TRP A 189 30.37 -6.23 68.61
N THR A 190 30.59 -7.09 69.60
CA THR A 190 31.89 -7.72 69.77
C THR A 190 32.03 -8.85 68.75
N ARG A 191 32.92 -8.67 67.79
CA ARG A 191 32.96 -9.53 66.61
C ARG A 191 34.32 -10.18 66.36
N GLN A 192 35.35 -9.81 67.13
CA GLN A 192 36.73 -10.32 67.04
C GLN A 192 37.44 -9.77 65.80
N ASN A 193 36.72 -9.05 64.95
CA ASN A 193 37.36 -8.31 63.85
C ASN A 193 37.66 -6.89 64.30
N GLY A 194 38.69 -6.31 63.69
CA GLY A 194 39.12 -4.97 64.05
C GLY A 194 38.33 -3.87 63.38
N GLU A 195 37.02 -3.85 63.57
CA GLU A 195 36.16 -2.81 63.02
C GLU A 195 35.13 -2.41 64.07
N ALA A 196 34.59 -1.21 63.93
CA ALA A 196 33.62 -0.66 64.86
C ALA A 196 32.40 -0.16 64.09
N VAL A 197 31.23 -0.24 64.73
CA VAL A 197 30.01 0.28 64.13
C VAL A 197 30.06 1.80 64.12
N LYS A 198 30.03 2.39 62.93
CA LYS A 198 30.22 3.83 62.80
C LYS A 198 29.08 4.62 63.42
N THR A 199 27.84 4.29 63.05
CA THR A 199 26.65 4.99 63.54
C THR A 199 25.60 3.96 63.96
N HIS A 200 25.52 3.70 65.27
CA HIS A 200 24.50 2.81 65.80
C HIS A 200 23.28 3.55 66.32
N THR A 201 23.25 4.89 66.17
CA THR A 201 22.15 5.71 66.69
C THR A 201 21.00 5.70 65.68
N ASN A 202 20.19 4.64 65.76
CA ASN A 202 19.00 4.52 64.93
C ASN A 202 18.03 3.57 65.62
N ILE A 203 16.81 4.04 65.89
CA ILE A 203 15.79 3.27 66.58
C ILE A 203 14.57 3.17 65.70
N SER A 204 14.06 1.95 65.53
CA SER A 204 12.85 1.69 64.75
C SER A 204 11.63 1.44 65.63
N GLU A 205 11.69 1.87 66.91
CA GLU A 205 10.61 1.75 67.88
C GLU A 205 10.31 0.26 68.08
N SER A 206 9.08 -0.21 67.85
CA SER A 206 8.73 -1.59 68.12
C SER A 206 7.72 -2.06 67.08
N HIS A 207 7.60 -3.38 66.96
CA HIS A 207 6.66 -3.98 66.03
C HIS A 207 5.23 -3.70 66.47
N PRO A 208 4.26 -3.75 65.54
CA PRO A 208 2.85 -3.64 65.95
C PRO A 208 2.43 -4.72 66.93
N ASN A 209 2.97 -5.93 66.80
CA ASN A 209 2.71 -6.97 67.78
C ASN A 209 3.48 -6.66 69.07
N ALA A 210 3.21 -7.44 70.11
CA ALA A 210 3.88 -7.30 71.40
C ALA A 210 5.27 -7.95 71.32
N THR A 211 6.17 -7.27 70.61
CA THR A 211 7.51 -7.78 70.37
C THR A 211 8.44 -6.58 70.16
N PHE A 212 9.38 -6.38 71.08
CA PHE A 212 10.38 -5.33 70.90
C PHE A 212 11.31 -5.69 69.75
N SER A 213 11.70 -4.67 68.98
CA SER A 213 12.56 -4.84 67.81
C SER A 213 13.97 -4.40 68.17
N ALA A 214 14.92 -5.33 68.12
CA ALA A 214 16.32 -5.00 68.31
C ALA A 214 16.90 -4.55 66.97
N VAL A 215 17.43 -3.33 66.94
CA VAL A 215 17.88 -2.71 65.70
C VAL A 215 19.37 -2.41 65.78
N GLY A 216 20.07 -2.70 64.69
CA GLY A 216 21.50 -2.47 64.59
C GLY A 216 21.89 -1.71 63.33
N GLU A 217 21.07 -0.73 62.96
CA GLU A 217 21.30 0.01 61.73
C GLU A 217 22.64 0.75 61.77
N ALA A 218 23.32 0.79 60.63
CA ALA A 218 24.60 1.47 60.52
C ALA A 218 24.83 1.86 59.06
N SER A 219 25.68 2.86 58.88
CA SER A 219 26.05 3.33 57.54
C SER A 219 27.43 2.78 57.19
N ILE A 220 27.50 2.05 56.09
CA ILE A 220 28.73 1.36 55.67
C ILE A 220 29.00 1.73 54.23
N CYS A 221 30.27 2.02 53.92
CA CYS A 221 30.67 2.34 52.55
C CYS A 221 30.42 1.14 51.64
N GLU A 222 29.98 1.44 50.41
CA GLU A 222 29.69 0.38 49.45
C GLU A 222 30.95 -0.41 49.10
N ASP A 223 32.06 0.30 48.87
CA ASP A 223 33.32 -0.39 48.58
C ASP A 223 33.80 -1.20 49.78
N ASP A 224 33.58 -0.69 50.99
CA ASP A 224 33.94 -1.43 52.19
C ASP A 224 33.12 -2.72 52.31
N TRP A 225 31.84 -2.65 51.95
CA TRP A 225 31.02 -3.87 51.95
C TRP A 225 31.48 -4.84 50.87
N ASN A 226 31.79 -4.33 49.67
CA ASN A 226 32.23 -5.21 48.59
C ASN A 226 33.65 -5.73 48.76
N SER A 227 34.41 -5.20 49.73
CA SER A 227 35.75 -5.70 49.97
C SER A 227 35.74 -7.13 50.52
N GLY A 228 34.63 -7.57 51.11
CA GLY A 228 34.55 -8.91 51.64
C GLY A 228 34.94 -9.02 53.10
N GLU A 229 34.40 -8.12 53.93
CA GLU A 229 34.72 -8.10 55.34
C GLU A 229 33.82 -9.06 56.12
N ARG A 230 34.42 -9.75 57.08
CA ARG A 230 33.66 -10.66 57.93
C ARG A 230 32.86 -9.88 58.95
N PHE A 231 31.58 -10.23 59.10
CA PHE A 231 30.68 -9.52 60.01
C PHE A 231 29.73 -10.50 60.64
N THR A 232 29.64 -10.47 61.97
CA THR A 232 28.75 -11.34 62.72
C THR A 232 27.93 -10.49 63.69
N CYS A 233 27.06 -11.13 64.46
CA CYS A 233 26.21 -10.43 65.43
C CYS A 233 26.29 -11.17 66.77
N THR A 234 26.65 -10.43 67.82
CA THR A 234 26.66 -10.96 69.17
C THR A 234 25.42 -10.47 69.93
N VAL A 235 25.05 -11.22 70.96
CA VAL A 235 23.86 -10.93 71.75
C VAL A 235 24.28 -10.86 73.21
N THR A 236 24.35 -9.65 73.75
CA THR A 236 24.59 -9.42 75.17
C THR A 236 23.28 -9.37 75.96
N HIS A 237 22.15 -9.34 75.26
CA HIS A 237 20.84 -9.21 75.90
C HIS A 237 20.57 -10.41 76.81
N THR A 238 19.88 -10.14 77.92
CA THR A 238 19.81 -11.11 79.02
C THR A 238 19.05 -12.38 78.64
N ASP A 239 18.09 -12.29 77.72
CA ASP A 239 17.29 -13.47 77.37
C ASP A 239 18.13 -14.51 76.63
N LEU A 240 19.15 -14.07 75.88
CA LEU A 240 20.02 -14.97 75.13
C LEU A 240 21.47 -14.65 75.46
N PRO A 241 21.97 -15.13 76.60
CA PRO A 241 23.38 -14.87 76.93
C PRO A 241 24.36 -15.54 75.97
N SER A 242 23.98 -16.66 75.37
CA SER A 242 24.86 -17.35 74.44
C SER A 242 24.94 -16.58 73.13
N PRO A 243 26.13 -16.45 72.55
CA PRO A 243 26.27 -15.76 71.26
C PRO A 243 25.72 -16.60 70.12
N LEU A 244 25.50 -15.95 68.99
CA LEU A 244 24.96 -16.59 67.79
C LEU A 244 25.83 -16.22 66.59
N LYS A 245 25.87 -17.11 65.60
CA LYS A 245 26.66 -16.93 64.39
C LYS A 245 25.74 -16.45 63.28
N GLN A 246 25.88 -15.18 62.91
CA GLN A 246 25.08 -14.56 61.83
C GLN A 246 26.07 -13.85 60.91
N THR A 247 26.62 -14.58 59.94
CA THR A 247 27.65 -14.06 59.05
C THR A 247 27.00 -13.58 57.76
N ILE A 248 27.16 -12.29 57.46
CA ILE A 248 26.65 -11.68 56.24
C ILE A 248 27.75 -10.86 55.59
N SER A 249 27.87 -11.00 54.27
CA SER A 249 28.86 -10.27 53.47
C SER A 249 28.51 -10.48 52.01
N ARG A 250 29.34 -9.91 51.14
CA ARG A 250 29.20 -10.16 49.71
C ARG A 250 29.59 -11.61 49.40
N PRO A 251 28.93 -12.24 48.41
CA PRO A 251 29.25 -13.63 48.09
C PRO A 251 30.66 -13.82 47.54
N LYS A 252 30.98 -13.08 46.47
CA LYS A 252 32.27 -13.17 45.78
C LYS A 252 32.61 -14.60 45.41
N GLY A 253 31.61 -15.33 44.92
CA GLY A 253 31.81 -16.74 44.62
C GLY A 253 31.24 -17.20 43.29
N VAL A 254 30.69 -16.26 42.51
CA VAL A 254 30.10 -16.57 41.22
C VAL A 254 30.49 -15.48 40.23
N ALA A 255 30.70 -15.87 38.97
CA ALA A 255 31.02 -14.92 37.91
C ALA A 255 29.77 -14.13 37.55
N LEU A 256 29.77 -12.84 37.87
CA LEU A 256 28.57 -12.03 37.72
C LEU A 256 28.16 -11.88 36.26
N HIS A 257 26.88 -12.12 35.98
CA HIS A 257 26.29 -11.94 34.66
C HIS A 257 25.25 -10.83 34.73
N ARG A 258 25.27 -9.94 33.73
CA ARG A 258 24.39 -8.79 33.76
C ARG A 258 22.94 -9.22 33.54
N PRO A 259 21.98 -8.47 34.09
CA PRO A 259 20.57 -8.77 33.81
C PRO A 259 20.20 -8.53 32.36
N ASP A 260 19.91 -9.60 31.63
CA ASP A 260 19.40 -9.48 30.27
C ASP A 260 17.95 -9.03 30.32
N VAL A 261 17.72 -7.72 30.44
CA VAL A 261 16.39 -7.19 30.70
C VAL A 261 15.60 -7.17 29.40
N TYR A 262 14.41 -7.75 29.44
CA TYR A 262 13.49 -7.82 28.30
C TYR A 262 12.13 -7.35 28.78
N LEU A 263 11.74 -6.13 28.41
CA LEU A 263 10.48 -5.55 28.86
C LEU A 263 9.42 -5.85 27.81
N LEU A 264 8.58 -6.85 28.08
CA LEU A 264 7.58 -7.34 27.15
C LEU A 264 6.29 -6.53 27.27
N PRO A 265 5.77 -6.00 26.17
CA PRO A 265 4.49 -5.28 26.21
C PRO A 265 3.33 -6.24 26.40
N PRO A 266 2.12 -5.72 26.69
CA PRO A 266 0.94 -6.59 26.77
C PRO A 266 0.56 -7.18 25.41
N ALA A 267 -0.45 -8.04 25.41
CA ALA A 267 -0.87 -8.74 24.20
C ALA A 267 -2.16 -8.14 23.65
N ARG A 268 -2.57 -8.64 22.49
CA ARG A 268 -3.83 -8.22 21.89
C ARG A 268 -5.02 -8.61 22.76
N GLU A 269 -4.87 -9.61 23.62
CA GLU A 269 -5.95 -9.95 24.55
C GLU A 269 -6.11 -8.88 25.62
N GLN A 270 -5.01 -8.27 26.05
CA GLN A 270 -5.10 -7.01 26.80
C GLN A 270 -5.72 -5.92 25.95
N LEU A 271 -5.33 -5.83 24.68
CA LEU A 271 -5.85 -4.78 23.80
C LEU A 271 -7.32 -4.95 23.47
N ASN A 272 -7.92 -6.10 23.79
CA ASN A 272 -9.32 -6.37 23.50
C ASN A 272 -10.21 -6.28 24.73
N LEU A 273 -9.76 -6.80 25.88
CA LEU A 273 -10.58 -6.76 27.09
C LEU A 273 -10.72 -5.35 27.64
N ARG A 274 -9.68 -4.53 27.51
CA ARG A 274 -9.66 -3.13 27.93
C ARG A 274 -9.88 -2.95 29.43
N GLU A 275 -9.74 -4.02 30.22
CA GLU A 275 -9.91 -3.93 31.66
C GLU A 275 -8.60 -3.71 32.40
N SER A 276 -7.47 -3.99 31.78
CA SER A 276 -6.16 -3.82 32.41
C SER A 276 -5.09 -3.81 31.32
N ALA A 277 -3.84 -3.77 31.76
CA ALA A 277 -2.69 -3.82 30.86
C ALA A 277 -1.49 -4.24 31.70
N THR A 278 -1.01 -5.47 31.50
CA THR A 278 0.06 -6.03 32.31
C THR A 278 1.35 -6.00 31.51
N ILE A 279 2.36 -5.31 32.02
CA ILE A 279 3.59 -5.04 31.31
C ILE A 279 4.74 -5.62 32.14
N THR A 280 5.17 -6.83 31.81
CA THR A 280 6.18 -7.53 32.58
C THR A 280 7.58 -7.07 32.19
N CYS A 281 8.41 -6.82 33.20
CA CYS A 281 9.84 -6.52 33.02
C CYS A 281 10.61 -7.80 33.28
N LEU A 282 10.69 -8.65 32.27
CA LEU A 282 11.38 -9.93 32.37
C LEU A 282 12.89 -9.71 32.38
N VAL A 283 13.46 -9.66 33.56
CA VAL A 283 14.90 -9.72 33.75
C VAL A 283 15.31 -11.18 33.70
N THR A 284 16.46 -11.44 33.07
CA THR A 284 16.79 -12.82 32.73
C THR A 284 18.30 -13.05 32.85
N GLY A 285 18.68 -14.17 33.46
CA GLY A 285 20.06 -14.62 33.42
C GLY A 285 21.07 -13.74 34.13
N PHE A 286 20.97 -13.62 35.44
CA PHE A 286 21.95 -12.92 36.27
C PHE A 286 22.30 -13.80 37.46
N SER A 287 23.58 -14.10 37.62
CA SER A 287 24.00 -15.13 38.57
C SER A 287 23.87 -14.73 40.05
N PRO A 288 24.09 -13.48 40.46
CA PRO A 288 23.69 -13.12 41.84
C PRO A 288 22.18 -13.07 41.97
N ALA A 289 21.69 -13.56 43.11
CA ALA A 289 20.25 -13.80 43.26
C ALA A 289 19.47 -12.50 43.33
N ASP A 290 19.72 -11.69 44.36
CA ASP A 290 18.86 -10.56 44.66
C ASP A 290 19.01 -9.47 43.60
N VAL A 291 17.89 -9.02 43.05
CA VAL A 291 17.85 -7.91 42.10
C VAL A 291 16.70 -7.00 42.49
N PHE A 292 16.83 -5.72 42.18
CA PHE A 292 15.84 -4.71 42.53
C PHE A 292 15.30 -4.09 41.24
N VAL A 293 14.12 -4.52 40.83
CA VAL A 293 13.46 -4.00 39.64
C VAL A 293 12.33 -3.08 40.08
N GLN A 294 12.52 -1.78 39.87
CA GLN A 294 11.49 -0.79 40.12
C GLN A 294 11.21 -0.03 38.84
N TRP A 295 10.10 0.70 38.83
CA TRP A 295 9.61 1.34 37.61
C TRP A 295 9.64 2.85 37.73
N MET A 296 9.75 3.51 36.58
CA MET A 296 9.82 4.97 36.49
C MET A 296 8.73 5.44 35.53
N GLN A 297 7.55 5.74 36.06
CA GLN A 297 6.52 6.36 35.24
C GLN A 297 6.95 7.76 34.84
N ARG A 298 6.91 8.05 33.55
CA ARG A 298 7.51 9.25 32.97
C ARG A 298 8.97 9.37 33.40
N GLY A 299 9.25 10.28 34.33
CA GLY A 299 10.58 10.40 34.88
C GLY A 299 10.62 10.16 36.38
N GLN A 300 9.49 10.33 37.05
CA GLN A 300 9.41 10.19 38.49
C GLN A 300 9.38 8.72 38.90
N PRO A 301 9.85 8.40 40.10
CA PRO A 301 9.73 7.02 40.60
C PRO A 301 8.28 6.65 40.86
N LEU A 302 8.00 5.35 40.75
CA LEU A 302 6.67 4.81 40.96
C LEU A 302 6.64 4.00 42.25
N SER A 303 5.46 3.96 42.88
CA SER A 303 5.29 3.24 44.13
C SER A 303 5.28 1.73 43.88
N PRO A 304 5.78 0.94 44.85
CA PRO A 304 5.77 -0.52 44.68
C PRO A 304 4.39 -1.15 44.81
N GLU A 305 3.34 -0.33 44.84
CA GLU A 305 1.97 -0.83 44.81
C GLU A 305 1.43 -0.98 43.39
N LYS A 306 2.10 -0.40 42.40
CA LYS A 306 1.72 -0.52 40.99
C LYS A 306 2.53 -1.58 40.28
N TYR A 307 3.84 -1.64 40.51
CA TYR A 307 4.66 -2.75 40.07
C TYR A 307 4.93 -3.68 41.25
N VAL A 308 5.21 -4.95 40.93
CA VAL A 308 5.62 -5.95 41.90
C VAL A 308 6.68 -6.83 41.26
N THR A 309 7.74 -7.13 42.00
CA THR A 309 8.89 -7.86 41.49
C THR A 309 8.83 -9.32 41.92
N SER A 310 8.84 -10.21 40.93
CA SER A 310 8.96 -11.63 41.19
C SER A 310 10.30 -11.95 41.84
N ALA A 311 10.29 -12.88 42.80
CA ALA A 311 11.52 -13.31 43.42
C ALA A 311 12.39 -14.02 42.39
N PRO A 312 13.69 -13.71 42.32
CA PRO A 312 14.55 -14.33 41.30
C PRO A 312 14.76 -15.82 41.51
N MET A 313 14.16 -16.65 40.64
CA MET A 313 14.29 -18.10 40.57
C MET A 313 15.19 -18.49 39.41
N PRO A 314 15.89 -19.63 39.52
CA PRO A 314 16.89 -20.00 38.52
C PRO A 314 16.32 -20.14 37.11
N GLU A 315 17.10 -19.70 36.14
CA GLU A 315 16.75 -19.89 34.74
C GLU A 315 16.83 -21.37 34.36
N PRO A 316 15.87 -21.90 33.61
CA PRO A 316 15.90 -23.35 33.30
C PRO A 316 17.10 -23.80 32.49
N GLN A 317 17.75 -22.92 31.73
CA GLN A 317 18.94 -23.32 30.99
C GLN A 317 20.18 -23.23 31.87
N ALA A 318 20.44 -22.07 32.45
CA ALA A 318 21.61 -21.88 33.30
C ALA A 318 21.20 -21.94 34.75
N PRO A 319 21.56 -23.00 35.48
CA PRO A 319 21.22 -23.05 36.92
C PRO A 319 21.88 -21.96 37.74
N GLY A 320 23.10 -21.54 37.37
CA GLY A 320 23.76 -20.47 38.09
C GLY A 320 23.08 -19.12 37.92
N ARG A 321 22.54 -18.85 36.74
CA ARG A 321 21.89 -17.59 36.46
C ARG A 321 20.43 -17.62 36.92
N TYR A 322 19.95 -16.47 37.38
CA TYR A 322 18.61 -16.32 37.91
C TYR A 322 17.82 -15.33 37.05
N PHE A 323 16.53 -15.62 36.85
CA PHE A 323 15.63 -14.70 36.19
C PHE A 323 14.50 -14.32 37.13
N ALA A 324 13.84 -13.21 36.82
CA ALA A 324 12.70 -12.74 37.61
C ALA A 324 11.76 -11.97 36.67
N HIS A 325 10.70 -11.42 37.25
CA HIS A 325 9.69 -10.65 36.55
C HIS A 325 9.43 -9.37 37.32
N SER A 326 8.82 -8.39 36.65
CA SER A 326 8.25 -7.25 37.35
C SER A 326 7.18 -6.62 36.48
N ILE A 327 5.92 -6.95 36.75
CA ILE A 327 4.82 -6.51 35.91
C ILE A 327 4.42 -5.09 36.30
N LEU A 328 3.61 -4.47 35.44
CA LEU A 328 3.04 -3.14 35.73
C LEU A 328 1.59 -3.17 35.25
N THR A 329 0.67 -3.42 36.19
CA THR A 329 -0.74 -3.57 35.85
C THR A 329 -1.43 -2.20 35.93
N VAL A 330 -1.33 -1.47 34.83
CA VAL A 330 -2.00 -0.19 34.68
C VAL A 330 -3.24 -0.40 33.82
N SER A 331 -4.11 0.61 33.78
CA SER A 331 -5.27 0.54 32.90
C SER A 331 -4.82 0.60 31.45
N GLU A 332 -5.62 -0.05 30.58
CA GLU A 332 -5.23 -0.18 29.18
C GLU A 332 -5.15 1.18 28.49
N GLU A 333 -6.11 2.07 28.78
CA GLU A 333 -6.11 3.39 28.18
C GLU A 333 -4.91 4.21 28.64
N GLU A 334 -4.40 3.95 29.85
CA GLU A 334 -3.21 4.65 30.32
C GLU A 334 -1.98 4.28 29.50
N TRP A 335 -1.84 2.99 29.14
CA TRP A 335 -0.71 2.57 28.34
C TRP A 335 -0.87 2.95 26.87
N ASN A 336 -2.11 2.95 26.36
CA ASN A 336 -2.34 3.18 24.94
C ASN A 336 -2.13 4.63 24.52
N THR A 337 -1.96 5.56 25.46
CA THR A 337 -1.80 6.97 25.14
C THR A 337 -0.35 7.36 24.88
N GLY A 338 0.50 6.40 24.51
CA GLY A 338 1.90 6.70 24.30
C GLY A 338 2.68 6.93 25.57
N GLU A 339 2.21 6.41 26.69
CA GLU A 339 2.86 6.59 27.98
C GLU A 339 4.20 5.88 28.00
N THR A 340 5.20 6.53 28.60
CA THR A 340 6.56 5.98 28.67
C THR A 340 6.69 5.19 29.96
N TYR A 341 6.81 3.87 29.84
CA TYR A 341 7.02 2.97 30.97
C TYR A 341 8.38 2.30 30.84
N THR A 342 9.32 2.73 31.67
CA THR A 342 10.64 2.12 31.75
C THR A 342 10.80 1.44 33.11
N CYS A 343 11.49 0.30 33.09
CA CYS A 343 11.73 -0.49 34.29
C CYS A 343 13.22 -0.48 34.60
N VAL A 344 13.63 0.35 35.55
CA VAL A 344 15.03 0.40 35.94
C VAL A 344 15.35 -0.82 36.80
N VAL A 345 16.40 -1.53 36.43
CA VAL A 345 16.77 -2.81 37.05
C VAL A 345 18.13 -2.61 37.68
N ALA A 346 18.15 -2.27 38.96
CA ALA A 346 19.40 -2.13 39.68
C ALA A 346 19.93 -3.49 40.11
N HIS A 347 21.22 -3.73 39.88
CA HIS A 347 21.81 -5.01 40.24
C HIS A 347 23.30 -4.85 40.49
N GLU A 348 23.81 -5.68 41.40
CA GLU A 348 25.24 -5.63 41.72
C GLU A 348 26.10 -6.20 40.61
N ALA A 349 25.55 -7.10 39.79
CA ALA A 349 26.32 -7.70 38.70
C ALA A 349 26.70 -6.65 37.66
N LEU A 350 25.91 -5.60 37.53
CA LEU A 350 26.22 -4.51 36.63
C LEU A 350 27.30 -3.63 37.25
N PRO A 351 28.43 -3.40 36.58
CA PRO A 351 29.34 -2.33 37.01
C PRO A 351 28.66 -0.97 36.96
N ASN A 352 27.76 -0.78 36.00
CA ASN A 352 26.93 0.42 35.94
C ASN A 352 25.95 0.48 37.12
N ARG A 353 25.50 -0.68 37.58
CA ARG A 353 24.69 -0.95 38.77
C ARG A 353 23.21 -0.60 38.57
N VAL A 354 22.82 0.08 37.48
CA VAL A 354 21.41 0.38 37.19
C VAL A 354 21.20 0.37 35.68
N THR A 355 20.46 -0.60 35.17
CA THR A 355 20.07 -0.64 33.76
C THR A 355 18.60 -0.27 33.64
N GLU A 356 18.11 -0.19 32.40
CA GLU A 356 16.68 0.03 32.17
C GLU A 356 16.33 -0.29 30.73
N ARG A 357 15.09 -0.75 30.54
CA ARG A 357 14.46 -0.87 29.24
C ARG A 357 13.10 -0.17 29.29
N THR A 358 12.68 0.36 28.16
CA THR A 358 11.42 1.10 28.08
C THR A 358 10.54 0.51 26.99
N VAL A 359 9.23 0.70 27.15
CA VAL A 359 8.25 0.17 26.20
C VAL A 359 7.15 1.21 26.02
N ASP A 360 6.60 1.27 24.80
CA ASP A 360 5.39 2.02 24.49
C ASP A 360 4.50 1.14 23.61
N LYS A 361 3.43 1.74 23.08
CA LYS A 361 2.55 1.01 22.17
C LYS A 361 3.28 0.66 20.88
N SER A 362 4.07 1.58 20.34
CA SER A 362 4.80 1.33 19.11
C SER A 362 6.10 0.58 19.34
N THR A 363 6.67 0.65 20.55
CA THR A 363 7.94 -0.02 20.81
C THR A 363 7.80 -1.54 20.75
N GLY A 364 6.68 -2.06 21.26
CA GLY A 364 6.45 -3.49 21.25
C GLY A 364 5.91 -4.00 19.94
N LYS A 365 6.74 -3.99 18.90
CA LYS A 365 6.39 -4.44 17.56
C LYS A 365 5.17 -3.71 17.01
N ILE B 152 13.41 -33.02 63.22
CA ILE B 152 12.59 -34.17 63.59
C ILE B 152 11.11 -33.79 63.54
N ARG B 153 10.53 -33.85 62.34
CA ARG B 153 9.13 -33.52 62.16
C ARG B 153 8.62 -34.21 60.90
N VAL B 154 7.29 -34.28 60.78
CA VAL B 154 6.63 -34.86 59.63
C VAL B 154 6.08 -33.71 58.79
N PHE B 155 6.63 -33.54 57.59
CA PHE B 155 6.19 -32.45 56.72
C PHE B 155 4.81 -32.77 56.15
N ALA B 156 3.95 -31.76 56.17
CA ALA B 156 2.58 -31.88 55.66
C ALA B 156 2.48 -31.02 54.40
N ILE B 157 2.85 -31.61 53.26
CA ILE B 157 2.80 -30.94 51.97
C ILE B 157 1.46 -31.26 51.33
N PRO B 158 0.64 -30.27 50.98
CA PRO B 158 -0.62 -30.55 50.28
C PRO B 158 -0.35 -30.83 48.82
N PRO B 159 -1.11 -31.75 48.21
CA PRO B 159 -0.98 -31.98 46.76
C PRO B 159 -1.27 -30.72 45.95
N SER B 160 -0.24 -30.19 45.31
CA SER B 160 -0.40 -29.01 44.49
C SER B 160 -1.02 -29.36 43.14
N PHE B 161 -1.66 -28.38 42.52
CA PHE B 161 -2.28 -28.59 41.21
C PHE B 161 -1.24 -29.04 40.19
N ALA B 162 -0.01 -28.56 40.34
CA ALA B 162 1.09 -28.98 39.46
C ALA B 162 1.31 -30.48 39.56
N SER B 163 1.36 -31.02 40.79
CA SER B 163 1.57 -32.45 40.93
C SER B 163 0.34 -33.25 40.50
N ILE B 164 -0.87 -32.73 40.78
CA ILE B 164 -2.06 -33.50 40.44
C ILE B 164 -2.24 -33.62 38.93
N PHE B 165 -1.86 -32.60 38.15
CA PHE B 165 -1.85 -32.78 36.70
C PHE B 165 -0.47 -33.09 36.14
N LEU B 166 0.51 -33.36 36.99
CA LEU B 166 1.73 -34.02 36.53
C LEU B 166 1.55 -35.54 36.53
N THR B 167 0.84 -36.06 37.53
CA THR B 167 0.52 -37.48 37.56
C THR B 167 -0.94 -37.76 37.17
N LYS B 168 -1.67 -36.73 36.73
CA LYS B 168 -3.03 -36.83 36.20
C LYS B 168 -4.04 -37.36 37.22
N SER B 169 -3.71 -37.29 38.51
CA SER B 169 -4.64 -37.63 39.57
C SER B 169 -4.16 -36.96 40.85
N THR B 170 -5.08 -36.78 41.80
CA THR B 170 -4.75 -36.21 43.09
C THR B 170 -4.27 -37.33 44.02
N LYS B 171 -3.13 -37.11 44.67
CA LYS B 171 -2.52 -38.10 45.56
C LYS B 171 -2.12 -37.40 46.85
N LEU B 172 -2.91 -37.61 47.91
CA LEU B 172 -2.58 -37.05 49.22
C LEU B 172 -1.32 -37.72 49.77
N THR B 173 -0.45 -36.92 50.36
CA THR B 173 0.87 -37.36 50.77
C THR B 173 1.16 -36.94 52.21
N CYS B 174 1.97 -37.75 52.90
CA CYS B 174 2.56 -37.39 54.18
C CYS B 174 4.02 -37.87 54.17
N LEU B 175 4.91 -36.99 53.75
CA LEU B 175 6.33 -37.30 53.62
C LEU B 175 7.13 -36.62 54.71
N VAL B 176 8.08 -37.34 55.27
CA VAL B 176 8.98 -36.80 56.30
C VAL B 176 10.20 -36.20 55.63
N THR B 177 10.60 -35.02 56.09
CA THR B 177 11.76 -34.33 55.54
C THR B 177 12.90 -34.18 56.53
N ASP B 178 12.72 -34.63 57.77
CA ASP B 178 13.76 -34.53 58.79
C ASP B 178 14.08 -35.84 59.48
N LEU B 179 13.35 -36.91 59.19
CA LEU B 179 13.65 -38.23 59.76
C LEU B 179 14.75 -38.86 58.90
N THR B 180 15.98 -38.85 59.41
CA THR B 180 17.12 -39.21 58.58
C THR B 180 17.41 -40.70 58.60
N THR B 181 17.58 -41.29 59.78
CA THR B 181 18.01 -42.69 59.90
C THR B 181 17.15 -43.38 60.96
N TYR B 182 15.83 -43.21 60.86
CA TYR B 182 14.89 -43.84 61.78
C TYR B 182 14.09 -44.89 60.99
N ASP B 183 14.44 -46.16 61.20
CA ASP B 183 13.80 -47.26 60.50
C ASP B 183 12.60 -47.76 61.30
N SER B 184 12.02 -48.89 60.88
CA SER B 184 10.83 -49.47 61.49
C SER B 184 9.66 -48.48 61.49
N VAL B 185 9.35 -47.97 60.31
CA VAL B 185 8.30 -46.97 60.13
C VAL B 185 7.00 -47.69 59.81
N THR B 186 6.04 -47.61 60.73
CA THR B 186 4.70 -48.18 60.55
C THR B 186 3.72 -47.02 60.46
N ILE B 187 3.53 -46.51 59.24
CA ILE B 187 2.68 -45.35 59.04
C ILE B 187 1.24 -45.82 58.81
N SER B 188 0.30 -44.93 59.12
CA SER B 188 -1.12 -45.24 58.97
C SER B 188 -1.88 -43.95 58.69
N TRP B 189 -3.21 -44.06 58.61
CA TRP B 189 -4.09 -42.93 58.34
C TRP B 189 -5.32 -43.08 59.21
N THR B 190 -5.59 -42.10 60.07
CA THR B 190 -6.75 -42.13 60.96
C THR B 190 -7.41 -40.76 60.96
N ARG B 191 -8.59 -40.67 60.37
CA ARG B 191 -9.40 -39.47 60.48
C ARG B 191 -9.92 -39.34 61.92
N GLN B 192 -10.26 -38.11 62.31
CA GLN B 192 -10.85 -37.87 63.62
C GLN B 192 -12.18 -38.60 63.80
N ASN B 193 -12.87 -38.92 62.70
CA ASN B 193 -14.09 -39.71 62.76
C ASN B 193 -13.84 -41.20 62.65
N GLY B 194 -12.60 -41.62 62.37
CA GLY B 194 -12.26 -43.03 62.32
C GLY B 194 -12.37 -43.67 60.96
N GLU B 195 -11.73 -43.06 59.95
CA GLU B 195 -11.70 -43.61 58.60
C GLU B 195 -10.29 -43.52 58.06
N ALA B 196 -9.81 -44.60 57.46
CA ALA B 196 -8.49 -44.66 56.86
C ALA B 196 -8.60 -44.44 55.35
N VAL B 197 -7.45 -44.45 54.68
CA VAL B 197 -7.44 -44.32 53.22
C VAL B 197 -7.96 -45.61 52.59
N LYS B 198 -8.37 -45.49 51.32
CA LYS B 198 -8.97 -46.61 50.61
C LYS B 198 -7.92 -47.55 50.02
N THR B 199 -7.09 -47.04 49.11
CA THR B 199 -6.02 -47.81 48.49
C THR B 199 -4.71 -47.09 48.72
N HIS B 200 -3.77 -47.76 49.39
CA HIS B 200 -2.48 -47.18 49.76
C HIS B 200 -1.40 -47.98 49.04
N THR B 201 -0.78 -47.38 48.02
CA THR B 201 0.26 -48.04 47.24
C THR B 201 1.40 -47.06 47.02
N ASN B 202 2.33 -47.44 46.13
CA ASN B 202 3.48 -46.62 45.75
C ASN B 202 4.33 -46.26 46.97
N ILE B 203 4.91 -47.29 47.58
CA ILE B 203 5.71 -47.14 48.79
C ILE B 203 7.16 -46.93 48.39
N SER B 204 7.76 -45.86 48.91
CA SER B 204 9.17 -45.56 48.70
C SER B 204 9.97 -45.86 49.97
N GLU B 205 11.28 -46.01 49.79
CA GLU B 205 12.16 -46.39 50.89
C GLU B 205 12.90 -45.20 51.50
N SER B 206 13.66 -44.46 50.69
CA SER B 206 14.47 -43.38 51.21
C SER B 206 14.85 -42.43 50.09
N HIS B 207 15.10 -41.18 50.45
CA HIS B 207 15.61 -40.19 49.51
C HIS B 207 17.04 -40.52 49.11
N PRO B 208 17.51 -40.01 47.97
CA PRO B 208 18.92 -40.18 47.63
C PRO B 208 19.87 -39.55 48.64
N ASN B 209 19.43 -38.52 49.35
CA ASN B 209 20.23 -37.91 50.42
C ASN B 209 20.15 -38.81 51.66
N ALA B 210 20.75 -38.35 52.76
CA ALA B 210 20.75 -39.12 54.01
C ALA B 210 19.50 -38.83 54.82
N THR B 211 18.35 -39.14 54.21
CA THR B 211 17.05 -38.94 54.85
C THR B 211 16.09 -40.01 54.35
N PHE B 212 15.51 -40.78 55.27
CA PHE B 212 14.51 -41.76 54.89
C PHE B 212 13.24 -41.08 54.40
N SER B 213 12.54 -41.75 53.49
CA SER B 213 11.28 -41.26 52.94
C SER B 213 10.19 -42.25 53.29
N ALA B 214 9.17 -41.78 54.01
CA ALA B 214 7.98 -42.55 54.32
C ALA B 214 6.79 -41.87 53.65
N VAL B 215 6.12 -42.59 52.76
CA VAL B 215 5.08 -42.02 51.93
C VAL B 215 3.72 -42.29 52.55
N GLY B 216 2.74 -41.50 52.13
CA GLY B 216 1.35 -41.74 52.47
C GLY B 216 0.51 -41.71 51.21
N GLU B 217 1.09 -42.18 50.11
CA GLU B 217 0.44 -42.11 48.81
C GLU B 217 -0.84 -42.95 48.81
N ALA B 218 -1.92 -42.34 48.31
CA ALA B 218 -3.20 -43.04 48.22
C ALA B 218 -4.00 -42.44 47.08
N SER B 219 -4.73 -43.30 46.37
CA SER B 219 -5.50 -42.86 45.21
C SER B 219 -6.82 -42.25 45.65
N ILE B 220 -7.06 -41.01 45.23
CA ILE B 220 -8.30 -40.30 45.52
C ILE B 220 -8.67 -39.49 44.29
N CYS B 221 -9.97 -39.39 44.03
CA CYS B 221 -10.43 -38.67 42.84
C CYS B 221 -10.32 -37.16 43.04
N GLU B 222 -10.26 -36.44 41.92
CA GLU B 222 -10.05 -35.00 41.96
C GLU B 222 -11.24 -34.25 42.53
N ASP B 223 -12.46 -34.62 42.13
CA ASP B 223 -13.64 -33.96 42.68
C ASP B 223 -13.84 -34.29 44.15
N ASP B 224 -13.44 -35.49 44.57
CA ASP B 224 -13.48 -35.82 45.99
C ASP B 224 -12.44 -35.03 46.77
N TRP B 225 -11.27 -34.80 46.17
CA TRP B 225 -10.28 -33.93 46.78
C TRP B 225 -10.81 -32.51 46.91
N ASN B 226 -11.50 -32.03 45.89
CA ASN B 226 -12.09 -30.70 45.93
C ASN B 226 -13.22 -30.65 46.97
N SER B 227 -13.75 -29.44 47.17
CA SER B 227 -14.75 -29.13 48.19
C SER B 227 -14.32 -29.62 49.57
N GLY B 228 -15.16 -30.41 50.24
CA GLY B 228 -14.88 -30.88 51.57
C GLY B 228 -14.13 -32.20 51.56
N GLU B 229 -12.91 -32.17 52.11
CA GLU B 229 -12.07 -33.36 52.18
C GLU B 229 -10.96 -33.11 53.19
N ARG B 230 -10.91 -33.94 54.23
CA ARG B 230 -9.86 -33.82 55.25
C ARG B 230 -9.34 -35.21 55.61
N PHE B 231 -8.02 -35.33 55.66
CA PHE B 231 -7.36 -36.53 56.15
C PHE B 231 -6.13 -36.13 56.96
N THR B 232 -5.77 -36.97 57.92
CA THR B 232 -4.61 -36.75 58.77
C THR B 232 -3.76 -38.02 58.80
N CYS B 233 -2.46 -37.85 58.57
CA CYS B 233 -1.53 -38.98 58.53
C CYS B 233 -0.96 -39.18 59.93
N THR B 234 -1.52 -40.14 60.67
CA THR B 234 -1.01 -40.47 61.99
C THR B 234 0.37 -41.12 61.89
N VAL B 235 1.20 -40.87 62.89
CA VAL B 235 2.58 -41.36 62.91
C VAL B 235 2.73 -42.19 64.17
N THR B 236 2.55 -43.50 64.05
CA THR B 236 2.80 -44.44 65.14
C THR B 236 4.21 -45.01 64.99
N HIS B 237 5.19 -44.13 65.21
CA HIS B 237 6.59 -44.44 64.97
C HIS B 237 7.35 -44.46 66.28
N THR B 238 8.43 -45.27 66.31
CA THR B 238 9.26 -45.34 67.51
C THR B 238 9.94 -44.01 67.79
N ASP B 239 10.45 -43.35 66.75
CA ASP B 239 11.10 -42.05 66.95
C ASP B 239 10.10 -40.95 67.27
N LEU B 240 8.96 -40.93 66.58
CA LEU B 240 7.93 -39.91 66.79
C LEU B 240 6.63 -40.64 67.07
N PRO B 241 6.33 -40.93 68.33
CA PRO B 241 5.06 -41.58 68.71
C PRO B 241 3.96 -40.56 69.01
N SER B 242 3.54 -39.83 67.98
CA SER B 242 2.52 -38.81 68.15
C SER B 242 1.68 -38.71 66.88
N PRO B 243 0.35 -38.80 66.99
CA PRO B 243 -0.49 -38.64 65.81
C PRO B 243 -0.57 -37.19 65.37
N LEU B 244 0.12 -36.86 64.26
CA LEU B 244 0.16 -35.48 63.78
C LEU B 244 -1.13 -35.14 63.05
N LYS B 245 -1.60 -33.92 63.27
CA LYS B 245 -2.81 -33.41 62.62
C LYS B 245 -2.41 -32.45 61.51
N GLN B 246 -2.89 -32.71 60.31
CA GLN B 246 -2.62 -31.84 59.16
C GLN B 246 -3.94 -31.48 58.48
N THR B 247 -4.07 -30.21 58.11
CA THR B 247 -5.24 -29.73 57.38
C THR B 247 -4.87 -29.62 55.90
N ILE B 248 -4.94 -30.75 55.21
CA ILE B 248 -4.72 -30.79 53.77
C ILE B 248 -6.08 -30.71 53.08
N SER B 249 -6.23 -29.74 52.19
CA SER B 249 -7.52 -29.45 51.58
C SER B 249 -7.30 -28.59 50.35
N ARG B 250 -8.36 -28.47 49.55
CA ARG B 250 -8.41 -27.44 48.53
C ARG B 250 -8.41 -26.08 49.20
N PRO B 251 -7.79 -25.06 48.60
CA PRO B 251 -7.77 -23.72 49.21
C PRO B 251 -9.18 -23.22 49.49
N LYS B 252 -9.31 -22.51 50.61
CA LYS B 252 -10.62 -22.25 51.20
C LYS B 252 -11.43 -21.27 50.35
N GLY B 253 -12.62 -20.93 50.85
CA GLY B 253 -13.61 -20.17 50.12
C GLY B 253 -13.16 -18.83 49.60
N VAL B 254 -13.38 -18.60 48.31
CA VAL B 254 -13.00 -17.35 47.66
C VAL B 254 -13.82 -17.27 46.37
N ALA B 255 -14.10 -16.04 45.93
CA ALA B 255 -14.78 -15.83 44.66
C ALA B 255 -13.95 -16.41 43.52
N LEU B 256 -14.45 -17.47 42.89
CA LEU B 256 -13.67 -18.20 41.89
C LEU B 256 -13.43 -17.31 40.68
N HIS B 257 -12.20 -16.84 40.54
CA HIS B 257 -11.76 -16.00 39.43
C HIS B 257 -10.90 -16.86 38.53
N ARG B 258 -11.39 -17.16 37.33
CA ARG B 258 -10.63 -17.98 36.41
C ARG B 258 -9.35 -17.26 36.02
N PRO B 259 -8.25 -18.00 35.80
CA PRO B 259 -7.00 -17.35 35.39
C PRO B 259 -7.14 -16.69 34.04
N ASP B 260 -7.10 -15.36 34.03
CA ASP B 260 -7.11 -14.59 32.79
C ASP B 260 -5.76 -14.78 32.13
N VAL B 261 -5.70 -15.66 31.14
CA VAL B 261 -4.42 -16.05 30.53
C VAL B 261 -4.16 -15.14 29.34
N TYR B 262 -2.94 -14.59 29.28
CA TYR B 262 -2.47 -13.70 28.22
C TYR B 262 -1.08 -14.17 27.83
N LEU B 263 -1.00 -15.12 26.90
CA LEU B 263 0.29 -15.67 26.51
C LEU B 263 1.08 -14.62 25.74
N LEU B 264 2.13 -14.07 26.36
CA LEU B 264 2.87 -12.97 25.78
C LEU B 264 3.92 -13.49 24.80
N PRO B 265 3.91 -13.06 23.54
CA PRO B 265 5.05 -13.33 22.68
C PRO B 265 6.27 -12.60 23.20
N PRO B 266 7.47 -13.13 22.98
CA PRO B 266 8.68 -12.45 23.45
C PRO B 266 8.87 -11.10 22.78
N ALA B 267 9.47 -10.18 23.51
CA ALA B 267 9.64 -8.82 23.03
C ALA B 267 10.60 -8.78 21.84
N ARG B 268 10.66 -7.61 21.20
CA ARG B 268 11.52 -7.44 20.03
C ARG B 268 13.00 -7.54 20.39
N GLU B 269 13.35 -7.44 21.68
CA GLU B 269 14.73 -7.58 22.10
C GLU B 269 15.26 -8.98 21.88
N GLN B 270 14.38 -9.98 21.78
CA GLN B 270 14.82 -11.31 21.36
C GLN B 270 15.21 -11.32 19.89
N LEU B 271 14.43 -10.62 19.07
CA LEU B 271 14.74 -10.55 17.64
C LEU B 271 16.01 -9.75 17.39
N ASN B 272 16.26 -8.72 18.20
CA ASN B 272 17.45 -7.89 18.01
C ASN B 272 18.73 -8.66 18.32
N LEU B 273 18.72 -9.47 19.38
CA LEU B 273 19.94 -10.10 19.86
C LEU B 273 20.22 -11.46 19.23
N ARG B 274 19.17 -12.19 18.83
CA ARG B 274 19.29 -13.41 18.03
C ARG B 274 20.05 -14.53 18.75
N GLU B 275 19.64 -14.83 19.99
CA GLU B 275 20.07 -16.08 20.61
C GLU B 275 18.94 -16.85 21.29
N SER B 276 17.81 -16.23 21.60
CA SER B 276 16.76 -16.89 22.35
C SER B 276 15.44 -16.20 22.04
N ALA B 277 14.36 -16.81 22.50
CA ALA B 277 13.01 -16.25 22.37
C ALA B 277 12.24 -16.64 23.61
N THR B 278 12.22 -15.75 24.60
CA THR B 278 11.68 -16.06 25.93
C THR B 278 10.17 -15.89 25.91
N ILE B 279 9.48 -16.95 25.48
CA ILE B 279 8.02 -16.97 25.48
C ILE B 279 7.55 -17.13 26.91
N THR B 280 7.01 -16.07 27.50
CA THR B 280 6.43 -16.13 28.82
C THR B 280 4.91 -16.24 28.72
N CYS B 281 4.33 -17.07 29.57
CA CYS B 281 2.89 -17.31 29.56
C CYS B 281 2.28 -16.55 30.73
N LEU B 282 2.13 -15.23 30.54
CA LEU B 282 1.51 -14.35 31.51
C LEU B 282 0.11 -14.79 31.89
N VAL B 283 -0.08 -15.18 33.14
CA VAL B 283 -1.41 -15.50 33.67
C VAL B 283 -1.66 -14.59 34.86
N THR B 284 -2.80 -13.90 34.84
CA THR B 284 -3.17 -12.93 35.87
C THR B 284 -4.59 -13.19 36.34
N GLY B 285 -4.89 -12.69 37.54
CA GLY B 285 -6.25 -12.69 38.04
C GLY B 285 -6.87 -14.05 38.32
N PHE B 286 -6.21 -14.88 39.11
CA PHE B 286 -6.77 -16.15 39.56
C PHE B 286 -6.75 -16.18 41.08
N SER B 287 -7.92 -16.36 41.69
CA SER B 287 -8.04 -16.36 43.14
C SER B 287 -7.31 -17.53 43.83
N PRO B 288 -7.39 -18.78 43.37
CA PRO B 288 -6.56 -19.81 43.99
C PRO B 288 -5.09 -19.62 43.63
N ALA B 289 -4.22 -20.13 44.51
CA ALA B 289 -2.81 -19.76 44.44
C ALA B 289 -2.10 -20.42 43.27
N ASP B 290 -1.99 -21.76 43.30
CA ASP B 290 -1.07 -22.47 42.42
C ASP B 290 -1.72 -22.80 41.09
N VAL B 291 -0.97 -22.57 40.01
CA VAL B 291 -1.36 -22.95 38.65
C VAL B 291 -0.34 -23.95 38.12
N PHE B 292 -0.79 -24.80 37.20
CA PHE B 292 0.08 -25.71 36.46
C PHE B 292 0.11 -25.26 35.01
N VAL B 293 1.07 -24.41 34.68
CA VAL B 293 1.20 -23.88 33.32
C VAL B 293 2.24 -24.72 32.57
N GLN B 294 1.81 -25.89 32.12
CA GLN B 294 2.63 -26.72 31.25
C GLN B 294 2.30 -26.37 29.80
N TRP B 295 3.03 -26.98 28.87
CA TRP B 295 2.96 -26.59 27.47
C TRP B 295 2.65 -27.80 26.59
N MET B 296 2.30 -27.52 25.34
CA MET B 296 2.02 -28.55 24.35
C MET B 296 2.67 -28.15 23.03
N GLN B 297 3.80 -28.78 22.71
CA GLN B 297 4.45 -28.63 21.42
C GLN B 297 3.66 -29.46 20.41
N ARG B 298 2.74 -28.79 19.70
CA ARG B 298 1.83 -29.45 18.75
C ARG B 298 1.06 -30.59 19.40
N GLY B 299 0.66 -30.39 20.65
CA GLY B 299 -0.05 -31.40 21.41
C GLY B 299 0.83 -32.35 22.20
N GLN B 300 2.15 -32.26 22.05
CA GLN B 300 3.07 -33.11 22.80
C GLN B 300 3.59 -32.36 24.01
N PRO B 301 3.29 -32.80 25.23
CA PRO B 301 3.72 -32.04 26.41
C PRO B 301 5.23 -31.91 26.51
N LEU B 302 5.67 -30.72 26.92
CA LEU B 302 7.08 -30.47 27.17
C LEU B 302 7.48 -31.00 28.53
N SER B 303 8.78 -31.26 28.68
CA SER B 303 9.31 -31.78 29.94
C SER B 303 9.17 -30.73 31.04
N PRO B 304 8.97 -31.17 32.29
CA PRO B 304 8.78 -30.20 33.38
C PRO B 304 9.99 -29.31 33.64
N GLU B 305 11.19 -29.71 33.22
CA GLU B 305 12.35 -28.84 33.35
C GLU B 305 12.57 -27.94 32.14
N LYS B 306 11.88 -28.20 31.03
CA LYS B 306 11.99 -27.31 29.87
C LYS B 306 11.31 -25.97 30.15
N TYR B 307 10.13 -26.00 30.78
CA TYR B 307 9.46 -24.79 31.22
C TYR B 307 9.66 -24.62 32.72
N VAL B 308 9.73 -23.36 33.14
CA VAL B 308 9.76 -23.01 34.55
C VAL B 308 8.66 -21.99 34.80
N THR B 309 7.99 -22.11 35.94
CA THR B 309 6.86 -21.26 36.28
C THR B 309 7.21 -20.39 37.49
N SER B 310 6.87 -19.11 37.39
CA SER B 310 7.02 -18.21 38.54
C SER B 310 6.02 -18.60 39.62
N ALA B 311 6.52 -18.84 40.83
CA ALA B 311 5.64 -19.19 41.93
C ALA B 311 4.70 -18.01 42.21
N PRO B 312 3.38 -18.25 42.29
CA PRO B 312 2.43 -17.14 42.33
C PRO B 312 2.49 -16.31 43.61
N MET B 313 3.06 -15.07 43.50
CA MET B 313 3.07 -13.96 44.45
C MET B 313 1.90 -13.02 44.15
N PRO B 314 1.41 -12.28 45.15
CA PRO B 314 0.13 -11.58 44.98
C PRO B 314 0.13 -10.53 43.89
N GLU B 315 -1.05 -10.36 43.28
CA GLU B 315 -1.27 -9.33 42.27
C GLU B 315 -1.08 -7.95 42.90
N PRO B 316 -0.40 -7.02 42.23
CA PRO B 316 -0.20 -5.69 42.83
C PRO B 316 -1.46 -4.85 42.91
N GLN B 317 -2.53 -5.22 42.20
CA GLN B 317 -3.78 -4.47 42.31
C GLN B 317 -4.70 -5.06 43.38
N ALA B 318 -5.09 -6.33 43.22
CA ALA B 318 -5.98 -7.00 44.17
C ALA B 318 -5.24 -8.14 44.84
N PRO B 319 -5.03 -8.09 46.16
CA PRO B 319 -4.30 -9.17 46.83
C PRO B 319 -5.02 -10.52 46.78
N GLY B 320 -6.36 -10.51 46.63
CA GLY B 320 -7.08 -11.77 46.54
C GLY B 320 -6.69 -12.57 45.30
N ARG B 321 -6.63 -11.91 44.16
CA ARG B 321 -6.15 -12.55 42.93
C ARG B 321 -4.63 -12.53 42.89
N TYR B 322 -4.08 -13.43 42.08
CA TYR B 322 -2.64 -13.63 41.97
C TYR B 322 -2.17 -13.37 40.54
N PHE B 323 -0.91 -13.69 40.29
CA PHE B 323 -0.39 -13.77 38.93
C PHE B 323 0.79 -14.74 38.95
N ALA B 324 1.11 -15.27 37.77
CA ALA B 324 2.24 -16.19 37.60
C ALA B 324 2.80 -16.00 36.20
N HIS B 325 3.83 -16.80 35.89
CA HIS B 325 4.52 -16.69 34.61
C HIS B 325 4.99 -18.09 34.21
N SER B 326 5.38 -18.21 32.95
CA SER B 326 6.06 -19.42 32.49
C SER B 326 6.94 -19.05 31.30
N ILE B 327 8.21 -18.76 31.55
CA ILE B 327 9.12 -18.37 30.49
C ILE B 327 9.65 -19.63 29.80
N LEU B 328 10.12 -19.47 28.57
CA LEU B 328 10.71 -20.55 27.80
C LEU B 328 12.00 -20.05 27.17
N THR B 329 13.14 -20.55 27.65
CA THR B 329 14.44 -20.16 27.13
C THR B 329 14.80 -21.05 25.96
N VAL B 330 13.89 -21.10 24.99
CA VAL B 330 14.07 -21.84 23.76
C VAL B 330 14.95 -21.00 22.84
N SER B 331 15.44 -21.63 21.77
CA SER B 331 16.26 -20.90 20.81
C SER B 331 15.42 -19.87 20.06
N GLU B 332 16.11 -18.84 19.54
CA GLU B 332 15.41 -17.80 18.80
C GLU B 332 14.77 -18.36 17.54
N GLU B 333 15.45 -19.28 16.86
CA GLU B 333 14.89 -19.89 15.65
C GLU B 333 13.67 -20.76 15.97
N GLU B 334 13.61 -21.32 17.17
CA GLU B 334 12.50 -22.19 17.55
C GLU B 334 11.17 -21.44 17.53
N TRP B 335 11.16 -20.18 17.96
CA TRP B 335 9.99 -19.33 17.82
C TRP B 335 9.96 -18.59 16.49
N ASN B 336 11.12 -18.40 15.85
CA ASN B 336 11.14 -17.74 14.54
C ASN B 336 10.47 -18.60 13.47
N THR B 337 10.49 -19.92 13.63
CA THR B 337 9.75 -20.78 12.70
C THR B 337 8.25 -20.62 12.83
N GLY B 338 7.76 -20.08 13.95
CA GLY B 338 6.36 -19.73 14.08
C GLY B 338 5.37 -20.87 14.12
N GLU B 339 5.70 -21.97 14.80
CA GLU B 339 4.72 -23.03 14.98
C GLU B 339 3.71 -22.63 16.04
N THR B 340 2.55 -23.27 16.00
CA THR B 340 1.60 -23.10 17.09
C THR B 340 2.22 -23.62 18.37
N TYR B 341 2.09 -22.84 19.44
CA TYR B 341 2.95 -23.01 20.60
C TYR B 341 2.18 -22.55 21.83
N THR B 342 1.56 -23.49 22.53
CA THR B 342 0.54 -23.16 23.51
C THR B 342 0.98 -23.56 24.91
N CYS B 343 0.58 -22.74 25.89
CA CYS B 343 0.74 -23.04 27.31
C CYS B 343 -0.63 -23.42 27.84
N VAL B 344 -0.85 -24.72 28.05
CA VAL B 344 -2.11 -25.19 28.61
C VAL B 344 -2.14 -24.89 30.10
N VAL B 345 -2.81 -23.78 30.46
CA VAL B 345 -2.86 -23.33 31.84
C VAL B 345 -3.90 -24.15 32.58
N ALA B 346 -3.44 -25.20 33.26
CA ALA B 346 -4.33 -26.04 34.04
C ALA B 346 -4.60 -25.40 35.40
N HIS B 347 -5.87 -25.10 35.66
CA HIS B 347 -6.25 -24.46 36.91
C HIS B 347 -7.72 -24.78 37.23
N GLU B 348 -7.99 -25.05 38.51
CA GLU B 348 -9.34 -25.40 38.94
C GLU B 348 -10.31 -24.23 38.82
N ALA B 349 -9.81 -23.00 38.78
CA ALA B 349 -10.70 -21.84 38.71
C ALA B 349 -11.36 -21.70 37.34
N LEU B 350 -10.87 -22.39 36.33
CA LEU B 350 -11.52 -22.44 35.03
C LEU B 350 -12.67 -23.43 35.05
N PRO B 351 -13.75 -23.15 34.29
CA PRO B 351 -14.82 -24.15 34.17
C PRO B 351 -14.36 -25.45 33.53
N ASN B 352 -13.38 -25.39 32.63
CA ASN B 352 -12.90 -26.57 31.93
C ASN B 352 -11.66 -27.18 32.58
N ARG B 353 -11.12 -26.52 33.61
CA ARG B 353 -9.95 -26.93 34.38
C ARG B 353 -8.65 -26.83 33.56
N VAL B 354 -8.77 -26.55 32.26
CA VAL B 354 -7.64 -26.39 31.36
C VAL B 354 -8.03 -25.39 30.27
N THR B 355 -7.28 -24.30 30.16
CA THR B 355 -7.43 -23.33 29.08
C THR B 355 -6.10 -23.21 28.35
N GLU B 356 -6.12 -22.56 27.18
CA GLU B 356 -4.87 -22.38 26.45
C GLU B 356 -4.98 -21.18 25.51
N ARG B 357 -3.82 -20.63 25.17
CA ARG B 357 -3.67 -19.68 24.07
C ARG B 357 -2.42 -20.05 23.30
N THR B 358 -2.37 -19.63 22.04
CA THR B 358 -1.26 -19.97 21.15
C THR B 358 -0.54 -18.70 20.70
N VAL B 359 0.76 -18.83 20.48
CA VAL B 359 1.59 -17.72 20.04
C VAL B 359 2.29 -18.11 18.74
N ASP B 360 2.23 -17.23 17.75
CA ASP B 360 3.02 -17.34 16.53
C ASP B 360 3.75 -16.03 16.30
N LYS B 361 4.76 -16.06 15.45
CA LYS B 361 5.48 -14.83 15.10
C LYS B 361 4.56 -13.85 14.40
N SER B 362 3.68 -14.34 13.52
CA SER B 362 2.73 -13.49 12.83
C SER B 362 1.47 -13.23 13.62
N THR B 363 1.14 -14.09 14.58
CA THR B 363 -0.05 -13.86 15.41
C THR B 363 0.10 -12.63 16.28
N GLY B 364 1.28 -12.44 16.87
CA GLY B 364 1.50 -11.27 17.69
C GLY B 364 1.96 -10.07 16.87
N LYS B 365 1.00 -9.22 16.52
CA LYS B 365 1.23 -8.02 15.71
C LYS B 365 2.00 -8.32 14.42
N ILE C 152 -41.03 -54.03 27.78
CA ILE C 152 -40.63 -54.27 29.16
C ILE C 152 -39.18 -54.72 29.20
N ARG C 153 -38.26 -53.75 29.20
CA ARG C 153 -36.83 -54.04 29.22
C ARG C 153 -36.11 -52.92 29.95
N VAL C 154 -35.12 -53.29 30.76
CA VAL C 154 -34.33 -52.32 31.50
C VAL C 154 -33.28 -51.75 30.55
N PHE C 155 -33.43 -50.47 30.21
CA PHE C 155 -32.49 -49.81 29.31
C PHE C 155 -31.13 -49.67 29.98
N ALA C 156 -30.08 -49.95 29.21
CA ALA C 156 -28.71 -49.83 29.69
C ALA C 156 -28.12 -48.52 29.16
N ILE C 157 -27.60 -47.70 30.07
CA ILE C 157 -27.04 -46.41 29.73
C ILE C 157 -25.57 -46.41 30.11
N PRO C 158 -24.67 -46.66 29.15
CA PRO C 158 -23.25 -46.49 29.42
C PRO C 158 -22.93 -45.02 29.61
N PRO C 159 -21.88 -44.69 30.38
CA PRO C 159 -21.55 -43.28 30.60
C PRO C 159 -20.97 -42.64 29.36
N SER C 160 -21.79 -41.83 28.67
CA SER C 160 -21.28 -41.05 27.56
C SER C 160 -20.40 -39.93 28.09
N PHE C 161 -19.34 -39.62 27.33
CA PHE C 161 -18.42 -38.59 27.80
C PHE C 161 -19.11 -37.25 27.93
N ALA C 162 -20.16 -37.02 27.13
CA ALA C 162 -20.97 -35.81 27.26
C ALA C 162 -21.61 -35.73 28.64
N SER C 163 -22.23 -36.81 29.10
CA SER C 163 -22.86 -36.78 30.42
C SER C 163 -21.82 -36.72 31.53
N ILE C 164 -20.69 -37.41 31.37
CA ILE C 164 -19.70 -37.41 32.45
C ILE C 164 -19.04 -36.04 32.57
N PHE C 165 -18.89 -35.30 31.46
CA PHE C 165 -18.37 -33.95 31.56
C PHE C 165 -19.45 -32.93 31.87
N LEU C 166 -20.73 -33.29 31.71
CA LEU C 166 -21.79 -32.42 32.21
C LEU C 166 -21.90 -32.48 33.72
N THR C 167 -21.74 -33.68 34.31
CA THR C 167 -21.89 -33.85 35.75
C THR C 167 -20.56 -34.03 36.47
N LYS C 168 -19.43 -33.83 35.80
CA LYS C 168 -18.08 -33.87 36.37
C LYS C 168 -17.71 -35.23 36.95
N SER C 169 -18.46 -36.28 36.63
CA SER C 169 -18.16 -37.61 37.15
C SER C 169 -18.70 -38.66 36.19
N THR C 170 -17.99 -39.78 36.10
CA THR C 170 -18.50 -40.90 35.30
C THR C 170 -19.73 -41.48 35.96
N LYS C 171 -20.71 -41.88 35.14
CA LYS C 171 -22.04 -42.26 35.63
C LYS C 171 -22.55 -43.44 34.82
N LEU C 172 -22.36 -44.64 35.33
CA LEU C 172 -22.94 -45.84 34.75
C LEU C 172 -24.20 -46.19 35.54
N THR C 173 -25.34 -46.25 34.85
CA THR C 173 -26.63 -46.41 35.47
C THR C 173 -27.44 -47.45 34.71
N CYS C 174 -28.61 -47.80 35.27
CA CYS C 174 -29.59 -48.64 34.60
C CYS C 174 -30.97 -48.02 34.82
N LEU C 175 -31.34 -47.07 33.96
CA LEU C 175 -32.66 -46.46 34.00
C LEU C 175 -33.62 -47.24 33.11
N VAL C 176 -34.81 -47.49 33.63
CA VAL C 176 -35.86 -48.17 32.88
C VAL C 176 -36.60 -47.17 32.02
N THR C 177 -36.98 -47.58 30.82
CA THR C 177 -37.63 -46.71 29.85
C THR C 177 -39.05 -47.14 29.53
N ASP C 178 -39.25 -48.41 29.17
CA ASP C 178 -40.57 -48.91 28.80
C ASP C 178 -41.32 -49.51 29.99
N LEU C 179 -40.69 -49.57 31.17
CA LEU C 179 -41.33 -50.14 32.35
C LEU C 179 -42.49 -49.25 32.80
N THR C 180 -43.69 -49.82 32.78
CA THR C 180 -44.90 -49.09 33.14
C THR C 180 -45.09 -49.14 34.66
N THR C 181 -46.29 -48.78 35.12
CA THR C 181 -46.57 -48.65 36.55
C THR C 181 -46.60 -50.02 37.20
N TYR C 182 -45.55 -50.33 37.96
CA TYR C 182 -45.50 -51.51 38.83
C TYR C 182 -44.97 -51.07 40.19
N ASP C 183 -45.83 -51.11 41.20
CA ASP C 183 -45.45 -50.63 42.52
C ASP C 183 -44.44 -51.58 43.17
N SER C 184 -43.85 -51.12 44.27
CA SER C 184 -42.82 -51.84 45.01
C SER C 184 -41.62 -52.16 44.11
N VAL C 185 -40.98 -51.10 43.63
CA VAL C 185 -39.84 -51.23 42.73
C VAL C 185 -38.61 -51.64 43.55
N THR C 186 -38.08 -52.82 43.27
CA THR C 186 -36.90 -53.35 43.95
C THR C 186 -35.88 -53.73 42.88
N ILE C 187 -34.99 -52.78 42.57
CA ILE C 187 -33.93 -52.99 41.58
C ILE C 187 -32.59 -52.87 42.29
N SER C 188 -31.71 -53.84 42.06
CA SER C 188 -30.42 -53.91 42.73
C SER C 188 -29.30 -53.54 41.78
N TRP C 189 -28.18 -53.12 42.36
CA TRP C 189 -26.97 -52.73 41.64
C TRP C 189 -25.82 -53.60 42.15
N THR C 190 -25.73 -54.81 41.60
CA THR C 190 -24.68 -55.78 41.95
C THR C 190 -24.17 -56.45 40.69
N ARG C 191 -22.91 -56.88 40.74
CA ARG C 191 -22.30 -57.57 39.61
C ARG C 191 -22.65 -59.06 39.68
N GLN C 192 -21.98 -59.87 38.85
CA GLN C 192 -22.22 -61.31 38.83
C GLN C 192 -21.75 -61.99 40.12
N ASN C 193 -20.88 -61.34 40.88
CA ASN C 193 -20.40 -61.88 42.15
C ASN C 193 -21.15 -61.32 43.35
N GLY C 194 -21.51 -60.03 43.32
CA GLY C 194 -22.22 -59.42 44.42
C GLY C 194 -21.40 -58.40 45.17
N GLU C 195 -21.64 -57.13 44.92
CA GLU C 195 -20.89 -56.05 45.57
C GLU C 195 -21.82 -54.86 45.78
N ALA C 196 -21.53 -54.07 46.81
CA ALA C 196 -22.34 -52.91 47.14
C ALA C 196 -22.15 -51.81 46.09
N VAL C 197 -22.91 -50.74 46.24
CA VAL C 197 -22.91 -49.65 45.27
C VAL C 197 -21.78 -48.68 45.59
N LYS C 198 -21.10 -48.19 44.56
CA LYS C 198 -20.01 -47.23 44.71
C LYS C 198 -20.60 -45.85 44.94
N THR C 199 -20.90 -45.54 46.21
CA THR C 199 -21.34 -44.22 46.67
C THR C 199 -22.56 -43.71 45.90
N HIS C 200 -23.68 -44.41 46.13
CA HIS C 200 -24.95 -44.01 45.53
C HIS C 200 -25.36 -42.63 46.02
N THR C 201 -25.81 -41.79 45.08
CA THR C 201 -26.17 -40.42 45.38
C THR C 201 -27.08 -39.91 44.26
N ASN C 202 -27.67 -38.73 44.49
CA ASN C 202 -28.53 -38.04 43.52
C ASN C 202 -29.73 -38.92 43.12
N ILE C 203 -30.58 -39.17 44.10
CA ILE C 203 -31.81 -39.92 43.86
C ILE C 203 -32.80 -39.02 43.12
N SER C 204 -33.30 -39.50 41.99
CA SER C 204 -34.26 -38.76 41.18
C SER C 204 -35.65 -39.36 41.36
N GLU C 205 -36.65 -38.49 41.43
CA GLU C 205 -38.03 -38.94 41.59
C GLU C 205 -38.51 -39.67 40.34
N SER C 206 -39.40 -40.64 40.55
CA SER C 206 -39.96 -41.44 39.44
C SER C 206 -41.20 -40.73 38.92
N HIS C 207 -41.06 -40.10 37.76
CA HIS C 207 -42.20 -39.43 37.14
C HIS C 207 -43.19 -40.47 36.62
N PRO C 208 -44.47 -40.40 37.02
CA PRO C 208 -45.41 -41.49 36.70
C PRO C 208 -45.97 -41.42 35.29
N ASN C 209 -45.33 -40.68 34.39
CA ASN C 209 -45.84 -40.49 33.02
C ASN C 209 -45.46 -41.70 32.17
N ALA C 210 -46.16 -42.81 32.43
CA ALA C 210 -46.06 -44.06 31.67
C ALA C 210 -44.64 -44.64 31.66
N THR C 211 -43.84 -44.31 32.66
CA THR C 211 -42.47 -44.82 32.75
C THR C 211 -42.00 -44.66 34.19
N PHE C 212 -40.90 -45.32 34.51
CA PHE C 212 -40.25 -45.20 35.81
C PHE C 212 -38.84 -44.67 35.65
N SER C 213 -38.24 -44.31 36.79
CA SER C 213 -36.87 -43.80 36.85
C SER C 213 -36.14 -44.62 37.91
N ALA C 214 -35.62 -45.77 37.52
CA ALA C 214 -34.89 -46.64 38.43
C ALA C 214 -33.51 -46.03 38.69
N VAL C 215 -33.31 -45.53 39.91
CA VAL C 215 -32.10 -44.78 40.21
C VAL C 215 -30.89 -45.71 40.22
N GLY C 216 -29.84 -45.29 39.51
CA GLY C 216 -28.59 -46.01 39.49
C GLY C 216 -27.40 -45.08 39.46
N GLU C 217 -27.66 -43.80 39.77
CA GLU C 217 -26.63 -42.78 39.71
C GLU C 217 -25.60 -42.99 40.80
N ALA C 218 -24.32 -42.81 40.45
CA ALA C 218 -23.23 -42.98 41.39
C ALA C 218 -22.01 -42.22 40.88
N SER C 219 -21.21 -41.72 41.83
CA SER C 219 -19.97 -41.02 41.52
C SER C 219 -18.80 -41.97 41.68
N ILE C 220 -18.00 -42.10 40.63
CA ILE C 220 -16.91 -43.07 40.58
C ILE C 220 -15.65 -42.35 40.11
N CYS C 221 -14.51 -42.71 40.69
CA CYS C 221 -13.24 -42.13 40.28
C CYS C 221 -12.95 -42.44 38.82
N GLU C 222 -12.43 -41.44 38.11
CA GLU C 222 -12.14 -41.61 36.69
C GLU C 222 -11.04 -42.62 36.44
N ASP C 223 -10.04 -42.68 37.33
CA ASP C 223 -8.98 -43.68 37.19
C ASP C 223 -9.54 -45.09 37.34
N ASP C 224 -10.43 -45.30 38.31
CA ASP C 224 -11.04 -46.60 38.48
C ASP C 224 -11.99 -46.93 37.32
N TRP C 225 -12.62 -45.90 36.73
CA TRP C 225 -13.43 -46.15 35.54
C TRP C 225 -12.57 -46.56 34.35
N ASN C 226 -11.43 -45.92 34.16
CA ASN C 226 -10.53 -46.28 33.08
C ASN C 226 -9.74 -47.56 33.36
N SER C 227 -9.76 -48.06 34.59
CA SER C 227 -9.14 -49.36 34.85
C SER C 227 -9.91 -50.49 34.16
N GLY C 228 -11.18 -50.28 33.86
CA GLY C 228 -11.95 -51.23 33.10
C GLY C 228 -12.48 -52.41 33.91
N GLU C 229 -13.36 -52.13 34.87
CA GLU C 229 -13.97 -53.19 35.66
C GLU C 229 -15.33 -53.58 35.07
N ARG C 230 -15.63 -54.87 35.14
CA ARG C 230 -16.89 -55.41 34.64
C ARG C 230 -17.96 -55.32 35.72
N PHE C 231 -19.10 -54.73 35.38
CA PHE C 231 -20.19 -54.60 36.33
C PHE C 231 -21.51 -54.65 35.55
N THR C 232 -22.58 -55.06 36.25
CA THR C 232 -23.88 -55.23 35.62
C THR C 232 -24.97 -54.75 36.57
N CYS C 233 -26.15 -54.51 36.00
CA CYS C 233 -27.35 -54.15 36.76
C CYS C 233 -28.33 -55.31 36.67
N THR C 234 -28.23 -56.23 37.62
CA THR C 234 -29.19 -57.34 37.69
C THR C 234 -30.56 -56.83 38.09
N VAL C 235 -31.59 -57.52 37.63
CA VAL C 235 -32.97 -57.10 37.84
C VAL C 235 -33.60 -58.07 38.83
N THR C 236 -33.97 -57.55 40.00
CA THR C 236 -34.68 -58.32 41.02
C THR C 236 -36.11 -57.81 41.22
N HIS C 237 -36.65 -57.10 40.23
CA HIS C 237 -38.01 -56.59 40.31
C HIS C 237 -39.02 -57.74 40.26
N THR C 238 -40.22 -57.46 40.79
CA THR C 238 -41.27 -58.46 40.78
C THR C 238 -41.71 -58.79 39.35
N ASP C 239 -41.77 -57.77 38.49
CA ASP C 239 -42.14 -58.00 37.09
C ASP C 239 -41.08 -58.82 36.37
N LEU C 240 -39.80 -58.50 36.57
CA LEU C 240 -38.70 -59.19 35.91
C LEU C 240 -37.77 -59.80 36.96
N PRO C 241 -37.94 -61.09 37.29
CA PRO C 241 -37.03 -61.71 38.25
C PRO C 241 -35.72 -62.18 37.65
N SER C 242 -35.68 -62.49 36.35
CA SER C 242 -34.46 -62.96 35.74
C SER C 242 -33.44 -61.81 35.63
N PRO C 243 -32.17 -62.08 35.92
CA PRO C 243 -31.15 -61.03 35.78
C PRO C 243 -30.92 -60.65 34.33
N LEU C 244 -30.51 -59.41 34.12
CA LEU C 244 -30.19 -58.88 32.80
C LEU C 244 -28.72 -58.54 32.75
N LYS C 245 -28.05 -58.98 31.68
CA LYS C 245 -26.61 -58.76 31.52
C LYS C 245 -26.40 -57.40 30.86
N GLN C 246 -25.94 -56.43 31.65
CA GLN C 246 -25.63 -55.09 31.18
C GLN C 246 -24.15 -54.84 31.44
N THR C 247 -23.31 -55.26 30.49
CA THR C 247 -21.86 -55.06 30.60
C THR C 247 -21.55 -53.62 30.23
N ILE C 248 -21.30 -52.78 31.22
CA ILE C 248 -21.14 -51.34 31.03
C ILE C 248 -19.71 -50.99 31.37
N SER C 249 -18.91 -50.75 30.33
CA SER C 249 -17.53 -50.31 30.45
C SER C 249 -17.11 -49.72 29.12
N ARG C 250 -16.05 -48.93 29.13
CA ARG C 250 -15.55 -48.36 27.89
C ARG C 250 -15.04 -49.48 26.98
N PRO C 251 -15.22 -49.36 25.66
CA PRO C 251 -14.78 -50.43 24.74
C PRO C 251 -13.27 -50.57 24.76
N LYS C 252 -12.81 -51.73 25.22
CA LYS C 252 -11.37 -52.00 25.27
C LYS C 252 -10.85 -52.31 23.86
N GLY C 253 -9.55 -52.54 23.77
CA GLY C 253 -8.91 -52.71 22.48
C GLY C 253 -8.96 -51.45 21.64
N VAL C 254 -8.83 -50.30 22.27
CA VAL C 254 -8.93 -49.01 21.60
C VAL C 254 -7.62 -48.24 21.80
N ALA C 255 -7.19 -47.55 20.75
CA ALA C 255 -6.02 -46.68 20.82
C ALA C 255 -6.48 -45.26 21.05
N LEU C 256 -5.99 -44.63 22.12
CA LEU C 256 -6.40 -43.28 22.48
C LEU C 256 -5.84 -42.29 21.46
N HIS C 257 -6.69 -41.84 20.53
CA HIS C 257 -6.32 -40.86 19.52
C HIS C 257 -7.04 -39.56 19.83
N ARG C 258 -6.27 -38.49 20.01
CA ARG C 258 -6.85 -37.22 20.40
C ARG C 258 -7.73 -36.66 19.29
N PRO C 259 -8.78 -35.93 19.62
CA PRO C 259 -9.57 -35.24 18.59
C PRO C 259 -8.78 -34.13 17.93
N ASP C 260 -8.47 -34.29 16.65
CA ASP C 260 -7.91 -33.19 15.87
C ASP C 260 -9.03 -32.18 15.64
N VAL C 261 -9.04 -31.12 16.43
CA VAL C 261 -10.17 -30.20 16.53
C VAL C 261 -9.94 -29.02 15.61
N TYR C 262 -10.92 -28.76 14.73
CA TYR C 262 -10.86 -27.66 13.78
C TYR C 262 -12.10 -26.81 13.96
N LEU C 263 -11.91 -25.58 14.43
CA LEU C 263 -13.02 -24.64 14.61
C LEU C 263 -13.16 -23.80 13.35
N LEU C 264 -14.37 -23.80 12.79
CA LEU C 264 -14.62 -23.24 11.47
C LEU C 264 -15.48 -21.98 11.59
N PRO C 265 -14.96 -20.80 11.26
CA PRO C 265 -15.83 -19.63 11.16
C PRO C 265 -16.79 -19.79 9.98
N PRO C 266 -17.93 -19.12 10.02
CA PRO C 266 -18.89 -19.25 8.91
C PRO C 266 -18.36 -18.61 7.64
N ALA C 267 -18.89 -19.07 6.52
CA ALA C 267 -18.44 -18.64 5.20
C ALA C 267 -19.13 -17.33 4.82
N ARG C 268 -18.93 -16.94 3.55
CA ARG C 268 -19.53 -15.73 3.00
C ARG C 268 -21.05 -15.83 2.90
N GLU C 269 -21.60 -17.03 2.99
CA GLU C 269 -23.04 -17.23 2.80
C GLU C 269 -23.86 -16.67 3.95
N GLN C 270 -23.25 -16.48 5.12
CA GLN C 270 -23.91 -15.74 6.19
C GLN C 270 -23.54 -14.26 6.17
N LEU C 271 -22.44 -13.90 5.50
CA LEU C 271 -22.07 -12.50 5.33
C LEU C 271 -22.95 -11.80 4.30
N ASN C 272 -23.53 -12.54 3.36
CA ASN C 272 -24.44 -11.97 2.38
C ASN C 272 -25.91 -12.11 2.76
N LEU C 273 -26.21 -12.75 3.89
CA LEU C 273 -27.59 -12.86 4.36
C LEU C 273 -27.85 -12.07 5.63
N ARG C 274 -26.90 -12.07 6.57
CA ARG C 274 -27.01 -11.32 7.83
C ARG C 274 -28.26 -11.70 8.62
N GLU C 275 -28.43 -13.00 8.83
CA GLU C 275 -29.49 -13.53 9.67
C GLU C 275 -28.96 -14.32 10.85
N SER C 276 -27.94 -15.14 10.64
CA SER C 276 -27.33 -15.89 11.73
C SER C 276 -25.93 -16.32 11.29
N ALA C 277 -25.10 -16.63 12.29
CA ALA C 277 -23.75 -17.14 12.06
C ALA C 277 -23.63 -18.47 12.78
N THR C 278 -23.85 -19.57 12.05
CA THR C 278 -23.81 -20.91 12.62
C THR C 278 -22.37 -21.38 12.56
N ILE C 279 -21.64 -21.17 13.66
CA ILE C 279 -20.22 -21.44 13.74
C ILE C 279 -20.02 -22.84 14.29
N THR C 280 -19.27 -23.67 13.56
CA THR C 280 -19.11 -25.07 13.89
C THR C 280 -17.71 -25.35 14.45
N CYS C 281 -17.67 -26.09 15.56
CA CYS C 281 -16.42 -26.64 16.11
C CYS C 281 -16.32 -28.11 15.70
N LEU C 282 -15.95 -28.33 14.45
CA LEU C 282 -15.91 -29.67 13.89
C LEU C 282 -14.73 -30.45 14.46
N VAL C 283 -15.01 -31.40 15.31
CA VAL C 283 -13.99 -32.30 15.83
C VAL C 283 -13.86 -33.49 14.87
N THR C 284 -12.63 -33.98 14.70
CA THR C 284 -12.35 -34.95 13.65
C THR C 284 -11.19 -35.84 14.05
N GLY C 285 -11.36 -37.14 13.85
CA GLY C 285 -10.29 -38.10 14.03
C GLY C 285 -9.94 -38.46 15.46
N PHE C 286 -10.85 -39.15 16.16
CA PHE C 286 -10.59 -39.64 17.50
C PHE C 286 -11.25 -41.01 17.65
N SER C 287 -10.46 -42.02 17.99
CA SER C 287 -10.98 -43.38 18.04
C SER C 287 -12.05 -43.61 19.12
N PRO C 288 -11.91 -43.12 20.37
CA PRO C 288 -13.04 -43.23 21.30
C PRO C 288 -14.24 -42.46 20.79
N ALA C 289 -15.41 -43.11 20.84
CA ALA C 289 -16.60 -42.56 20.19
C ALA C 289 -17.09 -41.29 20.88
N ASP C 290 -17.27 -41.35 22.20
CA ASP C 290 -17.96 -40.26 22.90
C ASP C 290 -17.05 -39.05 23.07
N VAL C 291 -17.65 -37.85 22.91
CA VAL C 291 -16.94 -36.58 23.06
C VAL C 291 -17.96 -35.51 23.39
N PHE C 292 -17.55 -34.50 24.15
CA PHE C 292 -18.41 -33.41 24.58
C PHE C 292 -17.80 -32.08 24.15
N VAL C 293 -18.53 -31.32 23.34
CA VAL C 293 -18.07 -30.04 22.83
C VAL C 293 -18.98 -28.95 23.39
N GLN C 294 -18.39 -27.99 24.10
CA GLN C 294 -19.08 -26.83 24.60
C GLN C 294 -18.21 -25.60 24.38
N TRP C 295 -18.83 -24.42 24.46
CA TRP C 295 -18.21 -23.19 23.99
C TRP C 295 -18.07 -22.21 25.15
N MET C 296 -17.38 -21.09 24.89
CA MET C 296 -17.33 -19.98 25.83
C MET C 296 -17.32 -18.66 25.09
N GLN C 297 -17.94 -17.66 25.70
CA GLN C 297 -17.68 -16.25 25.38
C GLN C 297 -16.65 -15.76 26.38
N ARG C 298 -15.50 -15.32 25.86
CA ARG C 298 -14.28 -15.20 26.66
C ARG C 298 -14.02 -16.50 27.40
N GLY C 299 -14.18 -16.50 28.72
CA GLY C 299 -14.02 -17.71 29.50
C GLY C 299 -15.32 -18.23 30.07
N GLN C 300 -16.40 -17.47 29.92
CA GLN C 300 -17.70 -17.87 30.47
C GLN C 300 -18.37 -18.88 29.56
N PRO C 301 -18.75 -20.06 30.06
CA PRO C 301 -19.29 -21.10 29.19
C PRO C 301 -20.64 -20.73 28.61
N LEU C 302 -21.01 -21.46 27.55
CA LEU C 302 -22.24 -21.21 26.81
C LEU C 302 -23.11 -22.46 26.84
N SER C 303 -24.42 -22.24 27.05
CA SER C 303 -25.37 -23.32 27.25
C SER C 303 -25.85 -23.91 25.93
N PRO C 304 -26.34 -25.16 25.94
CA PRO C 304 -26.84 -25.78 24.71
C PRO C 304 -28.19 -25.25 24.23
N GLU C 305 -28.65 -24.13 24.79
CA GLU C 305 -29.84 -23.50 24.25
C GLU C 305 -29.55 -22.70 22.97
N LYS C 306 -28.28 -22.35 22.72
CA LYS C 306 -27.90 -21.70 21.49
C LYS C 306 -27.12 -22.62 20.55
N TYR C 307 -26.57 -23.72 21.06
CA TYR C 307 -25.76 -24.63 20.26
C TYR C 307 -26.22 -26.06 20.50
N VAL C 308 -25.75 -26.98 19.67
CA VAL C 308 -26.05 -28.41 19.84
C VAL C 308 -24.87 -29.23 19.33
N THR C 309 -24.50 -30.25 20.10
CA THR C 309 -23.43 -31.17 19.73
C THR C 309 -24.02 -32.37 19.00
N SER C 310 -23.75 -32.47 17.71
CA SER C 310 -24.22 -33.60 16.91
C SER C 310 -23.55 -34.89 17.35
N ALA C 311 -24.24 -36.00 17.13
CA ALA C 311 -23.80 -37.30 17.62
C ALA C 311 -22.51 -37.73 16.91
N PRO C 312 -21.68 -38.53 17.60
CA PRO C 312 -20.42 -38.98 16.98
C PRO C 312 -20.57 -40.11 15.99
N MET C 313 -21.03 -39.81 14.77
CA MET C 313 -21.02 -40.80 13.70
C MET C 313 -19.61 -40.99 13.14
N PRO C 314 -19.24 -42.19 12.69
CA PRO C 314 -17.83 -42.47 12.40
C PRO C 314 -17.31 -41.76 11.18
N GLU C 315 -15.99 -41.54 11.17
CA GLU C 315 -15.30 -41.00 10.00
C GLU C 315 -15.06 -42.10 8.98
N PRO C 316 -15.46 -41.92 7.72
CA PRO C 316 -15.37 -43.03 6.76
C PRO C 316 -13.98 -43.28 6.20
N GLN C 317 -13.07 -42.30 6.23
CA GLN C 317 -11.72 -42.55 5.76
C GLN C 317 -10.95 -43.46 6.71
N ALA C 318 -11.09 -43.23 8.02
CA ALA C 318 -10.46 -44.05 9.03
C ALA C 318 -11.54 -44.74 9.84
N PRO C 319 -11.85 -46.01 9.57
CA PRO C 319 -12.90 -46.70 10.33
C PRO C 319 -12.61 -46.81 11.82
N GLY C 320 -11.34 -46.94 12.21
CA GLY C 320 -11.01 -46.99 13.62
C GLY C 320 -11.33 -45.71 14.35
N ARG C 321 -11.01 -44.56 13.73
CA ARG C 321 -11.35 -43.27 14.31
C ARG C 321 -12.81 -42.92 14.03
N TYR C 322 -13.32 -42.00 14.83
CA TYR C 322 -14.62 -41.39 14.61
C TYR C 322 -14.44 -39.89 14.38
N PHE C 323 -15.55 -39.18 14.22
CA PHE C 323 -15.58 -37.75 14.42
C PHE C 323 -16.89 -37.41 15.11
N ALA C 324 -17.08 -36.13 15.38
CA ALA C 324 -18.37 -35.63 15.87
C ALA C 324 -18.50 -34.20 15.35
N HIS C 325 -19.47 -33.46 15.89
CA HIS C 325 -19.85 -32.18 15.32
C HIS C 325 -20.55 -31.36 16.38
N SER C 326 -20.54 -30.04 16.18
CA SER C 326 -21.19 -29.10 17.09
C SER C 326 -21.25 -27.74 16.44
N ILE C 327 -22.38 -27.04 16.61
CA ILE C 327 -22.57 -25.72 16.00
C ILE C 327 -22.68 -24.68 17.11
N LEU C 328 -22.93 -23.43 16.72
CA LEU C 328 -23.34 -22.37 17.63
C LEU C 328 -24.09 -21.34 16.79
N THR C 329 -25.39 -21.21 17.04
CA THR C 329 -26.28 -20.41 16.21
C THR C 329 -26.73 -19.17 16.98
N VAL C 330 -26.05 -18.04 16.73
CA VAL C 330 -26.39 -16.76 17.33
C VAL C 330 -26.43 -15.71 16.23
N SER C 331 -26.63 -14.46 16.63
CA SER C 331 -26.70 -13.35 15.70
C SER C 331 -25.33 -13.10 15.05
N GLU C 332 -25.36 -12.57 13.83
CA GLU C 332 -24.13 -12.28 13.11
C GLU C 332 -23.38 -11.09 13.72
N GLU C 333 -24.11 -10.12 14.28
CA GLU C 333 -23.47 -8.93 14.82
C GLU C 333 -22.65 -9.26 16.05
N GLU C 334 -23.12 -10.20 16.88
CA GLU C 334 -22.37 -10.57 18.07
C GLU C 334 -21.06 -11.27 17.71
N TRP C 335 -21.04 -12.00 16.60
CA TRP C 335 -19.78 -12.55 16.09
C TRP C 335 -18.93 -11.50 15.41
N ASN C 336 -19.55 -10.45 14.85
CA ASN C 336 -18.83 -9.43 14.11
C ASN C 336 -18.23 -8.35 15.00
N THR C 337 -18.34 -8.49 16.32
CA THR C 337 -17.69 -7.57 17.25
C THR C 337 -16.25 -7.93 17.55
N GLY C 338 -15.72 -8.97 16.89
CA GLY C 338 -14.39 -9.45 17.20
C GLY C 338 -14.27 -10.06 18.58
N GLU C 339 -15.30 -10.77 19.03
CA GLU C 339 -15.32 -11.38 20.34
C GLU C 339 -15.06 -12.88 20.20
N THR C 340 -14.30 -13.43 21.15
CA THR C 340 -13.83 -14.80 21.04
C THR C 340 -14.93 -15.79 21.40
N TYR C 341 -15.26 -16.66 20.44
CA TYR C 341 -16.02 -17.88 20.72
C TYR C 341 -15.02 -19.02 20.80
N THR C 342 -14.71 -19.45 22.02
CA THR C 342 -13.68 -20.45 22.27
C THR C 342 -14.35 -21.77 22.60
N CYS C 343 -14.31 -22.70 21.65
CA CYS C 343 -14.91 -24.01 21.81
C CYS C 343 -13.91 -24.99 22.41
N VAL C 344 -14.15 -25.41 23.65
CA VAL C 344 -13.39 -26.49 24.26
C VAL C 344 -13.97 -27.83 23.81
N VAL C 345 -13.14 -28.86 23.87
CA VAL C 345 -13.50 -30.19 23.42
C VAL C 345 -12.99 -31.17 24.47
N ALA C 346 -13.90 -31.71 25.28
CA ALA C 346 -13.54 -32.66 26.33
C ALA C 346 -13.48 -34.07 25.76
N HIS C 347 -12.38 -34.76 26.01
CA HIS C 347 -12.19 -36.10 25.48
C HIS C 347 -11.16 -36.84 26.33
N GLU C 348 -11.33 -38.17 26.42
CA GLU C 348 -10.46 -38.98 27.25
C GLU C 348 -9.10 -39.23 26.62
N ALA C 349 -8.97 -39.08 25.30
CA ALA C 349 -7.71 -39.37 24.62
C ALA C 349 -6.79 -38.18 24.53
N LEU C 350 -7.22 -37.00 24.98
CA LEU C 350 -6.38 -35.82 24.98
C LEU C 350 -5.40 -35.86 26.15
N PRO C 351 -4.22 -35.24 26.00
CA PRO C 351 -3.30 -35.17 27.14
C PRO C 351 -3.82 -34.32 28.29
N ASN C 352 -4.39 -33.16 27.98
CA ASN C 352 -4.98 -32.28 28.98
C ASN C 352 -6.47 -32.50 29.15
N ARG C 353 -7.06 -33.41 28.37
CA ARG C 353 -8.46 -33.84 28.43
C ARG C 353 -9.42 -32.74 27.96
N VAL C 354 -8.92 -31.53 27.72
CA VAL C 354 -9.71 -30.40 27.23
C VAL C 354 -8.81 -29.52 26.36
N THR C 355 -9.14 -29.40 25.08
CA THR C 355 -8.41 -28.52 24.18
C THR C 355 -9.38 -27.57 23.50
N GLU C 356 -8.95 -26.32 23.29
CA GLU C 356 -9.84 -25.27 22.84
C GLU C 356 -9.26 -24.52 21.65
N ARG C 357 -10.15 -24.11 20.75
CA ARG C 357 -9.81 -23.28 19.61
C ARG C 357 -10.71 -22.05 19.64
N THR C 358 -10.22 -20.94 19.10
CA THR C 358 -10.98 -19.69 19.11
C THR C 358 -10.98 -19.05 17.73
N VAL C 359 -12.08 -18.38 17.41
CA VAL C 359 -12.20 -17.63 16.17
C VAL C 359 -12.77 -16.25 16.47
N ASP C 360 -12.28 -15.25 15.73
CA ASP C 360 -12.84 -13.92 15.72
C ASP C 360 -13.22 -13.58 14.28
N LYS C 361 -13.57 -12.32 14.04
CA LYS C 361 -13.78 -11.88 12.67
C LYS C 361 -12.48 -11.81 11.88
N SER C 362 -11.34 -11.87 12.57
CA SER C 362 -10.03 -11.84 11.91
C SER C 362 -9.24 -13.13 12.05
N THR C 363 -9.57 -13.97 13.04
CA THR C 363 -8.84 -15.23 13.21
C THR C 363 -9.06 -16.16 12.03
N GLY C 364 -10.29 -16.25 11.53
CA GLY C 364 -10.58 -17.05 10.36
C GLY C 364 -10.30 -16.29 9.07
N LYS C 365 -9.02 -16.14 8.74
CA LYS C 365 -8.57 -15.38 7.57
C LYS C 365 -9.10 -13.94 7.58
N ILE D 152 -40.55 -61.86 16.73
CA ILE D 152 -41.66 -62.18 15.83
C ILE D 152 -42.52 -60.94 15.60
N ARG D 153 -42.05 -60.05 14.73
CA ARG D 153 -42.76 -58.82 14.42
C ARG D 153 -42.36 -58.34 13.04
N VAL D 154 -43.24 -57.54 12.44
CA VAL D 154 -43.07 -57.03 11.09
C VAL D 154 -42.83 -55.52 11.18
N PHE D 155 -41.77 -55.05 10.54
CA PHE D 155 -41.45 -53.63 10.53
C PHE D 155 -42.09 -52.95 9.33
N ALA D 156 -42.46 -51.69 9.52
CA ALA D 156 -43.08 -50.88 8.48
C ALA D 156 -42.02 -49.91 7.96
N ILE D 157 -41.36 -50.30 6.87
CA ILE D 157 -40.36 -49.45 6.23
C ILE D 157 -41.11 -48.42 5.38
N PRO D 158 -40.99 -47.12 5.68
CA PRO D 158 -41.60 -46.11 4.84
C PRO D 158 -40.65 -45.70 3.73
N PRO D 159 -41.15 -45.03 2.69
CA PRO D 159 -40.23 -44.46 1.70
C PRO D 159 -39.46 -43.29 2.29
N SER D 160 -38.21 -43.53 2.67
CA SER D 160 -37.35 -42.44 3.09
C SER D 160 -36.99 -41.61 1.88
N PHE D 161 -36.93 -40.29 2.06
CA PHE D 161 -36.67 -39.43 0.90
C PHE D 161 -35.27 -39.69 0.34
N ALA D 162 -34.34 -40.06 1.22
CA ALA D 162 -33.00 -40.45 0.77
C ALA D 162 -33.06 -41.69 -0.12
N SER D 163 -33.85 -42.69 0.27
CA SER D 163 -33.91 -43.91 -0.55
C SER D 163 -34.66 -43.66 -1.86
N ILE D 164 -35.70 -42.82 -1.83
CA ILE D 164 -36.45 -42.55 -3.05
C ILE D 164 -35.65 -41.68 -4.01
N PHE D 165 -34.72 -40.87 -3.52
CA PHE D 165 -33.80 -40.22 -4.46
C PHE D 165 -32.55 -41.04 -4.75
N LEU D 166 -32.28 -42.10 -3.99
CA LEU D 166 -31.23 -43.04 -4.37
C LEU D 166 -31.68 -43.91 -5.53
N THR D 167 -32.93 -44.38 -5.50
CA THR D 167 -33.47 -45.20 -6.57
C THR D 167 -34.32 -44.39 -7.55
N LYS D 168 -34.47 -43.09 -7.33
CA LYS D 168 -35.25 -42.18 -8.19
C LYS D 168 -36.67 -42.67 -8.40
N SER D 169 -37.29 -43.23 -7.35
CA SER D 169 -38.67 -43.67 -7.39
C SER D 169 -39.16 -43.87 -5.96
N THR D 170 -40.45 -43.64 -5.76
CA THR D 170 -41.06 -43.89 -4.46
C THR D 170 -41.18 -45.40 -4.23
N LYS D 171 -40.63 -45.86 -3.10
CA LYS D 171 -40.58 -47.29 -2.79
C LYS D 171 -41.18 -47.52 -1.40
N LEU D 172 -42.44 -47.95 -1.36
CA LEU D 172 -43.10 -48.31 -0.11
C LEU D 172 -43.12 -49.83 0.02
N THR D 173 -42.69 -50.32 1.18
CA THR D 173 -42.49 -51.75 1.40
C THR D 173 -43.00 -52.15 2.77
N CYS D 174 -43.33 -53.44 2.91
CA CYS D 174 -43.66 -54.06 4.19
C CYS D 174 -42.66 -55.20 4.40
N LEU D 175 -41.52 -54.86 5.00
CA LEU D 175 -40.41 -55.81 5.16
C LEU D 175 -40.38 -56.34 6.58
N VAL D 176 -40.37 -57.66 6.71
CA VAL D 176 -40.27 -58.31 8.01
C VAL D 176 -38.83 -58.20 8.51
N THR D 177 -38.67 -58.17 9.83
CA THR D 177 -37.36 -58.03 10.45
C THR D 177 -37.04 -59.16 11.41
N ASP D 178 -37.99 -59.59 12.23
CA ASP D 178 -37.75 -60.61 13.24
C ASP D 178 -38.25 -61.98 12.83
N LEU D 179 -38.71 -62.16 11.59
CA LEU D 179 -39.12 -63.46 11.08
C LEU D 179 -37.90 -64.14 10.50
N THR D 180 -37.46 -65.23 11.16
CA THR D 180 -36.17 -65.84 10.83
C THR D 180 -36.31 -66.94 9.78
N THR D 181 -37.16 -67.94 10.03
CA THR D 181 -37.31 -69.06 9.10
C THR D 181 -38.72 -69.61 9.23
N TYR D 182 -39.59 -69.22 8.31
CA TYR D 182 -40.95 -69.77 8.26
C TYR D 182 -41.38 -69.83 6.80
N ASP D 183 -41.70 -71.02 6.31
CA ASP D 183 -42.05 -71.22 4.92
C ASP D 183 -43.51 -70.83 4.66
N SER D 184 -43.95 -71.06 3.43
CA SER D 184 -45.30 -70.72 2.97
C SER D 184 -45.59 -69.23 3.19
N VAL D 185 -44.75 -68.39 2.59
CA VAL D 185 -44.89 -66.94 2.72
C VAL D 185 -45.98 -66.46 1.76
N THR D 186 -47.00 -65.80 2.32
CA THR D 186 -48.07 -65.18 1.54
C THR D 186 -48.21 -63.74 2.00
N ILE D 187 -47.80 -62.80 1.16
CA ILE D 187 -47.82 -61.39 1.49
C ILE D 187 -48.48 -60.62 0.34
N SER D 188 -49.31 -59.64 0.68
CA SER D 188 -50.05 -58.88 -0.31
C SER D 188 -50.38 -57.51 0.25
N TRP D 189 -50.80 -56.61 -0.64
CA TRP D 189 -51.13 -55.24 -0.30
C TRP D 189 -52.63 -55.04 -0.46
N THR D 190 -53.38 -55.18 0.64
CA THR D 190 -54.80 -54.87 0.68
C THR D 190 -55.03 -53.74 1.67
N ARG D 191 -55.76 -52.72 1.25
CA ARG D 191 -56.02 -51.54 2.08
C ARG D 191 -57.36 -51.67 2.78
N GLN D 192 -57.74 -50.60 3.48
CA GLN D 192 -59.02 -50.57 4.17
C GLN D 192 -60.19 -50.42 3.21
N ASN D 193 -59.95 -49.99 1.97
CA ASN D 193 -61.01 -49.88 0.98
C ASN D 193 -61.16 -51.11 0.11
N GLY D 194 -60.11 -51.93 -0.02
CA GLY D 194 -60.22 -53.18 -0.73
C GLY D 194 -59.73 -53.19 -2.17
N GLU D 195 -58.54 -52.63 -2.42
CA GLU D 195 -57.90 -52.70 -3.72
C GLU D 195 -56.44 -53.07 -3.54
N ALA D 196 -55.88 -53.71 -4.57
CA ALA D 196 -54.51 -54.19 -4.54
C ALA D 196 -53.62 -53.28 -5.38
N VAL D 197 -52.32 -53.38 -5.13
CA VAL D 197 -51.31 -52.61 -5.87
C VAL D 197 -51.16 -53.18 -7.27
N LYS D 198 -50.49 -52.43 -8.16
CA LYS D 198 -50.36 -52.86 -9.55
C LYS D 198 -49.51 -54.12 -9.66
N THR D 199 -48.43 -54.22 -8.89
CA THR D 199 -47.53 -55.37 -8.99
C THR D 199 -46.82 -55.58 -7.66
N HIS D 200 -46.32 -56.80 -7.47
CA HIS D 200 -45.54 -57.14 -6.28
C HIS D 200 -44.52 -58.20 -6.70
N THR D 201 -43.24 -57.83 -6.69
CA THR D 201 -42.19 -58.69 -7.18
C THR D 201 -40.88 -58.23 -6.53
N ASN D 202 -39.74 -58.75 -7.01
CA ASN D 202 -38.41 -58.34 -6.59
C ASN D 202 -38.16 -58.66 -5.10
N ILE D 203 -38.37 -59.93 -4.75
CA ILE D 203 -38.03 -60.40 -3.41
C ILE D 203 -36.53 -60.61 -3.33
N SER D 204 -35.94 -60.18 -2.21
CA SER D 204 -34.49 -60.22 -2.02
C SER D 204 -34.02 -61.49 -1.33
N GLU D 205 -34.81 -62.56 -1.42
CA GLU D 205 -34.47 -63.88 -0.85
C GLU D 205 -34.30 -63.72 0.66
N SER D 206 -33.17 -64.13 1.24
CA SER D 206 -32.94 -64.07 2.68
C SER D 206 -31.76 -63.16 2.98
N HIS D 207 -31.71 -62.71 4.24
CA HIS D 207 -30.63 -61.87 4.76
C HIS D 207 -29.33 -62.67 4.82
N PRO D 208 -28.17 -62.00 4.93
CA PRO D 208 -26.94 -62.76 5.21
C PRO D 208 -27.02 -63.57 6.50
N ASN D 209 -27.68 -63.04 7.52
CA ASN D 209 -28.00 -63.79 8.72
C ASN D 209 -29.21 -64.69 8.41
N ALA D 210 -29.49 -65.64 9.31
CA ALA D 210 -30.63 -66.55 9.14
C ALA D 210 -31.91 -65.81 9.50
N THR D 211 -32.38 -65.01 8.55
CA THR D 211 -33.58 -64.19 8.71
C THR D 211 -34.22 -63.97 7.36
N PHE D 212 -35.47 -64.41 7.22
CA PHE D 212 -36.18 -64.25 5.96
C PHE D 212 -36.55 -62.79 5.73
N SER D 213 -36.46 -62.36 4.46
CA SER D 213 -36.88 -61.03 4.05
C SER D 213 -37.95 -61.17 2.99
N ALA D 214 -39.09 -60.52 3.20
CA ALA D 214 -40.22 -60.54 2.27
C ALA D 214 -40.67 -59.10 2.05
N VAL D 215 -40.07 -58.42 1.07
CA VAL D 215 -40.43 -57.04 0.78
C VAL D 215 -41.68 -57.00 -0.09
N GLY D 216 -42.44 -55.92 0.05
CA GLY D 216 -43.53 -55.66 -0.86
C GLY D 216 -43.18 -54.50 -1.78
N GLU D 217 -42.81 -54.82 -3.02
CA GLU D 217 -42.26 -53.85 -3.95
C GLU D 217 -43.28 -53.52 -5.02
N ALA D 218 -43.55 -52.23 -5.20
CA ALA D 218 -44.50 -51.77 -6.22
C ALA D 218 -44.06 -50.39 -6.71
N SER D 219 -44.54 -50.03 -7.88
CA SER D 219 -44.21 -48.77 -8.52
C SER D 219 -45.30 -47.75 -8.21
N ILE D 220 -44.96 -46.72 -7.43
CA ILE D 220 -45.89 -45.67 -7.04
C ILE D 220 -45.29 -44.33 -7.43
N CYS D 221 -46.08 -43.50 -8.09
CA CYS D 221 -45.62 -42.18 -8.49
C CYS D 221 -45.49 -41.27 -7.27
N GLU D 222 -44.67 -40.23 -7.43
CA GLU D 222 -44.46 -39.27 -6.34
C GLU D 222 -45.71 -38.45 -6.07
N ASP D 223 -46.55 -38.22 -7.10
CA ASP D 223 -47.72 -37.37 -6.92
C ASP D 223 -48.76 -38.02 -6.01
N ASP D 224 -49.08 -39.29 -6.25
CA ASP D 224 -50.04 -39.98 -5.41
C ASP D 224 -49.49 -40.23 -4.01
N TRP D 225 -48.17 -40.44 -3.89
CA TRP D 225 -47.56 -40.57 -2.58
C TRP D 225 -47.65 -39.27 -1.78
N ASN D 226 -47.45 -38.13 -2.46
CA ASN D 226 -47.53 -36.84 -1.79
C ASN D 226 -48.97 -36.40 -1.54
N SER D 227 -49.94 -36.94 -2.29
CA SER D 227 -51.33 -36.52 -2.13
C SER D 227 -51.97 -37.03 -0.85
N GLY D 228 -51.34 -37.98 -0.16
CA GLY D 228 -51.89 -38.49 1.08
C GLY D 228 -52.67 -39.78 0.91
N GLU D 229 -52.08 -40.74 0.21
CA GLU D 229 -52.71 -42.04 0.02
C GLU D 229 -52.69 -42.85 1.31
N ARG D 230 -53.59 -43.83 1.38
CA ARG D 230 -53.72 -44.72 2.54
C ARG D 230 -53.71 -46.17 2.06
N PHE D 231 -52.55 -46.80 2.06
CA PHE D 231 -52.41 -48.23 1.83
C PHE D 231 -51.80 -48.89 3.07
N THR D 232 -52.07 -50.18 3.21
CA THR D 232 -51.50 -50.98 4.29
C THR D 232 -51.20 -52.38 3.76
N CYS D 233 -50.24 -53.04 4.39
CA CYS D 233 -49.79 -54.36 3.98
C CYS D 233 -50.35 -55.38 4.96
N THR D 234 -51.28 -56.21 4.48
CA THR D 234 -51.86 -57.26 5.31
C THR D 234 -50.85 -58.39 5.52
N VAL D 235 -50.99 -59.10 6.63
CA VAL D 235 -50.11 -60.20 6.99
C VAL D 235 -50.93 -61.48 6.90
N THR D 236 -50.86 -62.14 5.74
CA THR D 236 -51.55 -63.40 5.50
C THR D 236 -50.65 -64.59 5.88
N HIS D 237 -49.40 -64.33 6.25
CA HIS D 237 -48.41 -65.36 6.50
C HIS D 237 -48.86 -66.29 7.63
N THR D 238 -48.43 -67.56 7.52
CA THR D 238 -48.92 -68.59 8.43
C THR D 238 -48.50 -68.34 9.88
N ASP D 239 -47.27 -67.89 10.09
CA ASP D 239 -46.79 -67.68 11.46
C ASP D 239 -47.48 -66.50 12.12
N LEU D 240 -47.94 -65.53 11.34
CA LEU D 240 -48.65 -64.35 11.85
C LEU D 240 -49.97 -64.23 11.11
N PRO D 241 -50.97 -65.04 11.47
CA PRO D 241 -52.25 -64.99 10.75
C PRO D 241 -52.99 -63.67 10.92
N SER D 242 -52.77 -62.97 12.02
CA SER D 242 -53.43 -61.68 12.23
C SER D 242 -52.75 -60.61 11.39
N PRO D 243 -53.49 -59.87 10.55
CA PRO D 243 -52.87 -58.82 9.75
C PRO D 243 -52.48 -57.63 10.61
N LEU D 244 -51.18 -57.37 10.70
CA LEU D 244 -50.70 -56.23 11.47
C LEU D 244 -51.06 -54.92 10.77
N LYS D 245 -51.59 -53.98 11.53
CA LYS D 245 -51.98 -52.69 10.98
C LYS D 245 -50.73 -51.84 10.73
N GLN D 246 -50.44 -51.57 9.45
CA GLN D 246 -49.27 -50.81 9.04
C GLN D 246 -49.73 -49.69 8.12
N THR D 247 -50.14 -48.57 8.70
CA THR D 247 -50.59 -47.42 7.93
C THR D 247 -49.37 -46.63 7.49
N ILE D 248 -49.05 -46.71 6.20
CA ILE D 248 -47.86 -46.08 5.64
C ILE D 248 -48.29 -44.88 4.82
N SER D 249 -47.79 -43.70 5.18
CA SER D 249 -48.19 -42.46 4.55
C SER D 249 -47.10 -41.42 4.75
N ARG D 250 -47.08 -40.44 3.85
CA ARG D 250 -46.16 -39.30 3.99
C ARG D 250 -46.73 -38.31 4.99
N PRO D 251 -46.00 -37.97 6.05
CA PRO D 251 -46.54 -37.02 7.04
C PRO D 251 -46.63 -35.60 6.50
N LYS D 252 -47.86 -35.12 6.29
CA LYS D 252 -48.09 -33.75 5.85
C LYS D 252 -48.18 -32.76 6.99
N GLY D 253 -48.04 -33.21 8.25
CA GLY D 253 -48.08 -32.30 9.37
C GLY D 253 -46.91 -31.35 9.43
N VAL D 254 -45.79 -31.70 8.78
CA VAL D 254 -44.65 -30.80 8.73
C VAL D 254 -44.96 -29.63 7.81
N ALA D 255 -44.30 -28.50 8.08
CA ALA D 255 -44.46 -27.30 7.27
C ALA D 255 -43.55 -27.39 6.04
N LEU D 256 -43.44 -26.29 5.30
CA LEU D 256 -42.60 -26.22 4.10
C LEU D 256 -41.52 -25.17 4.33
N HIS D 257 -40.41 -25.59 4.92
CA HIS D 257 -39.24 -24.73 5.11
C HIS D 257 -38.08 -25.30 4.33
N ARG D 258 -37.50 -24.49 3.44
CA ARG D 258 -36.39 -24.95 2.64
C ARG D 258 -35.12 -25.03 3.48
N PRO D 259 -34.20 -25.94 3.14
CA PRO D 259 -32.91 -25.97 3.83
C PRO D 259 -32.06 -24.77 3.48
N ASP D 260 -31.88 -23.87 4.45
CA ASP D 260 -30.95 -22.75 4.29
C ASP D 260 -29.54 -23.33 4.47
N VAL D 261 -28.91 -23.62 3.34
CA VAL D 261 -27.64 -24.34 3.35
C VAL D 261 -26.50 -23.33 3.52
N TYR D 262 -25.65 -23.58 4.51
CA TYR D 262 -24.47 -22.75 4.80
C TYR D 262 -23.25 -23.65 4.73
N LEU D 263 -22.69 -23.78 3.52
CA LEU D 263 -21.50 -24.60 3.33
C LEU D 263 -20.27 -23.84 3.82
N LEU D 264 -19.50 -24.47 4.71
CA LEU D 264 -18.38 -23.81 5.38
C LEU D 264 -17.07 -24.46 4.97
N PRO D 265 -16.05 -23.68 4.63
CA PRO D 265 -14.75 -24.25 4.27
C PRO D 265 -14.03 -24.79 5.50
N PRO D 266 -13.09 -25.71 5.32
CA PRO D 266 -12.30 -26.20 6.46
C PRO D 266 -11.44 -25.11 7.07
N ALA D 267 -11.03 -25.35 8.32
CA ALA D 267 -10.31 -24.35 9.09
C ALA D 267 -8.89 -24.15 8.56
N ARG D 268 -8.34 -22.97 8.89
CA ARG D 268 -6.92 -22.73 8.66
C ARG D 268 -6.06 -23.74 9.41
N GLU D 269 -6.53 -24.19 10.58
CA GLU D 269 -5.83 -25.27 11.28
C GLU D 269 -5.93 -26.59 10.52
N GLN D 270 -7.10 -26.87 9.92
CA GLN D 270 -7.23 -28.03 9.06
C GLN D 270 -6.23 -27.96 7.91
N LEU D 271 -5.99 -26.77 7.38
CA LEU D 271 -4.93 -26.58 6.39
C LEU D 271 -3.57 -26.86 7.01
N ASN D 272 -3.32 -26.34 8.21
CA ASN D 272 -1.97 -26.33 8.77
C ASN D 272 -1.50 -27.73 9.16
N LEU D 273 -2.43 -28.63 9.54
CA LEU D 273 -2.02 -29.96 9.95
C LEU D 273 -1.52 -30.79 8.78
N ARG D 274 -1.85 -30.40 7.54
CA ARG D 274 -1.36 -31.07 6.32
C ARG D 274 -1.77 -32.54 6.28
N GLU D 275 -2.88 -32.89 6.94
CA GLU D 275 -3.31 -34.28 7.04
C GLU D 275 -4.65 -34.53 6.38
N SER D 276 -5.67 -33.74 6.72
CA SER D 276 -7.02 -33.98 6.22
C SER D 276 -7.64 -32.65 5.86
N ALA D 277 -8.79 -32.72 5.19
CA ALA D 277 -9.57 -31.54 4.83
C ALA D 277 -11.03 -31.95 4.78
N THR D 278 -11.79 -31.56 5.80
CA THR D 278 -13.20 -31.93 5.93
C THR D 278 -14.05 -30.72 5.57
N ILE D 279 -14.79 -30.82 4.48
CA ILE D 279 -15.61 -29.72 3.98
C ILE D 279 -17.03 -29.95 4.45
N THR D 280 -17.62 -28.92 5.06
CA THR D 280 -18.80 -29.07 5.91
C THR D 280 -20.04 -28.44 5.28
N CYS D 281 -20.94 -29.27 4.78
CA CYS D 281 -22.21 -28.77 4.26
C CYS D 281 -23.20 -28.56 5.40
N LEU D 282 -23.12 -27.42 6.08
CA LEU D 282 -23.91 -27.18 7.28
C LEU D 282 -25.25 -26.58 6.89
N VAL D 283 -26.22 -27.47 6.66
CA VAL D 283 -27.58 -27.02 6.36
C VAL D 283 -28.26 -26.56 7.65
N THR D 284 -29.34 -25.80 7.49
CA THR D 284 -29.98 -25.19 8.65
C THR D 284 -31.43 -24.85 8.33
N GLY D 285 -32.34 -25.31 9.18
CA GLY D 285 -33.71 -24.80 9.16
C GLY D 285 -34.66 -25.35 8.12
N PHE D 286 -35.00 -26.65 8.21
CA PHE D 286 -36.04 -27.24 7.39
C PHE D 286 -36.98 -28.04 8.29
N SER D 287 -38.26 -27.67 8.31
CA SER D 287 -39.20 -28.24 9.28
C SER D 287 -39.45 -29.74 9.10
N PRO D 288 -39.49 -30.31 7.88
CA PRO D 288 -39.44 -31.79 7.80
C PRO D 288 -37.99 -32.26 7.84
N ALA D 289 -37.75 -33.31 8.63
CA ALA D 289 -36.37 -33.68 8.94
C ALA D 289 -35.66 -34.33 7.76
N ASP D 290 -36.34 -35.26 7.06
CA ASP D 290 -35.66 -36.15 6.12
C ASP D 290 -35.03 -35.42 4.94
N VAL D 291 -33.70 -35.39 4.89
CA VAL D 291 -32.95 -34.86 3.76
C VAL D 291 -31.90 -35.88 3.34
N PHE D 292 -31.48 -35.76 2.08
CA PHE D 292 -30.44 -36.60 1.49
C PHE D 292 -29.36 -35.69 0.93
N VAL D 293 -28.32 -35.44 1.72
CA VAL D 293 -27.23 -34.56 1.33
C VAL D 293 -26.11 -35.41 0.74
N GLN D 294 -25.91 -35.32 -0.57
CA GLN D 294 -24.81 -36.01 -1.23
C GLN D 294 -23.93 -34.98 -1.95
N TRP D 295 -22.67 -35.35 -2.13
CA TRP D 295 -21.65 -34.44 -2.63
C TRP D 295 -21.25 -34.80 -4.06
N MET D 296 -20.87 -33.77 -4.82
CA MET D 296 -20.23 -33.96 -6.12
C MET D 296 -18.94 -33.16 -6.15
N GLN D 297 -17.87 -33.80 -6.63
CA GLN D 297 -16.63 -33.07 -6.85
C GLN D 297 -16.79 -32.04 -7.95
N ARG D 298 -17.33 -32.45 -9.09
CA ARG D 298 -17.64 -31.54 -10.19
C ARG D 298 -18.99 -31.80 -10.83
N GLY D 299 -19.75 -32.78 -10.34
CA GLY D 299 -21.01 -33.15 -10.95
C GLY D 299 -21.28 -34.65 -10.87
N GLN D 300 -20.24 -35.42 -10.57
CA GLN D 300 -20.39 -36.85 -10.38
C GLN D 300 -20.48 -37.17 -8.90
N PRO D 301 -21.56 -37.79 -8.43
CA PRO D 301 -21.73 -38.02 -6.99
C PRO D 301 -20.64 -38.92 -6.42
N LEU D 302 -20.23 -38.60 -5.19
CA LEU D 302 -19.29 -39.43 -4.47
C LEU D 302 -20.01 -40.60 -3.82
N SER D 303 -19.24 -41.63 -3.50
CA SER D 303 -19.78 -42.79 -2.80
C SER D 303 -20.14 -42.42 -1.36
N PRO D 304 -21.11 -43.13 -0.77
CA PRO D 304 -21.42 -42.90 0.65
C PRO D 304 -20.28 -43.23 1.60
N GLU D 305 -19.22 -43.88 1.11
CA GLU D 305 -18.03 -44.13 1.91
C GLU D 305 -17.07 -42.95 1.90
N LYS D 306 -17.41 -41.86 1.21
CA LYS D 306 -16.64 -40.62 1.26
C LYS D 306 -17.37 -39.55 2.07
N TYR D 307 -18.61 -39.25 1.74
CA TYR D 307 -19.42 -38.32 2.52
C TYR D 307 -20.31 -39.09 3.49
N VAL D 308 -20.47 -38.55 4.69
CA VAL D 308 -21.42 -39.06 5.66
C VAL D 308 -22.26 -37.91 6.21
N THR D 309 -23.57 -38.03 6.10
CA THR D 309 -24.51 -37.00 6.51
C THR D 309 -25.00 -37.26 7.92
N SER D 310 -24.98 -36.23 8.76
CA SER D 310 -25.57 -36.32 10.08
C SER D 310 -27.08 -36.53 9.97
N ALA D 311 -27.62 -37.37 10.85
CA ALA D 311 -29.07 -37.51 10.93
C ALA D 311 -29.68 -36.16 11.30
N PRO D 312 -30.69 -35.69 10.57
CA PRO D 312 -31.20 -34.33 10.79
C PRO D 312 -31.91 -34.17 12.12
N MET D 313 -31.25 -33.49 13.06
CA MET D 313 -31.58 -33.14 14.42
C MET D 313 -32.04 -31.69 14.52
N PRO D 314 -32.92 -31.37 15.47
CA PRO D 314 -33.51 -30.03 15.53
C PRO D 314 -32.47 -28.93 15.70
N GLU D 315 -32.75 -27.80 15.03
CA GLU D 315 -31.94 -26.61 15.21
C GLU D 315 -32.07 -26.10 16.64
N PRO D 316 -30.99 -25.66 17.27
CA PRO D 316 -31.07 -25.18 18.66
C PRO D 316 -31.98 -23.97 18.85
N GLN D 317 -32.24 -23.19 17.80
CA GLN D 317 -33.15 -22.06 17.92
C GLN D 317 -34.59 -22.45 17.59
N ALA D 318 -34.83 -22.98 16.40
CA ALA D 318 -36.17 -23.38 15.98
C ALA D 318 -36.35 -24.87 16.23
N PRO D 319 -37.29 -25.28 17.08
CA PRO D 319 -37.45 -26.72 17.33
C PRO D 319 -38.04 -27.48 16.14
N GLY D 320 -39.02 -26.89 15.47
CA GLY D 320 -39.60 -27.56 14.31
C GLY D 320 -38.63 -27.68 13.15
N ARG D 321 -37.79 -26.67 12.95
CA ARG D 321 -36.82 -26.69 11.88
C ARG D 321 -35.65 -27.58 12.26
N TYR D 322 -35.39 -28.61 11.45
CA TYR D 322 -34.26 -29.51 11.64
C TYR D 322 -33.05 -29.04 10.84
N PHE D 323 -31.90 -29.61 11.17
CA PHE D 323 -30.69 -29.41 10.39
C PHE D 323 -29.87 -30.69 10.42
N ALA D 324 -29.32 -31.05 9.26
CA ALA D 324 -28.34 -32.12 9.15
C ALA D 324 -26.95 -31.50 9.02
N HIS D 325 -25.94 -32.34 8.84
CA HIS D 325 -24.60 -31.82 8.57
C HIS D 325 -23.76 -32.90 7.93
N SER D 326 -23.45 -32.73 6.64
CA SER D 326 -22.70 -33.72 5.89
C SER D 326 -21.29 -33.21 5.66
N ILE D 327 -20.32 -33.82 6.33
CA ILE D 327 -18.91 -33.53 6.05
C ILE D 327 -18.51 -34.29 4.81
N LEU D 328 -17.36 -33.94 4.25
CA LEU D 328 -16.73 -34.71 3.17
C LEU D 328 -15.23 -34.72 3.46
N THR D 329 -14.78 -35.74 4.18
CA THR D 329 -13.39 -35.83 4.59
C THR D 329 -12.54 -36.34 3.42
N VAL D 330 -11.56 -35.52 3.02
CA VAL D 330 -10.60 -35.86 1.98
C VAL D 330 -9.21 -35.50 2.51
N SER D 331 -8.21 -35.61 1.64
CA SER D 331 -6.87 -35.18 2.01
C SER D 331 -6.79 -33.66 2.00
N GLU D 332 -5.76 -33.15 2.68
CA GLU D 332 -5.51 -31.70 2.71
C GLU D 332 -5.23 -31.16 1.31
N GLU D 333 -4.46 -31.89 0.52
CA GLU D 333 -4.18 -31.47 -0.85
C GLU D 333 -5.45 -31.45 -1.71
N GLU D 334 -6.36 -32.40 -1.49
CA GLU D 334 -7.58 -32.48 -2.28
C GLU D 334 -8.44 -31.23 -2.18
N TRP D 335 -8.34 -30.49 -1.09
CA TRP D 335 -9.02 -29.20 -0.99
C TRP D 335 -8.11 -28.02 -1.27
N ASN D 336 -6.82 -28.11 -0.94
CA ASN D 336 -5.94 -26.97 -1.19
C ASN D 336 -5.51 -26.84 -2.65
N THR D 337 -5.85 -27.81 -3.50
CA THR D 337 -5.67 -27.65 -4.94
C THR D 337 -6.79 -26.85 -5.59
N GLY D 338 -7.63 -26.17 -4.79
CA GLY D 338 -8.70 -25.38 -5.35
C GLY D 338 -9.86 -26.18 -5.93
N GLU D 339 -10.02 -27.43 -5.50
CA GLU D 339 -11.09 -28.26 -6.02
C GLU D 339 -12.44 -27.80 -5.48
N THR D 340 -13.39 -27.58 -6.38
CA THR D 340 -14.72 -27.16 -5.97
C THR D 340 -15.47 -28.31 -5.30
N TYR D 341 -16.42 -27.95 -4.45
CA TYR D 341 -17.16 -28.94 -3.66
C TYR D 341 -18.60 -28.48 -3.53
N THR D 342 -19.51 -29.17 -4.23
CA THR D 342 -20.94 -28.89 -4.17
C THR D 342 -21.63 -30.02 -3.41
N CYS D 343 -22.63 -29.66 -2.60
CA CYS D 343 -23.37 -30.61 -1.78
C CYS D 343 -24.86 -30.34 -1.96
N VAL D 344 -25.50 -31.10 -2.85
CA VAL D 344 -26.95 -30.95 -3.03
C VAL D 344 -27.69 -31.54 -1.85
N VAL D 345 -28.74 -30.85 -1.41
CA VAL D 345 -29.52 -31.21 -0.23
C VAL D 345 -30.93 -31.56 -0.69
N ALA D 346 -31.16 -32.85 -0.95
CA ALA D 346 -32.46 -33.31 -1.42
C ALA D 346 -33.49 -33.18 -0.31
N HIS D 347 -34.58 -32.47 -0.60
CA HIS D 347 -35.61 -32.24 0.41
C HIS D 347 -36.94 -31.97 -0.27
N GLU D 348 -38.01 -32.55 0.28
CA GLU D 348 -39.32 -32.46 -0.35
C GLU D 348 -39.95 -31.07 -0.17
N ALA D 349 -39.65 -30.39 0.93
CA ALA D 349 -40.26 -29.09 1.18
C ALA D 349 -39.74 -28.01 0.25
N LEU D 350 -38.63 -28.27 -0.43
CA LEU D 350 -38.12 -27.33 -1.41
C LEU D 350 -39.06 -27.26 -2.62
N PRO D 351 -39.26 -26.08 -3.19
CA PRO D 351 -39.95 -26.02 -4.49
C PRO D 351 -39.16 -26.66 -5.61
N ASN D 352 -37.82 -26.64 -5.52
CA ASN D 352 -36.93 -27.26 -6.50
C ASN D 352 -36.55 -28.69 -6.15
N ARG D 353 -36.80 -29.11 -4.91
CA ARG D 353 -36.54 -30.44 -4.34
C ARG D 353 -35.05 -30.74 -4.20
N VAL D 354 -34.19 -29.86 -4.71
CA VAL D 354 -32.73 -29.97 -4.57
C VAL D 354 -32.12 -28.57 -4.57
N THR D 355 -31.40 -28.23 -3.51
CA THR D 355 -30.66 -26.98 -3.44
C THR D 355 -29.21 -27.28 -3.09
N GLU D 356 -28.29 -26.38 -3.44
CA GLU D 356 -26.88 -26.66 -3.16
C GLU D 356 -26.11 -25.36 -2.98
N ARG D 357 -24.95 -25.50 -2.35
CA ARG D 357 -23.95 -24.44 -2.26
C ARG D 357 -22.61 -24.99 -2.74
N THR D 358 -21.70 -24.07 -3.07
CA THR D 358 -20.35 -24.42 -3.49
C THR D 358 -19.34 -23.71 -2.60
N VAL D 359 -18.12 -24.24 -2.56
CA VAL D 359 -17.05 -23.70 -1.74
C VAL D 359 -15.75 -23.82 -2.51
N ASP D 360 -14.84 -22.87 -2.27
CA ASP D 360 -13.53 -22.85 -2.91
C ASP D 360 -12.58 -22.00 -2.07
N LYS D 361 -11.31 -22.01 -2.48
CA LYS D 361 -10.31 -21.15 -1.84
C LYS D 361 -10.63 -19.68 -2.05
N SER D 362 -11.12 -19.33 -3.25
CA SER D 362 -11.45 -17.93 -3.53
C SER D 362 -12.57 -17.42 -2.63
N THR D 363 -13.58 -18.26 -2.39
CA THR D 363 -14.70 -17.90 -1.53
C THR D 363 -14.51 -18.34 -0.09
N GLY D 364 -13.29 -18.74 0.29
CA GLY D 364 -13.02 -19.14 1.65
C GLY D 364 -12.50 -18.02 2.50
N LYS D 365 -12.74 -16.78 2.05
CA LYS D 365 -12.31 -15.56 2.74
C LYS D 365 -10.81 -15.54 2.98
N ILE E 152 -49.34 -35.03 -47.30
CA ILE E 152 -48.71 -34.14 -48.27
C ILE E 152 -49.01 -32.67 -47.95
N ARG E 153 -47.95 -31.88 -47.80
CA ARG E 153 -48.07 -30.47 -47.48
C ARG E 153 -46.89 -29.71 -48.08
N VAL E 154 -47.07 -28.40 -48.22
CA VAL E 154 -46.01 -27.49 -48.63
C VAL E 154 -45.85 -26.44 -47.54
N PHE E 155 -44.61 -26.20 -47.12
CA PHE E 155 -44.31 -25.27 -46.04
C PHE E 155 -43.61 -24.03 -46.57
N ALA E 156 -43.91 -22.90 -45.95
CA ALA E 156 -43.31 -21.62 -46.31
C ALA E 156 -42.29 -21.23 -45.24
N ILE E 157 -41.04 -21.03 -45.67
CA ILE E 157 -39.96 -20.63 -44.78
C ILE E 157 -39.72 -19.14 -44.98
N PRO E 158 -40.06 -18.28 -44.02
CA PRO E 158 -39.74 -16.86 -44.17
C PRO E 158 -38.24 -16.64 -44.05
N PRO E 159 -37.69 -15.68 -44.78
CA PRO E 159 -36.28 -15.34 -44.57
C PRO E 159 -36.09 -14.58 -43.27
N SER E 160 -35.59 -15.27 -42.25
CA SER E 160 -35.41 -14.67 -40.94
C SER E 160 -34.15 -13.81 -40.95
N PHE E 161 -33.74 -13.31 -39.79
CA PHE E 161 -32.57 -12.45 -39.74
C PHE E 161 -31.26 -13.24 -39.76
N ALA E 162 -31.32 -14.57 -39.62
CA ALA E 162 -30.13 -15.39 -39.81
C ALA E 162 -29.64 -15.33 -41.25
N SER E 163 -30.57 -15.36 -42.21
CA SER E 163 -30.19 -15.37 -43.62
C SER E 163 -29.59 -14.05 -44.07
N ILE E 164 -30.14 -12.93 -43.60
CA ILE E 164 -29.70 -11.61 -44.07
C ILE E 164 -28.27 -11.32 -43.61
N PHE E 165 -27.79 -11.99 -42.57
CA PHE E 165 -26.39 -11.87 -42.17
C PHE E 165 -25.58 -13.12 -42.47
N LEU E 166 -26.20 -14.18 -43.00
CA LEU E 166 -25.47 -15.36 -43.43
C LEU E 166 -25.08 -15.25 -44.90
N THR E 167 -26.06 -15.08 -45.78
CA THR E 167 -25.81 -14.89 -47.21
C THR E 167 -25.79 -13.43 -47.61
N LYS E 168 -25.93 -12.51 -46.64
CA LYS E 168 -25.94 -11.07 -46.88
C LYS E 168 -27.05 -10.65 -47.84
N SER E 169 -28.16 -11.38 -47.82
CA SER E 169 -29.30 -11.06 -48.67
C SER E 169 -30.55 -11.69 -48.07
N THR E 170 -31.70 -11.13 -48.44
CA THR E 170 -33.00 -11.70 -48.06
C THR E 170 -33.43 -12.70 -49.12
N LYS E 171 -33.80 -13.90 -48.68
CA LYS E 171 -34.14 -15.01 -49.58
C LYS E 171 -35.50 -15.58 -49.19
N LEU E 172 -36.56 -15.02 -49.76
CA LEU E 172 -37.89 -15.60 -49.59
C LEU E 172 -37.95 -16.96 -50.29
N THR E 173 -38.50 -17.96 -49.61
CA THR E 173 -38.47 -19.33 -50.09
C THR E 173 -39.83 -19.98 -49.91
N CYS E 174 -40.11 -20.98 -50.75
CA CYS E 174 -41.22 -21.92 -50.56
C CYS E 174 -40.66 -23.31 -50.82
N LEU E 175 -40.51 -24.09 -49.75
CA LEU E 175 -39.83 -25.38 -49.81
C LEU E 175 -40.77 -26.48 -49.35
N VAL E 176 -40.90 -27.54 -50.15
CA VAL E 176 -41.70 -28.69 -49.76
C VAL E 176 -40.94 -29.50 -48.73
N THR E 177 -41.66 -29.98 -47.71
CA THR E 177 -41.08 -30.75 -46.62
C THR E 177 -41.56 -32.20 -46.58
N ASP E 178 -42.87 -32.41 -46.66
CA ASP E 178 -43.43 -33.76 -46.62
C ASP E 178 -43.49 -34.42 -47.98
N LEU E 179 -43.12 -33.69 -49.05
CA LEU E 179 -43.16 -34.23 -50.41
C LEU E 179 -42.10 -35.32 -50.55
N THR E 180 -42.54 -36.58 -50.59
CA THR E 180 -41.61 -37.70 -50.60
C THR E 180 -41.07 -37.96 -52.01
N THR E 181 -41.94 -38.32 -52.94
CA THR E 181 -41.52 -38.66 -54.30
C THR E 181 -42.62 -38.23 -55.26
N TYR E 182 -42.48 -37.04 -55.83
CA TYR E 182 -43.41 -36.55 -56.84
C TYR E 182 -42.60 -35.75 -57.85
N ASP E 183 -42.33 -36.35 -59.01
CA ASP E 183 -41.46 -35.77 -60.02
C ASP E 183 -42.26 -34.86 -60.95
N SER E 184 -41.54 -34.11 -61.77
CA SER E 184 -42.10 -33.16 -62.74
C SER E 184 -42.95 -32.11 -62.02
N VAL E 185 -42.26 -31.30 -61.21
CA VAL E 185 -42.91 -30.24 -60.46
C VAL E 185 -43.21 -29.07 -61.38
N THR E 186 -44.34 -28.41 -61.16
CA THR E 186 -44.74 -27.23 -61.92
C THR E 186 -44.91 -26.09 -60.94
N ILE E 187 -43.83 -25.35 -60.70
CA ILE E 187 -43.82 -24.24 -59.77
C ILE E 187 -43.34 -22.99 -60.51
N SER E 188 -43.96 -21.85 -60.20
CA SER E 188 -43.66 -20.62 -60.92
C SER E 188 -43.56 -19.38 -60.04
N TRP E 189 -43.84 -19.48 -58.73
CA TRP E 189 -43.85 -18.33 -57.83
C TRP E 189 -44.79 -17.23 -58.34
N THR E 190 -46.08 -17.56 -58.40
CA THR E 190 -47.08 -16.68 -58.95
C THR E 190 -48.12 -16.31 -57.90
N ARG E 191 -48.68 -15.11 -58.06
CA ARG E 191 -49.74 -14.61 -57.19
C ARG E 191 -50.87 -14.05 -58.06
N GLN E 192 -52.04 -13.87 -57.45
CA GLN E 192 -53.14 -13.21 -58.13
C GLN E 192 -52.80 -11.76 -58.47
N ASN E 193 -51.87 -11.15 -57.74
CA ASN E 193 -51.36 -9.81 -58.02
C ASN E 193 -49.83 -9.88 -57.94
N GLY E 194 -49.19 -10.22 -59.05
CA GLY E 194 -47.74 -10.34 -59.06
C GLY E 194 -47.07 -8.98 -58.93
N GLU E 195 -46.13 -8.87 -58.01
CA GLU E 195 -45.45 -7.61 -57.77
C GLU E 195 -43.94 -7.71 -57.88
N ALA E 196 -43.34 -8.80 -57.37
CA ALA E 196 -41.89 -8.97 -57.41
C ALA E 196 -41.57 -10.44 -57.28
N VAL E 197 -40.85 -11.00 -58.26
CA VAL E 197 -40.50 -12.42 -58.25
C VAL E 197 -38.98 -12.56 -58.34
N LYS E 198 -38.32 -11.56 -58.93
CA LYS E 198 -36.87 -11.56 -59.15
C LYS E 198 -36.40 -12.82 -59.87
N THR E 199 -35.55 -13.62 -59.22
CA THR E 199 -34.93 -14.77 -59.86
C THR E 199 -35.26 -16.06 -59.10
N HIS E 200 -35.46 -17.13 -59.87
CA HIS E 200 -35.71 -18.47 -59.32
C HIS E 200 -34.93 -19.47 -60.17
N THR E 201 -33.66 -19.16 -60.44
CA THR E 201 -32.85 -19.94 -61.38
C THR E 201 -32.05 -21.06 -60.71
N ASN E 202 -32.05 -21.16 -59.39
CA ASN E 202 -31.24 -22.14 -58.68
C ASN E 202 -32.15 -23.16 -58.00
N ILE E 203 -31.92 -24.44 -58.30
CA ILE E 203 -32.60 -25.55 -57.64
C ILE E 203 -31.53 -26.51 -57.12
N SER E 204 -31.61 -26.85 -55.85
CA SER E 204 -30.59 -27.69 -55.20
C SER E 204 -30.94 -29.18 -55.27
N GLU E 205 -31.26 -29.65 -56.47
CA GLU E 205 -31.51 -31.07 -56.75
C GLU E 205 -32.58 -31.67 -55.82
N SER E 206 -32.21 -32.70 -55.07
CA SER E 206 -33.13 -33.38 -54.17
C SER E 206 -32.41 -33.69 -52.87
N HIS E 207 -33.19 -33.79 -51.79
CA HIS E 207 -32.62 -34.11 -50.48
C HIS E 207 -32.11 -35.55 -50.46
N PRO E 208 -31.05 -35.81 -49.69
CA PRO E 208 -30.57 -37.19 -49.56
C PRO E 208 -31.57 -38.14 -48.94
N ASN E 209 -32.47 -37.64 -48.09
CA ASN E 209 -33.45 -38.49 -47.42
C ASN E 209 -34.60 -38.78 -48.39
N ALA E 210 -35.69 -39.33 -47.86
CA ALA E 210 -36.86 -39.69 -48.66
C ALA E 210 -37.78 -38.49 -48.83
N THR E 211 -37.23 -37.45 -49.46
CA THR E 211 -37.98 -36.23 -49.76
C THR E 211 -37.24 -35.46 -50.84
N PHE E 212 -38.00 -34.70 -51.61
CA PHE E 212 -37.41 -33.84 -52.64
C PHE E 212 -37.15 -32.45 -52.08
N SER E 213 -36.25 -31.74 -52.73
CA SER E 213 -35.86 -30.38 -52.33
C SER E 213 -36.14 -29.43 -53.51
N ALA E 214 -37.33 -28.83 -53.49
CA ALA E 214 -37.72 -27.82 -54.48
C ALA E 214 -37.58 -26.45 -53.82
N VAL E 215 -36.34 -25.95 -53.77
CA VAL E 215 -36.08 -24.68 -53.13
C VAL E 215 -36.67 -23.55 -53.96
N GLY E 216 -37.10 -22.49 -53.27
CA GLY E 216 -37.72 -21.36 -53.92
C GLY E 216 -37.08 -20.04 -53.57
N GLU E 217 -35.76 -20.03 -53.44
CA GLU E 217 -35.05 -18.84 -53.00
C GLU E 217 -35.14 -17.73 -54.05
N ALA E 218 -35.10 -16.49 -53.57
CA ALA E 218 -35.15 -15.31 -54.43
C ALA E 218 -34.49 -14.15 -53.70
N SER E 219 -33.30 -13.76 -54.15
CA SER E 219 -32.57 -12.66 -53.55
C SER E 219 -33.14 -11.35 -54.09
N ILE E 220 -33.85 -10.61 -53.23
CA ILE E 220 -34.52 -9.38 -53.64
C ILE E 220 -33.91 -8.20 -52.89
N CYS E 221 -34.36 -7.00 -53.21
CA CYS E 221 -33.84 -5.80 -52.56
C CYS E 221 -34.23 -5.77 -51.09
N GLU E 222 -33.28 -5.34 -50.24
CA GLU E 222 -33.53 -5.29 -48.81
C GLU E 222 -34.61 -4.28 -48.46
N ASP E 223 -34.58 -3.09 -49.09
CA ASP E 223 -35.61 -2.09 -48.84
C ASP E 223 -36.96 -2.56 -49.34
N ASP E 224 -36.99 -3.25 -50.49
CA ASP E 224 -38.24 -3.79 -51.01
C ASP E 224 -38.81 -4.86 -50.09
N TRP E 225 -37.93 -5.66 -49.46
CA TRP E 225 -38.42 -6.68 -48.54
C TRP E 225 -38.89 -6.07 -47.23
N ASN E 226 -38.23 -5.01 -46.76
CA ASN E 226 -38.66 -4.32 -45.55
C ASN E 226 -39.87 -3.43 -45.78
N SER E 227 -40.23 -3.16 -47.04
CA SER E 227 -41.41 -2.34 -47.30
C SER E 227 -42.70 -3.07 -46.97
N GLY E 228 -42.67 -4.39 -46.83
CA GLY E 228 -43.85 -5.14 -46.47
C GLY E 228 -44.72 -5.54 -47.66
N GLU E 229 -44.13 -6.26 -48.61
CA GLU E 229 -44.85 -6.72 -49.79
C GLU E 229 -45.24 -8.18 -49.64
N ARG E 230 -46.41 -8.52 -50.17
CA ARG E 230 -46.95 -9.87 -50.09
C ARG E 230 -46.69 -10.62 -51.40
N PHE E 231 -46.30 -11.89 -51.27
CA PHE E 231 -45.97 -12.70 -52.43
C PHE E 231 -46.12 -14.17 -52.04
N THR E 232 -47.02 -14.89 -52.72
CA THR E 232 -47.33 -16.26 -52.36
C THR E 232 -46.73 -17.23 -53.36
N CYS E 233 -46.61 -18.49 -52.93
CA CYS E 233 -46.08 -19.58 -53.73
C CYS E 233 -47.23 -20.55 -54.01
N THR E 234 -48.00 -20.27 -55.06
CA THR E 234 -49.12 -21.14 -55.42
C THR E 234 -48.61 -22.43 -56.04
N VAL E 235 -49.27 -23.53 -55.70
CA VAL E 235 -48.88 -24.86 -56.15
C VAL E 235 -49.85 -25.30 -57.25
N THR E 236 -49.32 -25.53 -58.45
CA THR E 236 -50.10 -26.07 -59.56
C THR E 236 -49.64 -27.48 -59.92
N HIS E 237 -49.06 -28.19 -58.96
CA HIS E 237 -48.56 -29.53 -59.17
C HIS E 237 -49.71 -30.50 -59.43
N THR E 238 -49.37 -31.61 -60.10
CA THR E 238 -50.35 -32.68 -60.31
C THR E 238 -50.75 -33.32 -58.98
N ASP E 239 -49.79 -33.49 -58.07
CA ASP E 239 -50.09 -34.05 -56.76
C ASP E 239 -50.91 -33.09 -55.92
N LEU E 240 -50.69 -31.78 -56.07
CA LEU E 240 -51.38 -30.76 -55.28
C LEU E 240 -52.00 -29.74 -56.23
N PRO E 241 -53.11 -30.07 -56.88
CA PRO E 241 -53.75 -29.09 -57.79
C PRO E 241 -54.22 -27.84 -57.07
N SER E 242 -54.65 -27.94 -55.83
CA SER E 242 -55.11 -26.77 -55.09
C SER E 242 -53.92 -25.98 -54.57
N PRO E 243 -53.83 -24.68 -54.89
CA PRO E 243 -52.73 -23.88 -54.38
C PRO E 243 -52.80 -23.71 -52.87
N LEU E 244 -51.62 -23.58 -52.26
CA LEU E 244 -51.50 -23.42 -50.81
C LEU E 244 -51.18 -21.96 -50.47
N LYS E 245 -51.28 -21.66 -49.17
CA LYS E 245 -51.00 -20.33 -48.67
C LYS E 245 -49.55 -20.27 -48.19
N GLN E 246 -48.71 -19.59 -48.95
CA GLN E 246 -47.31 -19.36 -48.59
C GLN E 246 -47.11 -17.85 -48.56
N THR E 247 -47.49 -17.22 -47.45
CA THR E 247 -47.48 -15.77 -47.34
C THR E 247 -46.42 -15.37 -46.32
N ILE E 248 -45.38 -14.67 -46.78
CA ILE E 248 -44.28 -14.26 -45.94
C ILE E 248 -43.98 -12.78 -46.21
N SER E 249 -43.84 -12.00 -45.14
CA SER E 249 -43.55 -10.58 -45.23
C SER E 249 -43.16 -10.08 -43.84
N ARG E 250 -42.13 -9.25 -43.80
CA ARG E 250 -41.72 -8.65 -42.53
C ARG E 250 -42.80 -7.70 -42.02
N PRO E 251 -43.02 -7.65 -40.70
CA PRO E 251 -44.00 -6.70 -40.17
C PRO E 251 -43.53 -5.26 -40.33
N LYS E 252 -44.29 -4.47 -41.10
CA LYS E 252 -43.90 -3.09 -41.35
C LYS E 252 -43.98 -2.25 -40.09
N GLY E 253 -45.02 -2.44 -39.28
CA GLY E 253 -45.16 -1.67 -38.06
C GLY E 253 -44.52 -2.35 -36.87
N VAL E 254 -43.30 -1.93 -36.54
CA VAL E 254 -42.54 -2.48 -35.42
C VAL E 254 -41.88 -1.31 -34.69
N ALA E 255 -41.89 -1.36 -33.36
CA ALA E 255 -41.26 -0.34 -32.56
C ALA E 255 -39.73 -0.37 -32.73
N LEU E 256 -39.05 0.53 -32.04
CA LEU E 256 -37.60 0.67 -32.13
C LEU E 256 -36.99 0.53 -30.74
N HIS E 257 -35.99 -0.36 -30.62
CA HIS E 257 -35.25 -0.50 -29.37
C HIS E 257 -33.90 -1.14 -29.68
N ARG E 258 -32.84 -0.57 -29.12
CA ARG E 258 -31.50 -1.07 -29.37
C ARG E 258 -31.31 -2.43 -28.68
N PRO E 259 -30.52 -3.34 -29.26
CA PRO E 259 -30.10 -4.53 -28.51
C PRO E 259 -29.20 -4.15 -27.35
N ASP E 260 -29.71 -4.33 -26.13
CA ASP E 260 -28.93 -4.10 -24.92
C ASP E 260 -27.99 -5.29 -24.71
N VAL E 261 -26.91 -5.31 -25.48
CA VAL E 261 -25.95 -6.41 -25.44
C VAL E 261 -25.00 -6.22 -24.27
N TYR E 262 -24.74 -7.31 -23.55
CA TYR E 262 -23.84 -7.32 -22.40
C TYR E 262 -23.10 -8.65 -22.40
N LEU E 263 -21.77 -8.59 -22.52
CA LEU E 263 -20.98 -9.80 -22.71
C LEU E 263 -20.50 -10.32 -21.36
N LEU E 264 -20.84 -11.57 -21.06
CA LEU E 264 -20.65 -12.15 -19.75
C LEU E 264 -19.54 -13.20 -19.78
N PRO E 265 -18.42 -12.98 -19.07
CA PRO E 265 -17.41 -14.04 -18.98
C PRO E 265 -17.93 -15.21 -18.17
N PRO E 266 -17.38 -16.41 -18.38
CA PRO E 266 -17.90 -17.60 -17.70
C PRO E 266 -17.69 -17.56 -16.19
N ALA E 267 -18.15 -18.62 -15.50
CA ALA E 267 -18.03 -18.68 -14.06
C ALA E 267 -16.57 -18.67 -13.63
N ARG E 268 -16.33 -18.04 -12.47
CA ARG E 268 -14.98 -18.00 -11.91
C ARG E 268 -14.45 -19.40 -11.59
N GLU E 269 -15.35 -20.37 -11.44
CA GLU E 269 -14.93 -21.75 -11.16
C GLU E 269 -14.54 -22.52 -12.42
N GLN E 270 -14.63 -21.90 -13.61
CA GLN E 270 -14.10 -22.52 -14.81
C GLN E 270 -12.58 -22.68 -14.74
N LEU E 271 -11.92 -21.79 -14.00
CA LEU E 271 -10.48 -21.95 -13.74
C LEU E 271 -10.19 -23.25 -13.00
N ASN E 272 -11.16 -23.73 -12.22
CA ASN E 272 -11.01 -25.01 -11.54
C ASN E 272 -11.52 -26.17 -12.38
N LEU E 273 -12.56 -25.94 -13.19
CA LEU E 273 -13.10 -27.01 -14.03
C LEU E 273 -12.13 -27.41 -15.13
N ARG E 274 -11.60 -26.43 -15.87
CA ARG E 274 -10.64 -26.66 -16.95
C ARG E 274 -11.16 -27.66 -17.98
N GLU E 275 -12.45 -27.57 -18.30
CA GLU E 275 -13.04 -28.41 -19.34
C GLU E 275 -13.51 -27.59 -20.53
N SER E 276 -14.42 -26.64 -20.35
CA SER E 276 -14.93 -25.84 -21.46
C SER E 276 -15.46 -24.52 -20.91
N ALA E 277 -14.72 -23.45 -21.12
CA ALA E 277 -15.19 -22.10 -20.79
C ALA E 277 -16.15 -21.64 -21.87
N THR E 278 -17.31 -21.14 -21.45
CA THR E 278 -18.37 -20.74 -22.37
C THR E 278 -18.73 -19.27 -22.08
N ILE E 279 -18.25 -18.38 -22.93
CA ILE E 279 -18.63 -16.97 -22.86
C ILE E 279 -19.94 -16.79 -23.62
N THR E 280 -20.90 -16.13 -23.00
CA THR E 280 -22.21 -15.92 -23.62
C THR E 280 -22.36 -14.44 -24.01
N CYS E 281 -22.90 -14.21 -25.20
CA CYS E 281 -23.21 -12.86 -25.66
C CYS E 281 -24.66 -12.54 -25.32
N LEU E 282 -24.87 -12.18 -24.06
CA LEU E 282 -26.21 -11.96 -23.50
C LEU E 282 -26.79 -10.67 -24.05
N VAL E 283 -27.67 -10.80 -25.05
CA VAL E 283 -28.35 -9.66 -25.67
C VAL E 283 -29.81 -9.67 -25.23
N THR E 284 -30.31 -8.51 -24.80
CA THR E 284 -31.67 -8.37 -24.32
C THR E 284 -32.35 -7.16 -24.95
N GLY E 285 -33.68 -7.26 -25.08
CA GLY E 285 -34.48 -6.11 -25.43
C GLY E 285 -34.29 -5.49 -26.80
N PHE E 286 -34.29 -6.30 -27.86
CA PHE E 286 -34.37 -5.79 -29.22
C PHE E 286 -35.79 -5.97 -29.74
N SER E 287 -36.35 -4.91 -30.31
CA SER E 287 -37.75 -4.90 -30.73
C SER E 287 -38.10 -5.84 -31.88
N PRO E 288 -37.24 -6.10 -32.87
CA PRO E 288 -37.57 -7.13 -33.87
C PRO E 288 -37.52 -8.52 -33.28
N ALA E 289 -38.10 -9.47 -34.03
CA ALA E 289 -38.24 -10.83 -33.53
C ALA E 289 -36.90 -11.55 -33.47
N ASP E 290 -36.04 -11.36 -34.46
CA ASP E 290 -34.83 -12.17 -34.60
C ASP E 290 -33.59 -11.28 -34.79
N VAL E 291 -32.47 -11.76 -34.25
CA VAL E 291 -31.15 -11.17 -34.46
C VAL E 291 -30.17 -12.29 -34.79
N PHE E 292 -29.02 -11.89 -35.33
CA PHE E 292 -27.95 -12.83 -35.68
C PHE E 292 -26.73 -12.50 -34.83
N VAL E 293 -26.44 -13.34 -33.86
CA VAL E 293 -25.30 -13.15 -32.96
C VAL E 293 -24.20 -14.12 -33.34
N GLN E 294 -23.04 -13.58 -33.71
CA GLN E 294 -21.87 -14.36 -34.07
C GLN E 294 -20.66 -13.85 -33.30
N TRP E 295 -19.55 -14.58 -33.41
CA TRP E 295 -18.41 -14.36 -32.53
C TRP E 295 -17.15 -14.04 -33.34
N MET E 296 -16.17 -13.47 -32.66
CA MET E 296 -14.93 -12.99 -33.27
C MET E 296 -13.71 -13.58 -32.56
N GLN E 297 -12.79 -14.13 -33.35
CA GLN E 297 -11.47 -14.53 -32.88
C GLN E 297 -10.53 -13.36 -33.13
N ARG E 298 -10.58 -12.38 -32.22
CA ARG E 298 -9.89 -11.09 -32.39
C ARG E 298 -10.35 -10.38 -33.66
N GLY E 299 -11.60 -10.58 -34.05
CA GLY E 299 -12.15 -9.93 -35.23
C GLY E 299 -12.45 -10.83 -36.40
N GLN E 300 -12.43 -12.15 -36.23
CA GLN E 300 -12.66 -13.08 -37.32
C GLN E 300 -13.84 -13.98 -36.98
N PRO E 301 -14.78 -14.18 -37.91
CA PRO E 301 -16.00 -14.93 -37.58
C PRO E 301 -15.72 -16.37 -37.17
N LEU E 302 -16.46 -16.83 -36.16
CA LEU E 302 -16.44 -18.23 -35.74
C LEU E 302 -17.44 -19.04 -36.57
N SER E 303 -17.23 -20.35 -36.58
CA SER E 303 -18.13 -21.24 -37.29
C SER E 303 -19.44 -21.39 -36.51
N PRO E 304 -20.56 -21.56 -37.21
CA PRO E 304 -21.83 -21.83 -36.52
C PRO E 304 -21.85 -23.15 -35.77
N GLU E 305 -20.88 -24.03 -36.02
CA GLU E 305 -20.73 -25.26 -35.24
C GLU E 305 -19.88 -25.05 -33.99
N LYS E 306 -19.42 -23.83 -33.74
CA LYS E 306 -18.72 -23.47 -32.51
C LYS E 306 -19.57 -22.62 -31.59
N TYR E 307 -20.32 -21.65 -32.12
CA TYR E 307 -21.29 -20.90 -31.34
C TYR E 307 -22.70 -21.31 -31.74
N VAL E 308 -23.57 -21.40 -30.74
CA VAL E 308 -24.99 -21.66 -30.96
C VAL E 308 -25.78 -20.44 -30.54
N THR E 309 -26.60 -19.93 -31.45
CA THR E 309 -27.40 -18.75 -31.18
C THR E 309 -28.76 -19.17 -30.62
N SER E 310 -29.06 -18.72 -29.41
CA SER E 310 -30.34 -19.03 -28.80
C SER E 310 -31.48 -18.42 -29.60
N ALA E 311 -32.54 -19.20 -29.79
CA ALA E 311 -33.70 -18.71 -30.53
C ALA E 311 -34.35 -17.57 -29.75
N PRO E 312 -34.59 -16.43 -30.38
CA PRO E 312 -35.10 -15.26 -29.65
C PRO E 312 -36.58 -15.38 -29.31
N MET E 313 -36.87 -15.60 -28.03
CA MET E 313 -38.21 -15.50 -27.48
C MET E 313 -38.39 -14.17 -26.76
N PRO E 314 -39.62 -13.74 -26.51
CA PRO E 314 -39.85 -12.38 -25.99
C PRO E 314 -39.15 -12.11 -24.66
N GLU E 315 -38.64 -10.89 -24.54
CA GLU E 315 -38.17 -10.36 -23.27
C GLU E 315 -39.33 -10.33 -22.28
N PRO E 316 -39.16 -10.89 -21.07
CA PRO E 316 -40.30 -10.96 -20.15
C PRO E 316 -40.72 -9.61 -19.57
N GLN E 317 -39.88 -8.59 -19.64
CA GLN E 317 -40.29 -7.26 -19.18
C GLN E 317 -41.33 -6.64 -20.12
N ALA E 318 -41.09 -6.71 -21.43
CA ALA E 318 -42.01 -6.16 -22.40
C ALA E 318 -42.19 -7.13 -23.57
N PRO E 319 -43.44 -7.46 -23.92
CA PRO E 319 -43.65 -8.37 -25.05
C PRO E 319 -43.15 -7.81 -26.38
N GLY E 320 -43.06 -6.49 -26.53
CA GLY E 320 -42.58 -5.91 -27.77
C GLY E 320 -41.10 -6.11 -28.01
N ARG E 321 -40.34 -6.40 -26.96
CA ARG E 321 -38.91 -6.65 -27.06
C ARG E 321 -38.62 -8.14 -26.94
N TYR E 322 -37.52 -8.56 -27.54
CA TYR E 322 -37.05 -9.95 -27.53
C TYR E 322 -35.59 -9.99 -27.09
N PHE E 323 -35.17 -11.17 -26.65
CA PHE E 323 -33.79 -11.40 -26.22
C PHE E 323 -33.29 -12.71 -26.80
N ALA E 324 -31.97 -12.79 -26.99
CA ALA E 324 -31.34 -13.98 -27.54
C ALA E 324 -30.01 -14.19 -26.82
N HIS E 325 -29.28 -15.22 -27.25
CA HIS E 325 -27.94 -15.48 -26.71
C HIS E 325 -27.06 -16.02 -27.83
N SER E 326 -25.79 -16.21 -27.49
CA SER E 326 -24.86 -17.02 -28.27
C SER E 326 -23.64 -17.32 -27.42
N ILE E 327 -23.35 -18.61 -27.19
CA ILE E 327 -22.25 -19.00 -26.34
C ILE E 327 -21.08 -19.40 -27.21
N LEU E 328 -19.89 -19.50 -26.61
CA LEU E 328 -18.68 -19.86 -27.34
C LEU E 328 -17.96 -20.91 -26.52
N THR E 329 -18.18 -22.18 -26.87
CA THR E 329 -17.55 -23.30 -26.18
C THR E 329 -16.08 -23.36 -26.57
N VAL E 330 -15.23 -22.78 -25.72
CA VAL E 330 -13.79 -22.77 -25.94
C VAL E 330 -13.11 -23.42 -24.75
N SER E 331 -11.78 -23.51 -24.79
CA SER E 331 -11.03 -24.04 -23.66
C SER E 331 -10.64 -22.92 -22.72
N GLU E 332 -10.57 -23.25 -21.43
CA GLU E 332 -10.14 -22.27 -20.43
C GLU E 332 -8.69 -21.85 -20.65
N GLU E 333 -7.86 -22.77 -21.17
CA GLU E 333 -6.45 -22.45 -21.40
C GLU E 333 -6.31 -21.32 -22.40
N GLU E 334 -7.06 -21.37 -23.51
CA GLU E 334 -7.01 -20.30 -24.48
C GLU E 334 -7.85 -19.10 -24.10
N TRP E 335 -8.76 -19.25 -23.13
CA TRP E 335 -9.48 -18.09 -22.59
C TRP E 335 -8.62 -17.26 -21.65
N ASN E 336 -7.73 -17.90 -20.90
CA ASN E 336 -6.94 -17.22 -19.88
C ASN E 336 -5.63 -16.65 -20.41
N THR E 337 -5.40 -16.69 -21.72
CA THR E 337 -4.23 -16.06 -22.32
C THR E 337 -4.46 -14.58 -22.65
N GLY E 338 -5.43 -13.94 -22.02
CA GLY E 338 -5.76 -12.58 -22.36
C GLY E 338 -6.43 -12.42 -23.70
N GLU E 339 -7.06 -13.48 -24.20
CA GLU E 339 -7.71 -13.45 -25.50
C GLU E 339 -8.97 -12.60 -25.44
N THR E 340 -9.02 -11.56 -26.26
CA THR E 340 -10.19 -10.68 -26.29
C THR E 340 -11.31 -11.41 -27.02
N TYR E 341 -12.17 -12.09 -26.25
CA TYR E 341 -13.28 -12.85 -26.80
C TYR E 341 -14.42 -11.89 -27.08
N THR E 342 -14.71 -11.67 -28.36
CA THR E 342 -15.60 -10.60 -28.81
C THR E 342 -16.86 -11.21 -29.41
N CYS E 343 -18.02 -10.67 -29.04
CA CYS E 343 -19.28 -11.05 -29.65
C CYS E 343 -19.90 -9.83 -30.31
N VAL E 344 -20.71 -10.08 -31.35
CA VAL E 344 -21.44 -9.02 -32.04
C VAL E 344 -22.89 -9.48 -32.21
N VAL E 345 -23.80 -8.52 -32.21
CA VAL E 345 -25.24 -8.76 -32.34
C VAL E 345 -25.74 -7.92 -33.49
N ALA E 346 -26.30 -8.57 -34.51
CA ALA E 346 -26.92 -7.85 -35.61
C ALA E 346 -28.32 -7.37 -35.21
N HIS E 347 -28.90 -6.51 -36.05
CA HIS E 347 -30.17 -5.87 -35.71
C HIS E 347 -30.75 -5.22 -36.97
N GLU E 348 -32.07 -5.07 -36.97
CA GLU E 348 -32.82 -4.49 -38.07
C GLU E 348 -33.15 -3.02 -37.87
N ALA E 349 -33.75 -2.66 -36.74
CA ALA E 349 -34.29 -1.33 -36.54
C ALA E 349 -33.25 -0.28 -36.17
N LEU E 350 -32.02 -0.69 -35.87
CA LEU E 350 -31.01 0.29 -35.49
C LEU E 350 -30.49 1.05 -36.70
N PRO E 351 -30.04 2.30 -36.51
CA PRO E 351 -29.24 2.95 -37.55
C PRO E 351 -27.84 2.38 -37.66
N ASN E 352 -27.36 1.70 -36.61
CA ASN E 352 -26.03 1.09 -36.60
C ASN E 352 -26.06 -0.37 -37.03
N ARG E 353 -27.08 -1.11 -36.56
CA ARG E 353 -27.44 -2.46 -37.02
C ARG E 353 -26.45 -3.53 -36.55
N VAL E 354 -25.34 -3.12 -35.95
CA VAL E 354 -24.35 -4.06 -35.41
C VAL E 354 -23.76 -3.49 -34.14
N THR E 355 -24.04 -4.11 -33.01
CA THR E 355 -23.44 -3.72 -31.74
C THR E 355 -22.44 -4.79 -31.29
N GLU E 356 -21.52 -4.41 -30.40
CA GLU E 356 -20.39 -5.27 -30.12
C GLU E 356 -19.82 -5.01 -28.74
N ARG E 357 -19.46 -6.09 -28.05
CA ARG E 357 -18.83 -6.05 -26.74
C ARG E 357 -17.64 -6.99 -26.71
N THR E 358 -16.68 -6.68 -25.83
CA THR E 358 -15.46 -7.46 -25.69
C THR E 358 -15.28 -7.86 -24.23
N VAL E 359 -14.63 -9.00 -24.01
CA VAL E 359 -14.37 -9.49 -22.66
C VAL E 359 -12.96 -10.06 -22.58
N ASP E 360 -12.35 -9.92 -21.41
CA ASP E 360 -11.04 -10.49 -21.10
C ASP E 360 -11.09 -10.98 -19.65
N LYS E 361 -9.93 -11.39 -19.14
CA LYS E 361 -9.81 -11.61 -17.71
C LYS E 361 -9.94 -10.30 -16.95
N SER E 362 -9.35 -9.22 -17.49
CA SER E 362 -9.39 -7.92 -16.84
C SER E 362 -10.64 -7.12 -17.20
N THR E 363 -11.24 -7.37 -18.36
CA THR E 363 -12.40 -6.61 -18.78
C THR E 363 -13.59 -6.84 -17.85
N GLY E 364 -13.77 -8.07 -17.39
CA GLY E 364 -14.87 -8.34 -16.48
C GLY E 364 -14.45 -8.14 -15.03
N LYS E 365 -14.79 -6.97 -14.49
CA LYS E 365 -14.43 -6.55 -13.14
C LYS E 365 -12.94 -6.76 -12.84
N ILE F 152 -58.37 -31.26 -39.28
CA ILE F 152 -59.02 -32.28 -38.47
C ILE F 152 -58.04 -33.41 -38.18
N ARG F 153 -57.29 -33.28 -37.09
CA ARG F 153 -56.33 -34.29 -36.70
C ARG F 153 -56.16 -34.27 -35.18
N VAL F 154 -56.04 -35.45 -34.59
CA VAL F 154 -55.86 -35.59 -33.15
C VAL F 154 -54.37 -35.49 -32.85
N PHE F 155 -53.97 -34.44 -32.14
CA PHE F 155 -52.58 -34.25 -31.78
C PHE F 155 -52.23 -35.07 -30.55
N ALA F 156 -50.98 -35.52 -30.49
CA ALA F 156 -50.46 -36.30 -29.38
C ALA F 156 -49.57 -35.43 -28.52
N ILE F 157 -49.85 -35.40 -27.22
CA ILE F 157 -49.06 -34.59 -26.29
C ILE F 157 -48.29 -35.54 -25.37
N PRO F 158 -47.00 -35.78 -25.63
CA PRO F 158 -46.21 -36.58 -24.70
C PRO F 158 -45.85 -35.77 -23.47
N PRO F 159 -45.55 -36.42 -22.36
CA PRO F 159 -45.16 -35.66 -21.16
C PRO F 159 -43.76 -35.10 -21.30
N SER F 160 -43.68 -33.79 -21.57
CA SER F 160 -42.40 -33.10 -21.60
C SER F 160 -41.89 -32.89 -20.19
N PHE F 161 -40.56 -32.92 -20.04
CA PHE F 161 -39.98 -32.80 -18.71
C PHE F 161 -40.31 -31.44 -18.08
N ALA F 162 -40.41 -30.39 -18.89
CA ALA F 162 -40.80 -29.09 -18.38
C ALA F 162 -42.18 -29.12 -17.76
N SER F 163 -43.15 -29.74 -18.46
CA SER F 163 -44.52 -29.80 -17.94
C SER F 163 -44.61 -30.71 -16.73
N ILE F 164 -43.91 -31.85 -16.75
CA ILE F 164 -43.98 -32.75 -15.61
C ILE F 164 -43.26 -32.18 -14.39
N PHE F 165 -42.29 -31.29 -14.58
CA PHE F 165 -41.73 -30.58 -13.43
C PHE F 165 -42.62 -29.44 -12.97
N LEU F 166 -43.33 -28.79 -13.90
CA LEU F 166 -44.25 -27.73 -13.51
C LEU F 166 -45.39 -28.27 -12.68
N THR F 167 -45.95 -29.42 -13.06
CA THR F 167 -47.08 -30.01 -12.35
C THR F 167 -46.67 -31.12 -11.39
N LYS F 168 -45.37 -31.44 -11.29
CA LYS F 168 -44.83 -32.45 -10.38
C LYS F 168 -45.49 -33.82 -10.57
N SER F 169 -45.80 -34.16 -11.82
CA SER F 169 -46.37 -35.45 -12.15
C SER F 169 -46.26 -35.66 -13.66
N THR F 170 -46.08 -36.92 -14.07
CA THR F 170 -46.01 -37.24 -15.49
C THR F 170 -47.43 -37.49 -16.02
N LYS F 171 -47.80 -36.75 -17.07
CA LYS F 171 -49.16 -36.80 -17.62
C LYS F 171 -49.08 -36.87 -19.13
N LEU F 172 -49.61 -37.94 -19.71
CA LEU F 172 -49.67 -38.12 -21.16
C LEU F 172 -51.13 -38.01 -21.61
N THR F 173 -51.37 -37.18 -22.62
CA THR F 173 -52.72 -36.90 -23.10
C THR F 173 -52.77 -37.07 -24.61
N CYS F 174 -53.99 -37.11 -25.13
CA CYS F 174 -54.26 -37.02 -26.57
C CYS F 174 -55.19 -35.84 -26.77
N LEU F 175 -54.60 -34.65 -26.89
CA LEU F 175 -55.33 -33.40 -26.94
C LEU F 175 -55.49 -32.98 -28.40
N VAL F 176 -56.74 -32.77 -28.82
CA VAL F 176 -57.00 -32.38 -30.21
C VAL F 176 -56.64 -30.92 -30.41
N THR F 177 -56.06 -30.61 -31.57
CA THR F 177 -55.68 -29.25 -31.93
C THR F 177 -56.38 -28.76 -33.19
N ASP F 178 -56.48 -29.59 -34.22
CA ASP F 178 -57.17 -29.22 -35.45
C ASP F 178 -58.67 -29.46 -35.40
N LEU F 179 -59.18 -30.06 -34.32
CA LEU F 179 -60.62 -30.29 -34.16
C LEU F 179 -61.26 -28.98 -33.72
N THR F 180 -62.00 -28.35 -34.63
CA THR F 180 -62.56 -27.03 -34.34
C THR F 180 -63.85 -27.12 -33.53
N THR F 181 -64.88 -27.75 -34.11
CA THR F 181 -66.17 -27.87 -33.42
C THR F 181 -66.84 -29.15 -33.91
N TYR F 182 -66.71 -30.22 -33.13
CA TYR F 182 -67.35 -31.50 -33.45
C TYR F 182 -67.76 -32.16 -32.15
N ASP F 183 -69.06 -32.29 -31.93
CA ASP F 183 -69.60 -32.82 -30.69
C ASP F 183 -69.58 -34.35 -30.72
N SER F 184 -70.23 -34.97 -29.74
CA SER F 184 -70.26 -36.43 -29.57
C SER F 184 -68.85 -36.99 -29.47
N VAL F 185 -68.08 -36.43 -28.54
CA VAL F 185 -66.70 -36.86 -28.33
C VAL F 185 -66.69 -37.97 -27.29
N THR F 186 -66.28 -39.17 -27.72
CA THR F 186 -66.14 -40.33 -26.83
C THR F 186 -64.73 -40.90 -27.05
N ILE F 187 -63.78 -40.35 -26.32
CA ILE F 187 -62.38 -40.75 -26.45
C ILE F 187 -62.12 -41.94 -25.55
N SER F 188 -61.16 -42.77 -25.94
CA SER F 188 -60.80 -43.96 -25.18
C SER F 188 -59.28 -44.13 -25.22
N TRP F 189 -58.80 -45.16 -24.54
CA TRP F 189 -57.37 -45.45 -24.43
C TRP F 189 -57.17 -46.95 -24.52
N THR F 190 -56.79 -47.44 -25.70
CA THR F 190 -56.48 -48.86 -25.90
C THR F 190 -55.07 -48.97 -26.47
N ARG F 191 -54.21 -49.71 -25.78
CA ARG F 191 -52.87 -49.98 -26.23
C ARG F 191 -52.85 -51.28 -27.04
N GLN F 192 -51.64 -51.80 -27.33
CA GLN F 192 -51.53 -53.09 -28.00
C GLN F 192 -52.03 -54.24 -27.13
N ASN F 193 -52.15 -54.03 -25.83
CA ASN F 193 -52.73 -54.99 -24.89
C ASN F 193 -54.06 -54.46 -24.38
N GLY F 194 -54.70 -55.24 -23.51
CA GLY F 194 -55.98 -54.85 -22.95
C GLY F 194 -55.86 -54.08 -21.65
N GLU F 195 -55.28 -52.89 -21.71
CA GLU F 195 -55.11 -52.04 -20.53
C GLU F 195 -55.53 -50.62 -20.86
N ALA F 196 -56.22 -49.99 -19.91
CA ALA F 196 -56.69 -48.62 -20.05
C ALA F 196 -56.01 -47.72 -19.02
N VAL F 197 -56.45 -46.46 -18.97
CA VAL F 197 -55.88 -45.51 -18.03
C VAL F 197 -56.33 -45.85 -16.61
N LYS F 198 -55.54 -45.39 -15.63
CA LYS F 198 -55.92 -45.53 -14.24
C LYS F 198 -57.05 -44.57 -13.88
N THR F 199 -56.95 -43.32 -14.34
CA THR F 199 -57.96 -42.31 -14.04
C THR F 199 -57.93 -41.26 -15.15
N HIS F 200 -59.08 -41.02 -15.77
CA HIS F 200 -59.23 -40.00 -16.80
C HIS F 200 -60.44 -39.15 -16.45
N THR F 201 -60.19 -37.91 -16.03
CA THR F 201 -61.24 -37.04 -15.51
C THR F 201 -60.90 -35.60 -15.90
N ASN F 202 -61.81 -34.68 -15.57
CA ASN F 202 -61.66 -33.25 -15.81
C ASN F 202 -61.56 -32.95 -17.30
N ILE F 203 -62.57 -33.39 -18.06
CA ILE F 203 -62.63 -33.10 -19.48
C ILE F 203 -62.98 -31.63 -19.70
N SER F 204 -62.57 -31.11 -20.85
CA SER F 204 -62.83 -29.73 -21.23
C SER F 204 -63.79 -29.69 -22.40
N GLU F 205 -64.79 -28.82 -22.34
CA GLU F 205 -65.82 -28.78 -23.36
C GLU F 205 -65.37 -27.99 -24.59
N SER F 206 -65.10 -26.70 -24.41
CA SER F 206 -64.75 -25.83 -25.54
C SER F 206 -63.91 -24.66 -25.04
N HIS F 207 -63.22 -24.02 -25.97
CA HIS F 207 -62.43 -22.84 -25.73
C HIS F 207 -63.18 -21.60 -26.24
N PRO F 208 -62.78 -20.40 -25.80
CA PRO F 208 -63.36 -19.19 -26.43
C PRO F 208 -63.15 -19.13 -27.93
N ASN F 209 -62.01 -19.62 -28.42
CA ASN F 209 -61.78 -19.75 -29.85
C ASN F 209 -62.49 -21.00 -30.38
N ALA F 210 -62.55 -21.12 -31.71
CA ALA F 210 -63.22 -22.25 -32.35
C ALA F 210 -62.25 -23.44 -32.43
N THR F 211 -61.95 -24.00 -31.26
CA THR F 211 -61.07 -25.16 -31.17
C THR F 211 -61.45 -25.94 -29.92
N PHE F 212 -61.99 -27.15 -30.11
CA PHE F 212 -62.29 -28.01 -28.99
C PHE F 212 -61.00 -28.53 -28.34
N SER F 213 -61.08 -28.81 -27.04
CA SER F 213 -59.95 -29.28 -26.26
C SER F 213 -60.36 -30.57 -25.54
N ALA F 214 -60.14 -31.71 -26.19
CA ALA F 214 -60.42 -33.01 -25.60
C ALA F 214 -59.15 -33.46 -24.88
N VAL F 215 -59.10 -33.23 -23.57
CA VAL F 215 -57.91 -33.53 -22.79
C VAL F 215 -57.90 -35.01 -22.42
N GLY F 216 -56.71 -35.50 -22.08
CA GLY F 216 -56.53 -36.89 -21.72
C GLY F 216 -55.61 -37.10 -20.54
N GLU F 217 -55.66 -36.17 -19.58
CA GLU F 217 -54.76 -36.22 -18.44
C GLU F 217 -55.00 -37.46 -17.59
N ALA F 218 -53.91 -38.03 -17.08
CA ALA F 218 -53.96 -39.23 -16.27
C ALA F 218 -52.76 -39.27 -15.36
N SER F 219 -52.83 -40.13 -14.34
CA SER F 219 -51.73 -40.32 -13.39
C SER F 219 -50.89 -41.50 -13.83
N ILE F 220 -49.62 -41.25 -14.12
CA ILE F 220 -48.69 -42.26 -14.60
C ILE F 220 -47.49 -42.31 -13.66
N CYS F 221 -47.08 -43.51 -13.29
CA CYS F 221 -45.96 -43.67 -12.37
C CYS F 221 -44.63 -43.38 -13.07
N GLU F 222 -43.74 -42.70 -12.36
CA GLU F 222 -42.44 -42.37 -12.93
C GLU F 222 -41.61 -43.62 -13.19
N ASP F 223 -41.72 -44.65 -12.34
CA ASP F 223 -40.92 -45.85 -12.52
C ASP F 223 -41.26 -46.57 -13.81
N ASP F 224 -42.54 -46.86 -14.03
CA ASP F 224 -42.90 -47.54 -15.27
C ASP F 224 -42.88 -46.61 -16.48
N TRP F 225 -42.98 -45.29 -16.27
CA TRP F 225 -42.74 -44.36 -17.36
C TRP F 225 -41.29 -44.43 -17.83
N ASN F 226 -40.35 -44.51 -16.88
CA ASN F 226 -38.94 -44.69 -17.24
C ASN F 226 -38.69 -46.05 -17.87
N SER F 227 -39.35 -47.10 -17.35
CA SER F 227 -39.21 -48.42 -17.95
C SER F 227 -39.80 -48.47 -19.36
N GLY F 228 -40.74 -47.59 -19.68
CA GLY F 228 -41.21 -47.44 -21.05
C GLY F 228 -42.35 -48.35 -21.45
N GLU F 229 -43.46 -48.28 -20.72
CA GLU F 229 -44.66 -49.00 -21.13
C GLU F 229 -45.27 -48.35 -22.36
N ARG F 230 -45.75 -49.18 -23.29
CA ARG F 230 -46.34 -48.71 -24.53
C ARG F 230 -47.82 -48.46 -24.33
N PHE F 231 -48.27 -47.24 -24.63
CA PHE F 231 -49.65 -46.86 -24.40
C PHE F 231 -50.04 -45.78 -25.40
N THR F 232 -51.17 -45.96 -26.05
CA THR F 232 -51.61 -45.05 -27.11
C THR F 232 -53.09 -44.71 -26.92
N CYS F 233 -53.48 -43.54 -27.42
CA CYS F 233 -54.86 -43.06 -27.36
C CYS F 233 -55.57 -43.44 -28.66
N THR F 234 -56.52 -44.36 -28.56
CA THR F 234 -57.36 -44.68 -29.70
C THR F 234 -58.37 -43.57 -29.95
N VAL F 235 -58.71 -43.37 -31.23
CA VAL F 235 -59.63 -42.33 -31.64
C VAL F 235 -60.93 -42.99 -32.08
N THR F 236 -62.00 -42.74 -31.31
CA THR F 236 -63.34 -43.22 -31.64
C THR F 236 -64.24 -41.99 -31.67
N HIS F 237 -64.31 -41.35 -32.83
CA HIS F 237 -65.03 -40.10 -33.00
C HIS F 237 -65.89 -40.18 -34.25
N THR F 238 -66.94 -39.34 -34.28
CA THR F 238 -67.78 -39.26 -35.46
C THR F 238 -67.00 -38.76 -36.67
N ASP F 239 -66.12 -37.78 -36.46
CA ASP F 239 -65.31 -37.28 -37.57
C ASP F 239 -64.22 -38.28 -37.97
N LEU F 240 -63.54 -38.86 -36.99
CA LEU F 240 -62.41 -39.77 -37.24
C LEU F 240 -62.62 -41.06 -36.46
N PRO F 241 -63.45 -41.98 -36.98
CA PRO F 241 -63.60 -43.28 -36.31
C PRO F 241 -62.33 -44.12 -36.32
N SER F 242 -61.40 -43.86 -37.24
CA SER F 242 -60.18 -44.66 -37.33
C SER F 242 -59.23 -44.31 -36.19
N PRO F 243 -58.76 -45.29 -35.43
CA PRO F 243 -57.79 -44.99 -34.37
C PRO F 243 -56.45 -44.56 -34.94
N LEU F 244 -55.74 -43.75 -34.17
CA LEU F 244 -54.43 -43.23 -34.55
C LEU F 244 -53.38 -43.75 -33.60
N LYS F 245 -52.30 -44.31 -34.15
CA LYS F 245 -51.22 -44.87 -33.34
C LYS F 245 -50.31 -43.75 -32.85
N GLN F 246 -50.21 -43.59 -31.54
CA GLN F 246 -49.38 -42.56 -30.90
C GLN F 246 -48.52 -43.24 -29.84
N THR F 247 -47.33 -43.70 -30.24
CA THR F 247 -46.39 -44.31 -29.30
C THR F 247 -45.77 -43.20 -28.46
N ILE F 248 -46.29 -43.01 -27.25
CA ILE F 248 -45.92 -41.91 -26.38
C ILE F 248 -44.87 -42.42 -25.40
N SER F 249 -43.60 -42.11 -25.67
CA SER F 249 -42.50 -42.42 -24.77
C SER F 249 -41.30 -41.59 -25.16
N ARG F 250 -40.42 -41.37 -24.19
CA ARG F 250 -39.17 -40.67 -24.47
C ARG F 250 -38.25 -41.58 -25.29
N PRO F 251 -37.36 -40.98 -26.09
CA PRO F 251 -36.40 -41.80 -26.85
C PRO F 251 -35.45 -42.58 -25.94
N LYS F 252 -35.59 -43.92 -25.95
CA LYS F 252 -34.77 -44.74 -25.07
C LYS F 252 -33.31 -44.78 -25.51
N GLY F 253 -33.05 -44.61 -26.80
CA GLY F 253 -31.68 -44.57 -27.26
C GLY F 253 -31.12 -43.16 -27.21
N VAL F 254 -30.44 -42.84 -26.11
CA VAL F 254 -29.86 -41.52 -25.87
C VAL F 254 -28.88 -41.64 -24.71
N ALA F 255 -27.88 -40.76 -24.68
CA ALA F 255 -26.94 -40.76 -23.58
C ALA F 255 -27.56 -40.13 -22.33
N LEU F 256 -26.87 -40.28 -21.20
CA LEU F 256 -27.29 -39.69 -19.93
C LEU F 256 -26.13 -38.82 -19.44
N HIS F 257 -26.13 -37.56 -19.85
CA HIS F 257 -25.09 -36.61 -19.49
C HIS F 257 -25.72 -35.43 -18.78
N ARG F 258 -25.21 -35.10 -17.59
CA ARG F 258 -25.83 -34.06 -16.78
C ARG F 258 -25.50 -32.68 -17.34
N PRO F 259 -26.37 -31.70 -17.10
CA PRO F 259 -26.06 -30.32 -17.51
C PRO F 259 -24.91 -29.73 -16.71
N ASP F 260 -23.79 -29.47 -17.37
CA ASP F 260 -22.69 -28.76 -16.73
C ASP F 260 -23.07 -27.29 -16.58
N VAL F 261 -23.70 -26.94 -15.46
CA VAL F 261 -24.34 -25.64 -15.29
C VAL F 261 -23.30 -24.61 -14.85
N TYR F 262 -23.30 -23.46 -15.50
CA TYR F 262 -22.46 -22.33 -15.12
C TYR F 262 -23.35 -21.10 -14.96
N LEU F 263 -23.26 -20.45 -13.81
CA LEU F 263 -24.03 -19.24 -13.54
C LEU F 263 -23.12 -18.03 -13.70
N LEU F 264 -23.54 -17.10 -14.56
CA LEU F 264 -22.68 -16.02 -15.01
C LEU F 264 -23.21 -14.68 -14.53
N PRO F 265 -22.47 -13.93 -13.72
CA PRO F 265 -22.91 -12.60 -13.33
C PRO F 265 -22.77 -11.61 -14.47
N PRO F 266 -23.60 -10.58 -14.53
CA PRO F 266 -23.48 -9.57 -15.58
C PRO F 266 -22.20 -8.77 -15.41
N ALA F 267 -21.67 -8.31 -16.55
CA ALA F 267 -20.42 -7.56 -16.55
C ALA F 267 -20.66 -6.11 -16.11
N ARG F 268 -19.59 -5.33 -16.06
CA ARG F 268 -19.70 -3.92 -15.70
C ARG F 268 -20.46 -3.13 -16.75
N GLU F 269 -20.52 -3.62 -17.99
CA GLU F 269 -21.34 -2.98 -19.01
C GLU F 269 -22.80 -2.95 -18.62
N GLN F 270 -23.26 -3.97 -17.89
CA GLN F 270 -24.64 -4.00 -17.41
C GLN F 270 -24.91 -2.89 -16.42
N LEU F 271 -24.01 -2.69 -15.46
CA LEU F 271 -24.19 -1.65 -14.45
C LEU F 271 -23.83 -0.26 -14.96
N ASN F 272 -23.20 -0.15 -16.12
CA ASN F 272 -22.93 1.18 -16.70
C ASN F 272 -24.24 1.89 -17.05
N LEU F 273 -25.20 1.18 -17.62
CA LEU F 273 -26.45 1.81 -18.04
C LEU F 273 -27.37 2.11 -16.86
N ARG F 274 -27.33 1.29 -15.81
CA ARG F 274 -28.22 1.40 -14.65
C ARG F 274 -29.69 1.32 -15.07
N GLU F 275 -29.97 0.50 -16.07
CA GLU F 275 -31.33 0.24 -16.54
C GLU F 275 -31.85 -1.12 -16.14
N SER F 276 -31.05 -2.16 -16.29
CA SER F 276 -31.45 -3.50 -15.92
C SER F 276 -30.20 -4.30 -15.57
N ALA F 277 -30.41 -5.42 -14.89
CA ALA F 277 -29.33 -6.35 -14.54
C ALA F 277 -29.86 -7.75 -14.75
N THR F 278 -29.42 -8.41 -15.81
CA THR F 278 -29.91 -9.74 -16.19
C THR F 278 -28.83 -10.77 -15.91
N ILE F 279 -28.99 -11.48 -14.79
CA ILE F 279 -28.16 -12.63 -14.47
C ILE F 279 -28.72 -13.84 -15.21
N THR F 280 -27.87 -14.54 -15.94
CA THR F 280 -28.31 -15.61 -16.82
C THR F 280 -27.70 -16.94 -16.41
N CYS F 281 -28.47 -18.02 -16.60
CA CYS F 281 -28.11 -19.36 -16.16
C CYS F 281 -27.65 -20.17 -17.37
N LEU F 282 -26.35 -20.13 -17.63
CA LEU F 282 -25.77 -20.83 -18.76
C LEU F 282 -25.62 -22.32 -18.48
N VAL F 283 -26.59 -23.12 -18.90
CA VAL F 283 -26.52 -24.57 -18.79
C VAL F 283 -25.96 -25.12 -20.10
N THR F 284 -25.20 -26.21 -20.01
CA THR F 284 -24.44 -26.65 -21.17
C THR F 284 -24.26 -28.17 -21.15
N GLY F 285 -24.68 -28.83 -22.23
CA GLY F 285 -24.35 -30.22 -22.46
C GLY F 285 -25.21 -31.23 -21.71
N PHE F 286 -26.49 -31.31 -22.04
CA PHE F 286 -27.37 -32.34 -21.50
C PHE F 286 -27.95 -33.14 -22.65
N SER F 287 -27.60 -34.43 -22.72
CA SER F 287 -27.95 -35.25 -23.88
C SER F 287 -29.46 -35.46 -24.07
N PRO F 288 -30.27 -35.77 -23.05
CA PRO F 288 -31.72 -35.85 -23.29
C PRO F 288 -32.31 -34.47 -23.58
N ALA F 289 -33.58 -34.49 -23.98
CA ALA F 289 -34.17 -33.34 -24.65
C ALA F 289 -34.47 -32.18 -23.70
N ASP F 290 -35.46 -32.37 -22.81
CA ASP F 290 -36.11 -31.23 -22.18
C ASP F 290 -35.47 -30.85 -20.85
N VAL F 291 -35.43 -29.53 -20.59
CA VAL F 291 -35.06 -28.99 -19.30
C VAL F 291 -36.10 -27.96 -18.87
N PHE F 292 -36.23 -27.78 -17.55
CA PHE F 292 -37.10 -26.76 -16.96
C PHE F 292 -36.24 -25.94 -16.01
N VAL F 293 -35.60 -24.90 -16.54
CA VAL F 293 -34.67 -24.08 -15.78
C VAL F 293 -35.46 -22.88 -15.24
N GLN F 294 -35.95 -23.02 -14.00
CA GLN F 294 -36.63 -21.93 -13.33
C GLN F 294 -35.70 -21.31 -12.29
N TRP F 295 -36.00 -20.06 -11.94
CA TRP F 295 -35.11 -19.22 -11.16
C TRP F 295 -35.69 -18.98 -9.77
N MET F 296 -34.80 -18.70 -8.82
CA MET F 296 -35.20 -18.17 -7.52
C MET F 296 -34.12 -17.24 -6.99
N GLN F 297 -34.49 -16.00 -6.72
CA GLN F 297 -33.68 -15.13 -5.89
C GLN F 297 -33.92 -15.46 -4.43
N ARG F 298 -32.86 -15.40 -3.63
CA ARG F 298 -32.86 -15.96 -2.28
C ARG F 298 -33.25 -17.44 -2.34
N GLY F 299 -34.49 -17.75 -1.92
CA GLY F 299 -34.97 -19.12 -1.99
C GLY F 299 -36.30 -19.28 -2.69
N GLN F 300 -37.06 -18.20 -2.83
CA GLN F 300 -38.41 -18.29 -3.35
C GLN F 300 -38.41 -18.24 -4.87
N PRO F 301 -39.00 -19.23 -5.55
CA PRO F 301 -39.04 -19.20 -7.02
C PRO F 301 -39.87 -18.05 -7.54
N LEU F 302 -39.46 -17.53 -8.70
CA LEU F 302 -40.14 -16.42 -9.35
C LEU F 302 -41.15 -16.93 -10.37
N SER F 303 -42.03 -16.03 -10.80
CA SER F 303 -42.98 -16.34 -11.85
C SER F 303 -42.29 -16.36 -13.21
N PRO F 304 -42.81 -17.13 -14.17
CA PRO F 304 -42.22 -17.15 -15.52
C PRO F 304 -42.37 -15.85 -16.29
N GLU F 305 -42.92 -14.79 -15.70
CA GLU F 305 -43.00 -13.48 -16.32
C GLU F 305 -41.81 -12.60 -15.98
N LYS F 306 -40.89 -13.08 -15.15
CA LYS F 306 -39.67 -12.35 -14.83
C LYS F 306 -38.42 -13.08 -15.34
N TYR F 307 -38.34 -14.39 -15.14
CA TYR F 307 -37.36 -15.21 -15.84
C TYR F 307 -38.04 -15.87 -17.04
N VAL F 308 -37.24 -16.21 -18.04
CA VAL F 308 -37.71 -17.02 -19.16
C VAL F 308 -36.53 -17.78 -19.75
N THR F 309 -36.69 -19.10 -19.87
CA THR F 309 -35.61 -19.98 -20.31
C THR F 309 -35.63 -20.19 -21.82
N SER F 310 -34.43 -20.40 -22.37
CA SER F 310 -34.30 -20.75 -23.78
C SER F 310 -34.84 -22.16 -24.03
N ALA F 311 -35.47 -22.32 -25.20
CA ALA F 311 -35.89 -23.64 -25.63
C ALA F 311 -34.68 -24.51 -25.91
N PRO F 312 -34.73 -25.81 -25.60
CA PRO F 312 -33.54 -26.66 -25.75
C PRO F 312 -33.10 -26.79 -27.20
N MET F 313 -31.93 -26.22 -27.49
CA MET F 313 -31.22 -26.21 -28.77
C MET F 313 -29.98 -27.09 -28.68
N PRO F 314 -29.53 -27.67 -29.79
CA PRO F 314 -28.34 -28.54 -29.73
C PRO F 314 -27.09 -27.80 -29.29
N GLU F 315 -26.27 -28.48 -28.50
CA GLU F 315 -24.96 -27.96 -28.14
C GLU F 315 -24.02 -28.05 -29.34
N PRO F 316 -23.29 -26.99 -29.69
CA PRO F 316 -22.45 -27.04 -30.89
C PRO F 316 -21.31 -28.05 -30.84
N GLN F 317 -20.83 -28.41 -29.64
CA GLN F 317 -19.74 -29.40 -29.56
C GLN F 317 -20.26 -30.82 -29.76
N ALA F 318 -21.13 -31.29 -28.88
CA ALA F 318 -21.65 -32.64 -28.97
C ALA F 318 -23.02 -32.61 -29.63
N PRO F 319 -23.18 -33.21 -30.81
CA PRO F 319 -24.51 -33.25 -31.43
C PRO F 319 -25.54 -33.98 -30.60
N GLY F 320 -25.13 -35.00 -29.85
CA GLY F 320 -26.04 -35.72 -28.99
C GLY F 320 -26.43 -35.00 -27.72
N ARG F 321 -25.74 -33.91 -27.39
CA ARG F 321 -26.00 -33.14 -26.18
C ARG F 321 -26.63 -31.81 -26.56
N TYR F 322 -27.65 -31.41 -25.82
CA TYR F 322 -28.38 -30.16 -26.04
C TYR F 322 -27.84 -29.05 -25.15
N PHE F 323 -28.58 -27.94 -25.08
CA PHE F 323 -28.16 -26.64 -24.56
C PHE F 323 -29.40 -25.79 -24.32
N ALA F 324 -29.33 -24.96 -23.28
CA ALA F 324 -30.36 -23.97 -22.99
C ALA F 324 -29.69 -22.79 -22.29
N HIS F 325 -30.44 -21.71 -22.10
CA HIS F 325 -29.84 -20.50 -21.56
C HIS F 325 -30.94 -19.59 -21.02
N SER F 326 -30.97 -19.37 -19.70
CA SER F 326 -32.18 -18.87 -19.03
C SER F 326 -31.85 -17.59 -18.27
N ILE F 327 -32.48 -16.48 -18.66
CA ILE F 327 -32.20 -15.19 -18.00
C ILE F 327 -33.03 -15.06 -16.73
N LEU F 328 -32.63 -14.09 -15.90
CA LEU F 328 -33.47 -13.50 -14.86
C LEU F 328 -33.17 -12.00 -14.91
N THR F 329 -33.96 -11.28 -15.70
CA THR F 329 -33.74 -9.84 -15.89
C THR F 329 -34.44 -9.08 -14.78
N VAL F 330 -33.67 -8.74 -13.73
CA VAL F 330 -34.16 -7.94 -12.63
C VAL F 330 -33.60 -6.53 -12.77
N SER F 331 -34.06 -5.63 -11.91
CA SER F 331 -33.53 -4.27 -11.92
C SER F 331 -32.12 -4.23 -11.33
N GLU F 332 -31.34 -3.25 -11.80
CA GLU F 332 -29.97 -3.09 -11.31
C GLU F 332 -29.95 -2.76 -9.82
N GLU F 333 -30.88 -1.92 -9.37
CA GLU F 333 -30.97 -1.60 -7.95
C GLU F 333 -31.38 -2.83 -7.14
N GLU F 334 -32.09 -3.78 -7.74
CA GLU F 334 -32.39 -5.03 -7.06
C GLU F 334 -31.17 -5.94 -7.01
N TRP F 335 -30.35 -5.93 -8.07
CA TRP F 335 -29.20 -6.82 -8.13
C TRP F 335 -28.10 -6.36 -7.18
N ASN F 336 -27.79 -5.07 -7.17
CA ASN F 336 -26.58 -4.58 -6.51
C ASN F 336 -26.73 -4.43 -4.99
N THR F 337 -27.85 -4.81 -4.41
CA THR F 337 -28.06 -4.70 -2.97
C THR F 337 -27.65 -5.96 -2.21
N GLY F 338 -26.70 -6.73 -2.76
CA GLY F 338 -26.29 -7.96 -2.13
C GLY F 338 -27.25 -9.12 -2.33
N GLU F 339 -28.28 -8.94 -3.16
CA GLU F 339 -29.27 -9.98 -3.39
C GLU F 339 -28.66 -11.12 -4.20
N THR F 340 -28.73 -12.33 -3.65
CA THR F 340 -28.24 -13.50 -4.36
C THR F 340 -29.24 -13.93 -5.43
N TYR F 341 -28.73 -14.66 -6.43
CA TYR F 341 -29.56 -15.15 -7.52
C TYR F 341 -29.12 -16.56 -7.87
N THR F 342 -30.04 -17.52 -7.75
CA THR F 342 -29.77 -18.91 -8.06
C THR F 342 -30.79 -19.41 -9.08
N CYS F 343 -30.41 -20.45 -9.82
CA CYS F 343 -31.24 -21.02 -10.88
C CYS F 343 -31.14 -22.54 -10.84
N VAL F 344 -32.27 -23.21 -10.69
CA VAL F 344 -32.29 -24.66 -10.68
C VAL F 344 -32.57 -25.18 -12.08
N VAL F 345 -32.08 -26.38 -12.36
CA VAL F 345 -32.07 -26.93 -13.71
C VAL F 345 -32.69 -28.32 -13.62
N ALA F 346 -33.99 -28.41 -13.85
CA ALA F 346 -34.67 -29.70 -13.87
C ALA F 346 -34.29 -30.46 -15.14
N HIS F 347 -33.77 -31.67 -14.97
CA HIS F 347 -33.32 -32.46 -16.10
C HIS F 347 -33.31 -33.93 -15.72
N GLU F 348 -33.54 -34.79 -16.72
CA GLU F 348 -33.84 -36.20 -16.46
C GLU F 348 -32.63 -37.12 -16.48
N ALA F 349 -31.43 -36.61 -16.77
CA ALA F 349 -30.22 -37.41 -16.68
C ALA F 349 -29.35 -37.02 -15.49
N LEU F 350 -29.75 -36.00 -14.73
CA LEU F 350 -29.05 -35.68 -13.51
C LEU F 350 -29.26 -36.77 -12.47
N PRO F 351 -28.22 -37.13 -11.71
CA PRO F 351 -28.41 -38.12 -10.64
C PRO F 351 -29.40 -37.64 -9.58
N ASN F 352 -29.45 -36.34 -9.35
CA ASN F 352 -30.39 -35.73 -8.40
C ASN F 352 -31.56 -35.05 -9.08
N ARG F 353 -31.60 -35.06 -10.42
CA ARG F 353 -32.69 -34.58 -11.26
C ARG F 353 -32.78 -33.04 -11.29
N VAL F 354 -32.00 -32.38 -10.44
CA VAL F 354 -31.98 -30.91 -10.33
C VAL F 354 -30.60 -30.49 -9.86
N THR F 355 -29.98 -29.54 -10.57
CA THR F 355 -28.76 -28.91 -10.09
C THR F 355 -28.89 -27.40 -10.22
N GLU F 356 -28.26 -26.68 -9.29
CA GLU F 356 -28.33 -25.23 -9.27
C GLU F 356 -26.96 -24.64 -8.98
N ARG F 357 -26.77 -23.40 -9.40
CA ARG F 357 -25.60 -22.61 -9.08
C ARG F 357 -26.03 -21.30 -8.45
N THR F 358 -25.12 -20.70 -7.69
CA THR F 358 -25.38 -19.42 -7.03
C THR F 358 -24.35 -18.39 -7.47
N VAL F 359 -24.75 -17.12 -7.44
CA VAL F 359 -23.87 -16.04 -7.85
C VAL F 359 -24.08 -14.85 -6.93
N ASP F 360 -23.01 -14.07 -6.74
CA ASP F 360 -23.04 -12.82 -6.00
C ASP F 360 -22.05 -11.87 -6.64
N LYS F 361 -22.17 -10.59 -6.31
CA LYS F 361 -21.14 -9.63 -6.70
C LYS F 361 -19.81 -9.98 -6.07
N SER F 362 -19.82 -10.38 -4.80
CA SER F 362 -18.59 -10.82 -4.14
C SER F 362 -18.13 -12.19 -4.61
N THR F 363 -19.00 -12.96 -5.27
CA THR F 363 -18.60 -14.27 -5.77
C THR F 363 -17.60 -14.14 -6.91
N GLY F 364 -17.91 -13.30 -7.89
CA GLY F 364 -17.06 -13.15 -9.05
C GLY F 364 -16.02 -12.06 -8.90
N LYS F 365 -14.79 -12.45 -8.57
CA LYS F 365 -13.65 -11.54 -8.43
C LYS F 365 -13.93 -10.38 -7.47
N ILE G 152 -18.77 24.71 -66.13
CA ILE G 152 -19.23 23.53 -66.87
C ILE G 152 -18.41 22.29 -66.47
N ARG G 153 -19.07 21.39 -65.73
CA ARG G 153 -18.45 20.17 -65.26
C ARG G 153 -19.52 19.23 -64.73
N VAL G 154 -19.27 17.93 -64.86
CA VAL G 154 -20.14 16.90 -64.32
C VAL G 154 -19.30 16.12 -63.32
N PHE G 155 -19.42 16.47 -62.04
CA PHE G 155 -18.60 15.86 -61.00
C PHE G 155 -19.06 14.44 -60.71
N ALA G 156 -18.14 13.62 -60.21
CA ALA G 156 -18.41 12.23 -59.89
C ALA G 156 -18.63 12.09 -58.40
N ILE G 157 -19.77 11.52 -58.01
CA ILE G 157 -20.05 11.24 -56.60
C ILE G 157 -20.22 9.72 -56.46
N PRO G 158 -19.14 8.99 -56.20
CA PRO G 158 -19.26 7.55 -55.97
C PRO G 158 -19.94 7.26 -54.65
N PRO G 159 -20.54 6.09 -54.50
CA PRO G 159 -21.13 5.74 -53.20
C PRO G 159 -20.06 5.48 -52.16
N SER G 160 -19.84 6.45 -51.28
CA SER G 160 -18.89 6.27 -50.19
C SER G 160 -19.53 5.43 -49.08
N PHE G 161 -18.68 4.94 -48.18
CA PHE G 161 -19.22 4.11 -47.11
C PHE G 161 -19.96 4.96 -46.08
N ALA G 162 -19.53 6.21 -45.89
CA ALA G 162 -20.30 7.14 -45.08
C ALA G 162 -21.67 7.38 -45.70
N SER G 163 -21.74 7.41 -47.04
CA SER G 163 -23.03 7.57 -47.71
C SER G 163 -23.89 6.32 -47.56
N ILE G 164 -23.28 5.14 -47.64
CA ILE G 164 -24.05 3.90 -47.54
C ILE G 164 -24.48 3.64 -46.10
N PHE G 165 -23.85 4.29 -45.13
CA PHE G 165 -24.30 4.19 -43.74
C PHE G 165 -24.96 5.46 -43.22
N LEU G 166 -25.18 6.44 -44.08
CA LEU G 166 -25.95 7.63 -43.69
C LEU G 166 -27.45 7.40 -43.90
N THR G 167 -27.83 7.09 -45.13
CA THR G 167 -29.22 6.76 -45.46
C THR G 167 -29.46 5.25 -45.44
N LYS G 168 -28.41 4.45 -45.20
CA LYS G 168 -28.49 2.99 -45.21
C LYS G 168 -28.99 2.46 -46.55
N SER G 169 -28.53 3.08 -47.64
CA SER G 169 -28.88 2.66 -48.99
C SER G 169 -27.75 3.04 -49.93
N THR G 170 -27.46 2.15 -50.88
CA THR G 170 -26.44 2.42 -51.89
C THR G 170 -26.99 3.42 -52.90
N LYS G 171 -26.39 4.60 -52.99
CA LYS G 171 -26.84 5.66 -53.88
C LYS G 171 -25.69 6.03 -54.83
N LEU G 172 -25.70 5.43 -56.02
CA LEU G 172 -24.78 5.83 -57.07
C LEU G 172 -25.38 7.01 -57.82
N THR G 173 -24.64 8.12 -57.85
CA THR G 173 -25.20 9.39 -58.33
C THR G 173 -24.20 10.07 -59.24
N CYS G 174 -24.71 11.08 -59.98
CA CYS G 174 -23.88 11.97 -60.78
C CYS G 174 -24.41 13.39 -60.54
N LEU G 175 -23.61 14.22 -59.86
CA LEU G 175 -23.99 15.58 -59.52
C LEU G 175 -23.09 16.56 -60.25
N VAL G 176 -23.69 17.58 -60.85
CA VAL G 176 -22.95 18.64 -61.52
C VAL G 176 -22.69 19.76 -60.50
N THR G 177 -21.48 20.31 -60.54
CA THR G 177 -21.07 21.33 -59.58
C THR G 177 -20.78 22.67 -60.24
N ASP G 178 -19.99 22.69 -61.31
CA ASP G 178 -19.61 23.94 -61.97
C ASP G 178 -20.64 24.41 -62.99
N LEU G 179 -21.61 23.57 -63.34
CA LEU G 179 -22.63 23.97 -64.31
C LEU G 179 -23.61 24.97 -63.68
N THR G 180 -23.90 26.04 -64.43
CA THR G 180 -24.88 27.02 -64.02
C THR G 180 -26.28 26.51 -64.41
N THR G 181 -27.31 27.24 -63.98
CA THR G 181 -28.70 26.82 -64.19
C THR G 181 -29.04 26.72 -65.68
N TYR G 182 -29.26 25.49 -66.15
CA TYR G 182 -29.62 25.23 -67.54
C TYR G 182 -30.88 24.38 -67.58
N ASP G 183 -31.75 24.67 -68.54
CA ASP G 183 -33.00 23.95 -68.71
C ASP G 183 -32.80 22.75 -69.64
N SER G 184 -33.83 21.87 -69.66
CA SER G 184 -33.88 20.70 -70.51
C SER G 184 -32.70 19.77 -70.25
N VAL G 185 -32.64 19.24 -69.04
CA VAL G 185 -31.63 18.27 -68.63
C VAL G 185 -32.31 16.92 -68.60
N THR G 186 -31.99 16.07 -69.57
CA THR G 186 -32.57 14.73 -69.69
C THR G 186 -31.46 13.69 -69.58
N ILE G 187 -31.16 13.28 -68.36
CA ILE G 187 -30.13 12.28 -68.11
C ILE G 187 -30.77 10.90 -68.23
N SER G 188 -30.30 10.11 -69.19
CA SER G 188 -30.88 8.79 -69.44
C SER G 188 -30.32 7.72 -68.51
N TRP G 189 -29.19 7.98 -67.85
CA TRP G 189 -28.55 7.04 -66.93
C TRP G 189 -28.28 5.69 -67.61
N THR G 190 -27.47 5.73 -68.65
CA THR G 190 -27.11 4.54 -69.42
C THR G 190 -25.65 4.20 -69.19
N ARG G 191 -25.37 2.93 -68.93
CA ARG G 191 -24.00 2.46 -68.75
C ARG G 191 -23.35 2.24 -70.11
N GLN G 192 -22.19 1.58 -70.11
CA GLN G 192 -21.53 1.23 -71.37
C GLN G 192 -22.34 0.23 -72.19
N ASN G 193 -23.24 -0.51 -71.54
CA ASN G 193 -24.19 -1.38 -72.21
C ASN G 193 -25.58 -0.75 -72.12
N GLY G 194 -26.59 -1.48 -72.61
CA GLY G 194 -27.93 -0.96 -72.61
C GLY G 194 -28.74 -1.33 -71.38
N GLU G 195 -28.79 -0.43 -70.41
CA GLU G 195 -29.60 -0.60 -69.21
C GLU G 195 -29.67 0.75 -68.49
N ALA G 196 -30.65 0.88 -67.59
CA ALA G 196 -30.88 2.11 -66.85
C ALA G 196 -30.91 1.79 -65.35
N VAL G 197 -31.07 2.84 -64.54
CA VAL G 197 -31.14 2.71 -63.09
C VAL G 197 -32.48 2.09 -62.70
N LYS G 198 -32.60 1.65 -61.45
CA LYS G 198 -33.80 0.96 -61.00
C LYS G 198 -34.85 1.93 -60.44
N THR G 199 -34.43 2.86 -59.59
CA THR G 199 -35.35 3.82 -58.96
C THR G 199 -34.79 5.22 -59.17
N HIS G 200 -35.42 5.99 -60.06
CA HIS G 200 -34.99 7.35 -60.37
C HIS G 200 -36.09 8.30 -59.91
N THR G 201 -35.86 8.97 -58.78
CA THR G 201 -36.87 9.81 -58.15
C THR G 201 -36.15 10.80 -57.25
N ASN G 202 -36.94 11.71 -56.64
CA ASN G 202 -36.44 12.71 -55.69
C ASN G 202 -35.40 13.63 -56.34
N ILE G 203 -35.86 14.34 -57.36
CA ILE G 203 -34.97 15.20 -58.16
C ILE G 203 -34.92 16.60 -57.54
N SER G 204 -33.71 17.13 -57.42
CA SER G 204 -33.50 18.50 -56.97
C SER G 204 -33.42 19.44 -58.16
N GLU G 205 -34.03 20.61 -58.03
CA GLU G 205 -34.15 21.53 -59.16
C GLU G 205 -32.90 22.39 -59.34
N SER G 206 -32.56 23.19 -58.32
CA SER G 206 -31.47 24.14 -58.42
C SER G 206 -30.58 24.07 -57.19
N HIS G 207 -29.29 24.31 -57.40
CA HIS G 207 -28.33 24.38 -56.32
C HIS G 207 -28.43 25.72 -55.60
N PRO G 208 -28.14 25.77 -54.29
CA PRO G 208 -28.30 27.02 -53.55
C PRO G 208 -27.52 28.22 -54.08
N ASN G 209 -26.30 28.02 -54.56
CA ASN G 209 -25.40 29.13 -54.87
C ASN G 209 -25.16 29.26 -56.38
N ALA G 210 -26.14 29.85 -57.07
CA ALA G 210 -26.05 30.27 -58.46
C ALA G 210 -25.57 29.20 -59.42
N THR G 211 -25.81 27.92 -59.10
CA THR G 211 -25.46 26.82 -59.98
C THR G 211 -26.65 25.87 -60.08
N PHE G 212 -26.47 24.82 -60.89
CA PHE G 212 -27.51 23.85 -61.17
C PHE G 212 -27.17 22.52 -60.52
N SER G 213 -28.19 21.85 -59.99
CA SER G 213 -28.03 20.55 -59.35
C SER G 213 -28.96 19.55 -60.02
N ALA G 214 -28.42 18.40 -60.42
CA ALA G 214 -29.18 17.32 -61.01
C ALA G 214 -28.75 16.03 -60.34
N VAL G 215 -29.63 15.44 -59.54
CA VAL G 215 -29.30 14.25 -58.77
C VAL G 215 -29.55 13.02 -59.61
N GLY G 216 -28.88 11.93 -59.25
CA GLY G 216 -29.08 10.65 -59.90
C GLY G 216 -29.28 9.53 -58.90
N GLU G 217 -30.00 9.83 -57.82
CA GLU G 217 -30.15 8.89 -56.72
C GLU G 217 -30.88 7.63 -57.17
N ALA G 218 -30.32 6.48 -56.81
CA ALA G 218 -30.90 5.19 -57.19
C ALA G 218 -30.40 4.13 -56.21
N SER G 219 -31.33 3.43 -55.57
CA SER G 219 -31.01 2.41 -54.58
C SER G 219 -30.83 1.07 -55.29
N ILE G 220 -29.66 0.45 -55.10
CA ILE G 220 -29.37 -0.83 -55.70
C ILE G 220 -29.04 -1.84 -54.60
N CYS G 221 -28.78 -3.09 -55.00
CA CYS G 221 -28.50 -4.15 -54.03
C CYS G 221 -27.13 -3.95 -53.40
N GLU G 222 -27.07 -4.16 -52.07
CA GLU G 222 -25.79 -4.08 -51.37
C GLU G 222 -24.82 -5.13 -51.86
N ASP G 223 -25.30 -6.36 -52.08
CA ASP G 223 -24.45 -7.43 -52.59
C ASP G 223 -23.97 -7.11 -54.00
N ASP G 224 -24.84 -6.53 -54.84
CA ASP G 224 -24.44 -6.15 -56.19
C ASP G 224 -23.36 -5.07 -56.14
N TRP G 225 -23.52 -4.08 -55.26
CA TRP G 225 -22.50 -3.03 -55.15
C TRP G 225 -21.18 -3.60 -54.63
N ASN G 226 -21.24 -4.54 -53.69
CA ASN G 226 -20.03 -5.18 -53.20
C ASN G 226 -19.35 -6.00 -54.29
N SER G 227 -20.14 -6.68 -55.13
CA SER G 227 -19.56 -7.41 -56.26
C SER G 227 -18.95 -6.44 -57.28
N GLY G 228 -19.50 -5.25 -57.40
CA GLY G 228 -18.85 -4.21 -58.17
C GLY G 228 -19.24 -4.10 -59.63
N GLU G 229 -20.54 -3.96 -59.90
CA GLU G 229 -20.99 -3.70 -61.26
C GLU G 229 -20.54 -2.31 -61.70
N ARG G 230 -20.17 -2.20 -62.98
CA ARG G 230 -19.67 -0.95 -63.54
C ARG G 230 -20.83 -0.18 -64.18
N PHE G 231 -21.12 1.00 -63.64
CA PHE G 231 -22.23 1.82 -64.11
C PHE G 231 -21.74 3.25 -64.26
N THR G 232 -22.16 3.92 -65.34
CA THR G 232 -21.75 5.30 -65.59
C THR G 232 -22.97 6.16 -65.88
N CYS G 233 -22.87 7.43 -65.49
CA CYS G 233 -23.93 8.41 -65.75
C CYS G 233 -23.67 9.06 -67.10
N THR G 234 -24.53 8.78 -68.07
CA THR G 234 -24.42 9.43 -69.37
C THR G 234 -24.81 10.90 -69.26
N VAL G 235 -24.28 11.69 -70.18
CA VAL G 235 -24.50 13.15 -70.19
C VAL G 235 -25.23 13.46 -71.49
N THR G 236 -26.56 13.51 -71.41
CA THR G 236 -27.42 13.90 -72.52
C THR G 236 -28.02 15.25 -72.14
N HIS G 237 -27.32 16.32 -72.48
CA HIS G 237 -27.70 17.67 -72.10
C HIS G 237 -27.64 18.57 -73.33
N THR G 238 -28.48 19.61 -73.33
CA THR G 238 -28.48 20.55 -74.44
C THR G 238 -27.14 21.24 -74.60
N ASP G 239 -26.51 21.63 -73.48
CA ASP G 239 -25.20 22.25 -73.52
C ASP G 239 -24.06 21.23 -73.53
N LEU G 240 -24.30 20.02 -73.01
CA LEU G 240 -23.30 18.97 -72.92
C LEU G 240 -23.85 17.69 -73.54
N PRO G 241 -23.79 17.56 -74.87
CA PRO G 241 -24.28 16.31 -75.50
C PRO G 241 -23.31 15.15 -75.40
N SER G 242 -22.03 15.40 -75.22
CA SER G 242 -21.04 14.33 -75.16
C SER G 242 -21.05 13.68 -73.78
N PRO G 243 -21.28 12.37 -73.68
CA PRO G 243 -21.23 11.70 -72.37
C PRO G 243 -19.80 11.66 -71.84
N LEU G 244 -19.71 11.58 -70.50
CA LEU G 244 -18.43 11.51 -69.81
C LEU G 244 -18.28 10.16 -69.14
N LYS G 245 -17.07 9.60 -69.19
CA LYS G 245 -16.78 8.30 -68.61
C LYS G 245 -16.71 8.41 -67.10
N GLN G 246 -17.65 7.77 -66.40
CA GLN G 246 -17.69 7.77 -64.94
C GLN G 246 -17.83 6.32 -64.47
N THR G 247 -16.71 5.62 -64.39
CA THR G 247 -16.69 4.23 -63.96
C THR G 247 -16.40 4.16 -62.47
N ILE G 248 -17.09 3.28 -61.77
CA ILE G 248 -16.91 3.11 -60.33
C ILE G 248 -17.36 1.71 -59.92
N SER G 249 -16.55 1.08 -59.07
CA SER G 249 -16.88 -0.22 -58.49
C SER G 249 -16.06 -0.37 -57.21
N ARG G 250 -16.51 -1.28 -56.36
CA ARG G 250 -15.73 -1.60 -55.18
C ARG G 250 -14.49 -2.37 -55.58
N PRO G 251 -13.28 -1.93 -55.22
CA PRO G 251 -12.07 -2.62 -55.67
C PRO G 251 -11.89 -3.98 -55.02
N LYS G 252 -12.14 -5.04 -55.77
CA LYS G 252 -11.98 -6.39 -55.27
C LYS G 252 -10.50 -6.75 -55.17
N GLY G 253 -10.22 -7.76 -54.35
CA GLY G 253 -8.84 -8.16 -54.12
C GLY G 253 -8.11 -7.35 -53.07
N VAL G 254 -8.80 -6.41 -52.40
CA VAL G 254 -8.17 -5.65 -51.34
C VAL G 254 -7.89 -6.58 -50.15
N ALA G 255 -6.92 -6.18 -49.32
CA ALA G 255 -6.48 -7.01 -48.20
C ALA G 255 -7.58 -7.23 -47.17
N LEU G 256 -8.59 -6.34 -47.13
CA LEU G 256 -9.69 -6.43 -46.17
C LEU G 256 -9.18 -6.46 -44.73
N HIS G 257 -8.15 -5.67 -44.46
CA HIS G 257 -7.58 -5.62 -43.11
C HIS G 257 -8.53 -4.87 -42.18
N ARG G 258 -8.93 -5.50 -41.09
CA ARG G 258 -9.91 -4.90 -40.21
C ARG G 258 -9.28 -3.75 -39.43
N PRO G 259 -10.06 -2.69 -39.15
CA PRO G 259 -9.52 -1.57 -38.36
C PRO G 259 -9.04 -1.99 -36.98
N ASP G 260 -7.73 -1.88 -36.76
CA ASP G 260 -7.13 -2.07 -35.44
C ASP G 260 -7.19 -0.74 -34.71
N VAL G 261 -8.30 -0.51 -34.01
CA VAL G 261 -8.63 0.80 -33.46
C VAL G 261 -8.11 0.88 -32.04
N TYR G 262 -7.50 2.02 -31.68
CA TYR G 262 -6.95 2.26 -30.35
C TYR G 262 -7.49 3.60 -29.84
N LEU G 263 -8.66 3.57 -29.21
CA LEU G 263 -9.28 4.80 -28.73
C LEU G 263 -8.49 5.41 -27.59
N LEU G 264 -8.21 6.71 -27.70
CA LEU G 264 -7.30 7.40 -26.80
C LEU G 264 -8.02 8.47 -25.99
N PRO G 265 -7.87 8.48 -24.67
CA PRO G 265 -8.37 9.59 -23.85
C PRO G 265 -7.51 10.83 -24.05
N PRO G 266 -8.02 12.01 -23.73
CA PRO G 266 -7.21 13.23 -23.87
C PRO G 266 -6.03 13.23 -22.92
N ALA G 267 -5.08 14.13 -23.20
CA ALA G 267 -3.86 14.23 -22.43
C ALA G 267 -4.13 14.80 -21.04
N ARG G 268 -3.14 14.67 -20.16
CA ARG G 268 -3.25 15.23 -18.82
C ARG G 268 -3.35 16.75 -18.87
N GLU G 269 -2.82 17.38 -19.92
CA GLU G 269 -2.87 18.83 -20.04
C GLU G 269 -4.28 19.33 -20.29
N GLN G 270 -5.16 18.50 -20.87
CA GLN G 270 -6.57 18.87 -20.96
C GLN G 270 -7.18 19.02 -19.57
N LEU G 271 -6.74 18.18 -18.63
CA LEU G 271 -7.13 18.36 -17.23
C LEU G 271 -6.49 19.59 -16.63
N ASN G 272 -5.29 19.97 -17.10
CA ASN G 272 -4.61 21.13 -16.54
C ASN G 272 -5.22 22.45 -17.01
N LEU G 273 -5.83 22.47 -18.20
CA LEU G 273 -6.47 23.69 -18.70
C LEU G 273 -7.94 23.78 -18.29
N ARG G 274 -8.62 22.64 -18.21
CA ARG G 274 -10.04 22.58 -17.81
C ARG G 274 -10.94 23.41 -18.73
N GLU G 275 -10.53 23.57 -20.00
CA GLU G 275 -11.34 24.28 -20.97
C GLU G 275 -11.96 23.37 -22.02
N SER G 276 -11.36 22.20 -22.27
CA SER G 276 -11.88 21.26 -23.25
C SER G 276 -11.29 19.89 -22.97
N ALA G 277 -11.91 18.87 -23.55
CA ALA G 277 -11.39 17.50 -23.47
C ALA G 277 -11.89 16.75 -24.69
N THR G 278 -11.00 16.56 -25.67
CA THR G 278 -11.38 15.94 -26.94
C THR G 278 -10.76 14.56 -27.04
N ILE G 279 -11.59 13.59 -27.41
CA ILE G 279 -11.22 12.17 -27.40
C ILE G 279 -11.07 11.72 -28.85
N THR G 280 -9.94 11.12 -29.16
CA THR G 280 -9.60 10.77 -30.55
C THR G 280 -9.90 9.30 -30.80
N CYS G 281 -10.76 9.04 -31.78
CA CYS G 281 -11.05 7.68 -32.25
C CYS G 281 -9.96 7.30 -33.25
N LEU G 282 -8.86 6.78 -32.72
CA LEU G 282 -7.69 6.43 -33.52
C LEU G 282 -7.92 5.11 -34.23
N VAL G 283 -8.70 5.17 -35.29
CA VAL G 283 -8.85 4.02 -36.18
C VAL G 283 -7.58 3.87 -37.00
N THR G 284 -6.98 2.68 -36.97
CA THR G 284 -5.64 2.50 -37.50
C THR G 284 -5.54 1.16 -38.22
N GLY G 285 -4.95 1.17 -39.41
CA GLY G 285 -4.69 -0.06 -40.13
C GLY G 285 -5.91 -0.73 -40.75
N PHE G 286 -6.50 -0.08 -41.74
CA PHE G 286 -7.57 -0.69 -42.53
C PHE G 286 -7.25 -0.48 -44.01
N SER G 287 -7.29 -1.55 -44.79
CA SER G 287 -6.79 -1.47 -46.16
C SER G 287 -7.71 -0.76 -47.16
N PRO G 288 -9.05 -0.90 -47.10
CA PRO G 288 -9.89 -0.02 -47.93
C PRO G 288 -9.84 1.43 -47.48
N ALA G 289 -10.14 2.34 -48.42
CA ALA G 289 -9.87 3.76 -48.19
C ALA G 289 -10.79 4.38 -47.14
N ASP G 290 -12.10 4.20 -47.27
CA ASP G 290 -13.06 5.01 -46.53
C ASP G 290 -13.67 4.23 -45.36
N VAL G 291 -13.53 4.77 -44.16
CA VAL G 291 -14.27 4.32 -43.00
C VAL G 291 -15.31 5.37 -42.66
N PHE G 292 -16.35 4.95 -41.92
CA PHE G 292 -17.38 5.85 -41.41
C PHE G 292 -17.27 5.84 -39.88
N VAL G 293 -16.44 6.73 -39.35
CA VAL G 293 -16.27 6.83 -37.91
C VAL G 293 -17.35 7.74 -37.34
N GLN G 294 -18.18 7.19 -36.47
CA GLN G 294 -19.28 7.91 -35.84
C GLN G 294 -19.23 7.67 -34.34
N TRP G 295 -19.67 8.66 -33.58
CA TRP G 295 -19.68 8.58 -32.13
C TRP G 295 -21.08 8.33 -31.61
N MET G 296 -21.19 7.52 -30.56
CA MET G 296 -22.41 7.40 -29.79
C MET G 296 -22.18 7.90 -28.38
N GLN G 297 -23.14 8.65 -27.84
CA GLN G 297 -23.00 9.16 -26.49
C GLN G 297 -23.10 8.02 -25.48
N ARG G 298 -24.25 7.35 -25.45
CA ARG G 298 -24.39 6.08 -24.77
C ARG G 298 -24.70 4.96 -25.77
N GLY G 299 -25.80 5.09 -26.51
CA GLY G 299 -26.11 4.23 -27.62
C GLY G 299 -26.65 5.03 -28.79
N GLN G 300 -26.81 6.33 -28.58
CA GLN G 300 -27.41 7.21 -29.57
C GLN G 300 -26.34 7.90 -30.39
N PRO G 301 -26.34 7.76 -31.72
CA PRO G 301 -25.31 8.43 -32.53
C PRO G 301 -25.42 9.95 -32.45
N LEU G 302 -24.26 10.60 -32.55
CA LEU G 302 -24.17 12.06 -32.52
C LEU G 302 -24.31 12.63 -33.92
N SER G 303 -24.65 13.92 -33.97
CA SER G 303 -24.64 14.65 -35.21
C SER G 303 -23.20 14.84 -35.70
N PRO G 304 -22.99 14.89 -37.01
CA PRO G 304 -21.65 15.18 -37.53
C PRO G 304 -21.14 16.58 -37.21
N GLU G 305 -21.96 17.44 -36.60
CA GLU G 305 -21.48 18.75 -36.17
C GLU G 305 -20.67 18.66 -34.88
N LYS G 306 -21.01 17.73 -33.99
CA LYS G 306 -20.33 17.66 -32.69
C LYS G 306 -18.92 17.09 -32.84
N TYR G 307 -18.81 15.89 -33.38
CA TYR G 307 -17.51 15.31 -33.67
C TYR G 307 -17.10 15.63 -35.10
N VAL G 308 -15.80 15.56 -35.37
CA VAL G 308 -15.26 15.69 -36.72
C VAL G 308 -14.31 14.53 -36.96
N THR G 309 -14.48 13.85 -38.09
CA THR G 309 -13.70 12.68 -38.44
C THR G 309 -12.58 13.08 -39.40
N SER G 310 -11.33 12.89 -38.99
CA SER G 310 -10.19 13.14 -39.86
C SER G 310 -10.24 12.22 -41.07
N ALA G 311 -9.93 12.78 -42.24
CA ALA G 311 -9.94 12.01 -43.47
C ALA G 311 -8.87 10.92 -43.43
N PRO G 312 -9.18 9.72 -43.95
CA PRO G 312 -8.20 8.62 -43.88
C PRO G 312 -6.96 8.87 -44.71
N MET G 313 -5.80 9.01 -44.03
CA MET G 313 -4.44 9.19 -44.53
C MET G 313 -3.69 7.87 -44.46
N PRO G 314 -2.75 7.62 -45.38
CA PRO G 314 -2.01 6.35 -45.34
C PRO G 314 -1.13 6.24 -44.10
N GLU G 315 -1.07 5.03 -43.54
CA GLU G 315 -0.15 4.72 -42.46
C GLU G 315 1.28 4.62 -43.00
N PRO G 316 2.25 5.26 -42.34
CA PRO G 316 3.64 5.13 -42.79
C PRO G 316 4.18 3.71 -42.71
N GLN G 317 3.62 2.87 -41.83
CA GLN G 317 4.03 1.46 -41.79
C GLN G 317 3.55 0.71 -43.02
N ALA G 318 2.33 0.99 -43.48
CA ALA G 318 1.77 0.34 -44.66
C ALA G 318 0.93 1.35 -45.43
N PRO G 319 1.44 1.86 -46.56
CA PRO G 319 0.67 2.83 -47.35
C PRO G 319 -0.63 2.26 -47.91
N GLY G 320 -0.75 0.95 -48.06
CA GLY G 320 -1.98 0.35 -48.54
C GLY G 320 -2.92 -0.01 -47.41
N ARG G 321 -2.66 0.55 -46.23
CA ARG G 321 -3.45 0.27 -45.02
C ARG G 321 -3.63 1.61 -44.30
N TYR G 322 -4.73 2.29 -44.60
CA TYR G 322 -4.96 3.65 -44.14
C TYR G 322 -5.26 3.69 -42.64
N PHE G 323 -5.24 4.91 -42.11
CA PHE G 323 -5.67 5.21 -40.74
C PHE G 323 -6.37 6.56 -40.76
N ALA G 324 -7.26 6.77 -39.78
CA ALA G 324 -7.99 8.03 -39.66
C ALA G 324 -8.18 8.34 -38.18
N HIS G 325 -8.86 9.45 -37.91
CA HIS G 325 -9.16 9.85 -36.54
C HIS G 325 -10.60 10.35 -36.48
N SER G 326 -11.06 10.61 -35.26
CA SER G 326 -12.30 11.35 -35.05
C SER G 326 -12.25 11.95 -33.65
N ILE G 327 -11.97 13.24 -33.55
CA ILE G 327 -11.90 13.91 -32.27
C ILE G 327 -13.30 14.36 -31.88
N LEU G 328 -13.67 14.13 -30.63
CA LEU G 328 -14.95 14.54 -30.09
C LEU G 328 -14.67 15.62 -29.05
N THR G 329 -14.60 16.86 -29.51
CA THR G 329 -14.31 17.99 -28.63
C THR G 329 -15.56 18.40 -27.86
N VAL G 330 -15.49 18.29 -26.54
CA VAL G 330 -16.59 18.56 -25.63
C VAL G 330 -16.04 19.30 -24.41
N SER G 331 -16.91 19.58 -23.45
CA SER G 331 -16.48 20.20 -22.21
C SER G 331 -15.58 19.26 -21.42
N GLU G 332 -14.62 19.85 -20.71
CA GLU G 332 -13.68 19.06 -19.91
C GLU G 332 -14.40 18.32 -18.78
N GLU G 333 -15.33 18.99 -18.10
CA GLU G 333 -15.97 18.39 -16.94
C GLU G 333 -16.88 17.25 -17.34
N GLU G 334 -17.61 17.38 -18.45
CA GLU G 334 -18.57 16.37 -18.84
C GLU G 334 -17.90 15.07 -19.24
N TRP G 335 -16.68 15.14 -19.78
CA TRP G 335 -15.88 13.93 -19.94
C TRP G 335 -15.35 13.43 -18.60
N ASN G 336 -14.90 14.35 -17.74
CA ASN G 336 -14.25 13.98 -16.50
C ASN G 336 -15.20 13.36 -15.48
N THR G 337 -16.51 13.49 -15.68
CA THR G 337 -17.48 12.85 -14.80
C THR G 337 -17.65 11.36 -15.06
N GLY G 338 -16.76 10.76 -15.85
CA GLY G 338 -16.84 9.34 -16.14
C GLY G 338 -17.86 8.97 -17.20
N GLU G 339 -18.41 9.94 -17.92
CA GLU G 339 -19.39 9.65 -18.96
C GLU G 339 -18.70 8.96 -20.13
N THR G 340 -19.30 7.87 -20.59
CA THR G 340 -18.68 7.04 -21.61
C THR G 340 -18.72 7.70 -22.99
N TYR G 341 -17.71 7.39 -23.80
CA TYR G 341 -17.63 7.81 -25.18
C TYR G 341 -17.19 6.62 -26.04
N THR G 342 -18.14 6.02 -26.74
CA THR G 342 -17.85 4.96 -27.68
C THR G 342 -17.91 5.51 -29.10
N CYS G 343 -17.06 4.97 -29.98
CA CYS G 343 -16.99 5.40 -31.37
C CYS G 343 -17.01 4.18 -32.28
N VAL G 344 -18.11 4.00 -33.00
CA VAL G 344 -18.17 2.95 -34.01
C VAL G 344 -17.33 3.36 -35.22
N VAL G 345 -16.47 2.46 -35.66
CA VAL G 345 -15.79 2.65 -36.94
C VAL G 345 -16.38 1.66 -37.94
N ALA G 346 -17.44 2.09 -38.62
CA ALA G 346 -18.12 1.24 -39.58
C ALA G 346 -17.25 1.10 -40.82
N HIS G 347 -17.02 -0.13 -41.26
CA HIS G 347 -16.12 -0.34 -42.37
C HIS G 347 -16.44 -1.66 -43.05
N GLU G 348 -16.32 -1.69 -44.38
CA GLU G 348 -16.60 -2.90 -45.14
C GLU G 348 -15.59 -4.01 -44.84
N ALA G 349 -14.34 -3.64 -44.52
CA ALA G 349 -13.31 -4.66 -44.30
C ALA G 349 -13.63 -5.53 -43.10
N LEU G 350 -14.39 -5.02 -42.14
CA LEU G 350 -14.82 -5.84 -41.01
C LEU G 350 -15.80 -6.89 -41.48
N PRO G 351 -15.75 -8.10 -40.91
CA PRO G 351 -16.78 -9.10 -41.25
C PRO G 351 -18.16 -8.74 -40.70
N ASN G 352 -18.21 -8.27 -39.45
CA ASN G 352 -19.42 -7.70 -38.89
C ASN G 352 -19.78 -6.34 -39.49
N ARG G 353 -18.82 -5.71 -40.20
CA ARG G 353 -18.99 -4.45 -40.91
C ARG G 353 -19.11 -3.26 -39.97
N VAL G 354 -19.17 -3.50 -38.66
CA VAL G 354 -19.19 -2.46 -37.64
C VAL G 354 -18.47 -2.96 -36.40
N THR G 355 -17.38 -2.31 -36.00
CA THR G 355 -16.75 -2.56 -34.71
C THR G 355 -16.60 -1.25 -33.96
N GLU G 356 -16.40 -1.34 -32.65
CA GLU G 356 -16.40 -0.13 -31.83
C GLU G 356 -15.40 -0.27 -30.69
N ARG G 357 -14.96 0.88 -30.19
CA ARG G 357 -14.15 0.98 -28.99
C ARG G 357 -14.75 2.04 -28.09
N THR G 358 -14.66 1.81 -26.78
CA THR G 358 -15.21 2.72 -25.79
C THR G 358 -14.12 3.17 -24.82
N VAL G 359 -14.25 4.41 -24.34
CA VAL G 359 -13.28 5.00 -23.44
C VAL G 359 -13.99 5.48 -22.19
N ASP G 360 -13.26 5.46 -21.07
CA ASP G 360 -13.72 6.01 -19.80
C ASP G 360 -12.51 6.60 -19.09
N LYS G 361 -12.78 7.32 -18.00
CA LYS G 361 -11.68 7.83 -17.18
C LYS G 361 -10.90 6.69 -16.56
N SER G 362 -11.60 5.62 -16.12
CA SER G 362 -10.92 4.45 -15.60
C SER G 362 -10.27 3.64 -16.72
N THR G 363 -10.91 3.59 -17.90
CA THR G 363 -10.34 2.85 -19.02
C THR G 363 -9.02 3.46 -19.47
N GLY G 364 -8.95 4.79 -19.53
CA GLY G 364 -7.71 5.46 -19.87
C GLY G 364 -6.83 5.63 -18.65
N LYS G 365 -6.32 4.52 -18.13
CA LYS G 365 -5.49 4.48 -16.92
C LYS G 365 -6.19 5.14 -15.74
N ILE H 152 -0.90 23.88 -68.32
CA ILE H 152 -1.64 24.93 -68.98
C ILE H 152 -2.10 25.97 -67.94
N ARG H 153 -2.02 25.60 -66.67
CA ARG H 153 -2.43 26.47 -65.57
C ARG H 153 -1.27 26.66 -64.61
N VAL H 154 -1.11 27.88 -64.13
CA VAL H 154 -0.08 28.24 -63.16
C VAL H 154 -0.76 28.58 -61.85
N PHE H 155 -0.35 27.91 -60.77
CA PHE H 155 -0.95 28.09 -59.46
C PHE H 155 -0.01 28.82 -58.52
N ALA H 156 -0.57 29.31 -57.42
CA ALA H 156 0.18 30.04 -56.40
C ALA H 156 0.35 29.16 -55.18
N ILE H 157 1.59 29.05 -54.70
CA ILE H 157 1.88 28.24 -53.51
C ILE H 157 2.35 29.17 -52.40
N PRO H 158 1.50 29.53 -51.45
CA PRO H 158 1.93 30.33 -50.31
C PRO H 158 2.89 29.54 -49.43
N PRO H 159 3.77 30.21 -48.69
CA PRO H 159 4.72 29.48 -47.84
C PRO H 159 4.02 28.85 -46.64
N SER H 160 3.84 27.53 -46.69
CA SER H 160 3.26 26.82 -45.56
C SER H 160 4.24 26.80 -44.39
N PHE H 161 3.69 26.84 -43.18
CA PHE H 161 4.55 26.89 -42.01
C PHE H 161 5.40 25.62 -41.88
N ALA H 162 4.88 24.50 -42.38
CA ALA H 162 5.64 23.26 -42.41
C ALA H 162 6.91 23.43 -43.22
N SER H 163 6.80 24.00 -44.43
CA SER H 163 8.00 24.20 -45.24
C SER H 163 8.91 25.26 -44.63
N ILE H 164 8.35 26.35 -44.09
CA ILE H 164 9.21 27.42 -43.59
C ILE H 164 9.90 27.04 -42.29
N PHE H 165 9.44 25.98 -41.62
CA PHE H 165 10.18 25.45 -40.48
C PHE H 165 10.98 24.21 -40.83
N LEU H 166 10.72 23.57 -41.97
CA LEU H 166 11.55 22.46 -42.41
C LEU H 166 12.85 22.95 -43.03
N THR H 167 12.77 23.90 -43.96
CA THR H 167 13.96 24.49 -44.55
C THR H 167 14.41 25.74 -43.80
N LYS H 168 13.72 26.12 -42.72
CA LYS H 168 14.06 27.27 -41.88
C LYS H 168 14.09 28.57 -42.69
N SER H 169 13.25 28.67 -43.71
CA SER H 169 13.18 29.86 -44.54
C SER H 169 11.84 29.89 -45.26
N THR H 170 11.29 31.09 -45.44
CA THR H 170 10.04 31.24 -46.16
C THR H 170 10.24 31.06 -47.65
N LYS H 171 9.43 30.20 -48.26
CA LYS H 171 9.56 29.85 -49.68
C LYS H 171 8.22 30.01 -50.36
N LEU H 172 8.09 31.03 -51.20
CA LEU H 172 6.92 31.24 -52.04
C LEU H 172 7.35 31.15 -53.50
N THR H 173 6.55 30.45 -54.30
CA THR H 173 6.93 30.17 -55.68
C THR H 173 5.69 29.96 -56.54
N CYS H 174 5.80 30.34 -57.81
CA CYS H 174 4.77 30.04 -58.80
C CYS H 174 5.23 28.80 -59.56
N LEU H 175 5.20 27.67 -58.88
CA LEU H 175 5.60 26.40 -59.48
C LEU H 175 4.52 25.93 -60.44
N VAL H 176 4.93 25.62 -61.67
CA VAL H 176 4.00 25.12 -62.68
C VAL H 176 3.66 23.67 -62.37
N THR H 177 2.37 23.33 -62.46
CA THR H 177 1.90 21.99 -62.15
C THR H 177 1.31 21.28 -63.37
N ASP H 178 0.59 22.01 -64.23
CA ASP H 178 -0.03 21.43 -65.41
C ASP H 178 0.77 21.70 -66.69
N LEU H 179 1.88 22.41 -66.61
CA LEU H 179 2.73 22.67 -67.78
C LEU H 179 3.56 21.42 -68.04
N THR H 180 3.26 20.72 -69.15
CA THR H 180 3.80 19.40 -69.38
C THR H 180 5.10 19.41 -70.20
N THR H 181 5.09 20.05 -71.37
CA THR H 181 6.19 19.91 -72.32
C THR H 181 6.68 21.24 -72.90
N TYR H 182 6.01 22.35 -72.61
CA TYR H 182 6.38 23.64 -73.19
C TYR H 182 7.67 24.14 -72.56
N ASP H 183 8.75 24.15 -73.34
CA ASP H 183 10.05 24.57 -72.84
C ASP H 183 10.14 26.09 -72.78
N SER H 184 11.23 26.56 -72.17
CA SER H 184 11.54 27.98 -72.04
C SER H 184 10.42 28.74 -71.32
N VAL H 185 10.21 28.36 -70.06
CA VAL H 185 9.21 29.03 -69.24
C VAL H 185 9.73 30.41 -68.83
N THR H 186 9.06 31.45 -69.30
CA THR H 186 9.48 32.83 -69.06
C THR H 186 8.65 33.40 -67.91
N ILE H 187 9.29 33.56 -66.75
CA ILE H 187 8.66 34.16 -65.57
C ILE H 187 9.57 35.26 -65.05
N SER H 188 8.97 36.38 -64.63
CA SER H 188 9.73 37.51 -64.15
C SER H 188 9.31 38.02 -62.78
N TRP H 189 8.20 37.51 -62.22
CA TRP H 189 7.72 37.89 -60.88
C TRP H 189 7.47 39.39 -60.78
N THR H 190 6.95 39.98 -61.86
CA THR H 190 6.63 41.40 -61.85
C THR H 190 5.44 41.66 -60.94
N ARG H 191 5.49 42.78 -60.21
CA ARG H 191 4.46 43.14 -59.25
C ARG H 191 3.89 44.51 -59.61
N GLN H 192 2.73 44.82 -59.01
CA GLN H 192 2.08 46.10 -59.24
C GLN H 192 2.85 47.25 -58.61
N ASN H 193 3.79 46.97 -57.71
CA ASN H 193 4.59 48.00 -57.06
C ASN H 193 6.07 47.66 -57.21
N GLY H 194 6.92 48.59 -56.80
CA GLY H 194 8.35 48.47 -57.00
C GLY H 194 9.13 47.80 -55.89
N GLU H 195 8.97 46.48 -55.75
CA GLU H 195 9.75 45.70 -54.81
C GLU H 195 10.52 44.61 -55.57
N ALA H 196 11.79 44.43 -55.21
CA ALA H 196 12.66 43.53 -55.94
C ALA H 196 12.36 42.07 -55.60
N VAL H 197 12.87 41.18 -56.45
CA VAL H 197 12.72 39.74 -56.28
C VAL H 197 13.97 39.22 -55.59
N LYS H 198 13.79 38.36 -54.58
CA LYS H 198 14.89 37.99 -53.71
C LYS H 198 15.82 36.95 -54.36
N THR H 199 15.29 35.76 -54.63
CA THR H 199 16.13 34.65 -55.06
C THR H 199 15.40 33.78 -56.08
N HIS H 200 16.20 33.03 -56.85
CA HIS H 200 15.70 32.00 -57.75
C HIS H 200 16.58 30.76 -57.81
N THR H 201 17.62 30.67 -56.96
CA THR H 201 18.62 29.62 -57.10
C THR H 201 18.12 28.23 -56.73
N ASN H 202 17.02 28.12 -56.00
CA ASN H 202 16.51 26.81 -55.57
C ASN H 202 15.89 26.11 -56.77
N ILE H 203 16.58 25.05 -57.24
CA ILE H 203 16.12 24.28 -58.39
C ILE H 203 15.49 22.98 -57.89
N SER H 204 14.30 22.67 -58.40
CA SER H 204 13.57 21.46 -58.01
C SER H 204 13.61 20.39 -59.10
N GLU H 205 14.57 20.48 -60.01
CA GLU H 205 14.77 19.53 -61.11
C GLU H 205 13.50 19.46 -61.96
N SER H 206 12.79 18.34 -61.92
CA SER H 206 11.59 18.15 -62.72
C SER H 206 10.74 17.06 -62.09
N HIS H 207 9.48 17.00 -62.52
CA HIS H 207 8.59 15.94 -62.07
C HIS H 207 8.95 14.62 -62.75
N PRO H 208 8.73 13.49 -62.07
CA PRO H 208 9.02 12.19 -62.72
C PRO H 208 8.20 11.92 -63.95
N ASN H 209 6.98 12.44 -64.03
CA ASN H 209 6.14 12.27 -65.21
C ASN H 209 6.60 13.25 -66.29
N ALA H 210 5.85 13.32 -67.39
CA ALA H 210 6.16 14.25 -68.48
C ALA H 210 5.55 15.62 -68.15
N THR H 211 6.13 16.25 -67.13
CA THR H 211 5.65 17.54 -66.64
C THR H 211 6.85 18.36 -66.20
N PHE H 212 7.04 19.52 -66.83
CA PHE H 212 8.13 20.40 -66.46
C PHE H 212 7.83 21.12 -65.15
N SER H 213 8.89 21.51 -64.46
CA SER H 213 8.79 22.33 -63.26
C SER H 213 9.65 23.57 -63.44
N ALA H 214 9.05 24.74 -63.25
CA ALA H 214 9.75 26.01 -63.33
C ALA H 214 9.78 26.63 -61.94
N VAL H 215 10.98 26.90 -61.46
CA VAL H 215 11.18 27.31 -60.07
C VAL H 215 11.11 28.82 -59.95
N GLY H 216 10.40 29.28 -58.93
CA GLY H 216 10.34 30.69 -58.58
C GLY H 216 10.48 30.85 -57.08
N GLU H 217 11.27 29.96 -56.47
CA GLU H 217 11.42 29.94 -55.02
C GLU H 217 12.10 31.22 -54.54
N ALA H 218 11.35 32.04 -53.80
CA ALA H 218 11.85 33.30 -53.28
C ALA H 218 11.98 33.22 -51.77
N SER H 219 13.14 33.60 -51.26
CA SER H 219 13.42 33.60 -49.82
C SER H 219 13.35 35.03 -49.32
N ILE H 220 12.23 35.39 -48.73
CA ILE H 220 12.03 36.73 -48.20
C ILE H 220 12.27 36.71 -46.69
N CYS H 221 12.40 37.89 -46.10
CA CYS H 221 12.62 38.00 -44.67
C CYS H 221 11.39 37.54 -43.90
N GLU H 222 11.62 36.91 -42.75
CA GLU H 222 10.51 36.45 -41.91
C GLU H 222 9.68 37.62 -41.40
N ASP H 223 10.34 38.72 -41.03
CA ASP H 223 9.61 39.92 -40.62
C ASP H 223 8.79 40.48 -41.77
N ASP H 224 9.35 40.45 -42.99
CA ASP H 224 8.61 40.91 -44.16
C ASP H 224 7.38 40.03 -44.42
N TRP H 225 7.51 38.73 -44.21
CA TRP H 225 6.36 37.85 -44.34
C TRP H 225 5.32 38.11 -43.26
N ASN H 226 5.78 38.40 -42.04
CA ASN H 226 4.85 38.67 -40.94
C ASN H 226 4.12 40.00 -41.14
N SER H 227 4.76 40.97 -41.79
CA SER H 227 4.14 42.29 -41.98
C SER H 227 2.98 42.27 -42.97
N GLY H 228 2.77 41.17 -43.69
CA GLY H 228 1.66 41.08 -44.60
C GLY H 228 1.90 41.76 -45.94
N GLU H 229 2.90 41.30 -46.67
CA GLU H 229 3.25 41.86 -47.97
C GLU H 229 2.64 41.01 -49.09
N ARG H 230 2.32 41.67 -50.19
CA ARG H 230 1.84 41.00 -51.40
C ARG H 230 2.98 40.87 -52.39
N PHE H 231 3.00 39.76 -53.11
CA PHE H 231 4.10 39.48 -54.04
C PHE H 231 3.61 38.49 -55.08
N THR H 232 3.47 38.94 -56.32
CA THR H 232 2.79 38.17 -57.36
C THR H 232 3.75 37.76 -58.46
N CYS H 233 3.44 36.62 -59.09
CA CYS H 233 4.24 36.06 -60.16
C CYS H 233 3.52 36.23 -61.50
N THR H 234 4.22 36.76 -62.49
CA THR H 234 3.70 36.92 -63.83
C THR H 234 4.10 35.74 -64.70
N VAL H 235 3.31 35.51 -65.75
CA VAL H 235 3.56 34.44 -66.70
C VAL H 235 3.71 35.09 -68.07
N THR H 236 4.94 35.21 -68.55
CA THR H 236 5.25 35.80 -69.85
C THR H 236 5.48 34.70 -70.91
N HIS H 237 5.05 33.48 -70.62
CA HIS H 237 5.23 32.36 -71.52
C HIS H 237 4.46 32.57 -72.82
N THR H 238 4.97 31.98 -73.90
CA THR H 238 4.30 32.09 -75.20
C THR H 238 2.93 31.43 -75.18
N ASP H 239 2.82 30.27 -74.52
CA ASP H 239 1.54 29.59 -74.43
C ASP H 239 0.54 30.35 -73.56
N LEU H 240 1.02 31.00 -72.50
CA LEU H 240 0.17 31.73 -71.56
C LEU H 240 0.69 33.15 -71.43
N PRO H 241 0.42 34.01 -72.41
CA PRO H 241 0.91 35.39 -72.32
C PRO H 241 0.21 36.21 -71.25
N SER H 242 -1.01 35.85 -70.87
CA SER H 242 -1.74 36.62 -69.87
C SER H 242 -1.21 36.31 -68.47
N PRO H 243 -0.78 37.31 -67.70
CA PRO H 243 -0.34 37.04 -66.33
C PRO H 243 -1.51 36.65 -65.44
N LEU H 244 -1.20 35.89 -64.39
CA LEU H 244 -2.19 35.42 -63.44
C LEU H 244 -1.98 36.10 -62.10
N LYS H 245 -3.08 36.56 -61.49
CA LYS H 245 -3.02 37.21 -60.19
C LYS H 245 -2.74 36.17 -59.12
N GLN H 246 -1.55 36.25 -58.51
CA GLN H 246 -1.14 35.34 -57.44
C GLN H 246 -0.76 36.19 -56.23
N THR H 247 -1.75 36.56 -55.42
CA THR H 247 -1.50 37.34 -54.22
C THR H 247 -1.34 36.38 -53.05
N ILE H 248 -0.25 36.54 -52.30
CA ILE H 248 0.09 35.67 -51.18
C ILE H 248 0.38 36.55 -49.97
N SER H 249 -0.43 36.41 -48.92
CA SER H 249 -0.22 37.15 -47.68
C SER H 249 -0.98 36.43 -46.56
N ARG H 250 -0.45 36.55 -45.35
CA ARG H 250 -1.10 35.93 -44.20
C ARG H 250 -2.41 36.64 -43.90
N PRO H 251 -3.46 35.88 -43.54
CA PRO H 251 -4.76 36.51 -43.26
C PRO H 251 -4.71 37.35 -41.99
N LYS H 252 -4.95 38.65 -42.14
CA LYS H 252 -4.96 39.57 -41.02
C LYS H 252 -6.29 39.61 -40.28
N GLY H 253 -7.32 38.98 -40.83
CA GLY H 253 -8.63 38.97 -40.21
C GLY H 253 -8.83 37.93 -39.13
N VAL H 254 -7.83 37.10 -38.87
CA VAL H 254 -7.96 36.06 -37.85
C VAL H 254 -7.59 36.61 -36.49
N ALA H 255 -8.10 35.95 -35.44
CA ALA H 255 -7.79 36.28 -34.07
C ALA H 255 -6.70 35.34 -33.56
N LEU H 256 -5.60 35.90 -33.08
CA LEU H 256 -4.41 35.13 -32.73
C LEU H 256 -4.67 34.31 -31.49
N HIS H 257 -4.95 33.01 -31.68
CA HIS H 257 -5.03 32.05 -30.58
C HIS H 257 -3.92 31.04 -30.77
N ARG H 258 -3.08 30.88 -29.75
CA ARG H 258 -1.96 29.95 -29.85
C ARG H 258 -2.48 28.51 -29.88
N PRO H 259 -1.72 27.60 -30.51
CA PRO H 259 -2.12 26.19 -30.51
C PRO H 259 -2.10 25.59 -29.11
N ASP H 260 -3.27 25.27 -28.58
CA ASP H 260 -3.37 24.54 -27.33
C ASP H 260 -2.98 23.08 -27.59
N VAL H 261 -1.70 22.77 -27.39
CA VAL H 261 -1.17 21.46 -27.75
C VAL H 261 -1.39 20.49 -26.60
N TYR H 262 -1.88 19.29 -26.93
CA TYR H 262 -2.22 18.28 -25.92
C TYR H 262 -1.70 16.95 -26.47
N LEU H 263 -0.49 16.58 -26.05
CA LEU H 263 0.14 15.37 -26.60
C LEU H 263 -0.44 14.13 -25.92
N LEU H 264 -1.07 13.27 -26.71
CA LEU H 264 -1.77 12.10 -26.19
C LEU H 264 -0.85 10.90 -26.17
N PRO H 265 -0.68 10.23 -25.03
CA PRO H 265 0.07 8.97 -25.01
C PRO H 265 -0.74 7.86 -25.67
N PRO H 266 -0.11 6.72 -25.97
CA PRO H 266 -0.89 5.55 -26.38
C PRO H 266 -1.75 5.05 -25.24
N ALA H 267 -2.60 4.08 -25.57
CA ALA H 267 -3.58 3.53 -24.64
C ALA H 267 -3.36 2.03 -24.46
N ARG H 268 -4.19 1.44 -23.60
CA ARG H 268 -4.12 0.00 -23.38
C ARG H 268 -4.51 -0.79 -24.62
N GLU H 269 -5.13 -0.16 -25.61
CA GLU H 269 -5.43 -0.86 -26.84
C GLU H 269 -4.20 -1.04 -27.71
N GLN H 270 -3.27 -0.08 -27.72
CA GLN H 270 -1.92 -0.38 -28.20
C GLN H 270 -1.22 -1.37 -27.27
N LEU H 271 -1.38 -1.18 -25.96
CA LEU H 271 -0.60 -1.96 -24.99
C LEU H 271 -1.02 -3.42 -24.91
N ASN H 272 -2.15 -3.80 -25.50
CA ASN H 272 -2.62 -5.17 -25.45
C ASN H 272 -2.39 -5.95 -26.73
N LEU H 273 -1.80 -5.34 -27.76
CA LEU H 273 -1.53 -6.04 -29.01
C LEU H 273 -0.06 -6.41 -29.18
N ARG H 274 0.85 -5.79 -28.42
CA ARG H 274 2.27 -6.09 -28.39
C ARG H 274 2.96 -5.86 -29.73
N GLU H 275 2.40 -5.02 -30.59
CA GLU H 275 2.98 -4.76 -31.91
C GLU H 275 3.44 -3.32 -32.08
N SER H 276 2.54 -2.35 -31.90
CA SER H 276 2.88 -0.95 -32.14
C SER H 276 2.17 -0.06 -31.14
N ALA H 277 2.83 1.03 -30.78
CA ALA H 277 2.26 2.07 -29.94
C ALA H 277 2.25 3.37 -30.72
N THR H 278 1.07 4.01 -30.78
CA THR H 278 0.87 5.22 -31.58
C THR H 278 0.75 6.41 -30.65
N ILE H 279 1.65 7.38 -30.82
CA ILE H 279 1.73 8.56 -29.96
C ILE H 279 1.26 9.75 -30.76
N THR H 280 0.07 10.26 -30.45
CA THR H 280 -0.56 11.31 -31.25
C THR H 280 -0.40 12.67 -30.57
N CYS H 281 0.33 13.56 -31.24
CA CYS H 281 0.54 14.92 -30.74
C CYS H 281 -0.61 15.82 -31.19
N LEU H 282 -1.77 15.58 -30.58
CA LEU H 282 -2.98 16.34 -30.85
C LEU H 282 -2.79 17.82 -30.56
N VAL H 283 -2.91 18.65 -31.59
CA VAL H 283 -2.88 20.10 -31.46
C VAL H 283 -4.25 20.65 -31.83
N THR H 284 -4.65 21.73 -31.15
CA THR H 284 -6.03 22.18 -31.20
C THR H 284 -6.11 23.67 -30.89
N GLY H 285 -6.94 24.39 -31.64
CA GLY H 285 -7.24 25.78 -31.34
C GLY H 285 -6.25 26.81 -31.84
N PHE H 286 -6.11 26.93 -33.16
CA PHE H 286 -5.24 27.91 -33.79
C PHE H 286 -5.91 28.46 -35.04
N SER H 287 -5.91 29.79 -35.17
CA SER H 287 -6.68 30.45 -36.23
C SER H 287 -6.19 30.14 -37.66
N PRO H 288 -4.90 30.15 -37.99
CA PRO H 288 -4.51 29.67 -39.31
C PRO H 288 -4.30 28.16 -39.32
N ALA H 289 -4.47 27.57 -40.51
CA ALA H 289 -4.60 26.13 -40.61
C ALA H 289 -3.29 25.41 -40.32
N ASP H 290 -2.28 25.65 -41.14
CA ASP H 290 -1.10 24.78 -41.19
C ASP H 290 -0.27 24.89 -39.92
N VAL H 291 0.12 23.73 -39.37
CA VAL H 291 1.07 23.62 -38.28
C VAL H 291 2.16 22.65 -38.70
N PHE H 292 3.40 22.94 -38.27
CA PHE H 292 4.49 21.99 -38.44
C PHE H 292 4.72 21.27 -37.11
N VAL H 293 3.82 20.35 -36.80
CA VAL H 293 4.00 19.47 -35.65
C VAL H 293 4.93 18.33 -36.04
N GLN H 294 6.14 18.36 -35.52
CA GLN H 294 7.18 17.37 -35.78
C GLN H 294 7.75 16.91 -34.44
N TRP H 295 8.67 15.96 -34.49
CA TRP H 295 9.06 15.23 -33.30
C TRP H 295 10.57 15.26 -33.10
N MET H 296 10.99 14.84 -31.91
CA MET H 296 12.38 14.48 -31.64
C MET H 296 12.39 13.12 -30.94
N GLN H 297 13.46 12.36 -31.20
CA GLN H 297 13.67 11.10 -30.49
C GLN H 297 13.82 11.36 -29.00
N ARG H 298 14.91 12.03 -28.62
CA ARG H 298 15.00 12.65 -27.30
C ARG H 298 15.24 14.15 -27.41
N GLY H 299 16.34 14.56 -28.04
CA GLY H 299 16.59 15.95 -28.36
C GLY H 299 16.88 16.16 -29.83
N GLN H 300 17.38 15.11 -30.50
CA GLN H 300 17.71 15.20 -31.92
C GLN H 300 16.45 15.09 -32.77
N PRO H 301 16.39 15.81 -33.90
CA PRO H 301 15.17 15.81 -34.72
C PRO H 301 14.83 14.42 -35.24
N LEU H 302 13.53 14.16 -35.37
CA LEU H 302 13.00 12.85 -35.69
C LEU H 302 12.42 12.86 -37.10
N SER H 303 12.75 11.82 -37.88
CA SER H 303 12.45 11.76 -39.30
C SER H 303 10.96 11.49 -39.57
N PRO H 304 10.42 12.07 -40.64
CA PRO H 304 8.97 11.96 -40.89
C PRO H 304 8.50 10.64 -41.48
N GLU H 305 9.34 9.60 -41.54
CA GLU H 305 8.86 8.33 -42.07
C GLU H 305 8.14 7.48 -41.04
N LYS H 306 8.04 7.95 -39.79
CA LYS H 306 7.23 7.27 -38.79
C LYS H 306 6.10 8.11 -38.23
N TYR H 307 6.23 9.44 -38.23
CA TYR H 307 5.12 10.32 -37.86
C TYR H 307 4.53 10.94 -39.12
N VAL H 308 3.22 11.10 -39.13
CA VAL H 308 2.52 11.86 -40.16
C VAL H 308 1.38 12.61 -39.50
N THR H 309 1.22 13.88 -39.87
CA THR H 309 0.22 14.75 -39.26
C THR H 309 -1.06 14.79 -40.08
N SER H 310 -2.18 14.89 -39.37
CA SER H 310 -3.46 15.07 -40.03
C SER H 310 -3.56 16.46 -40.64
N ALA H 311 -4.24 16.53 -41.79
CA ALA H 311 -4.44 17.81 -42.44
C ALA H 311 -5.29 18.72 -41.56
N PRO H 312 -4.90 19.97 -41.33
CA PRO H 312 -5.65 20.83 -40.40
C PRO H 312 -7.04 21.19 -40.90
N MET H 313 -8.05 20.57 -40.29
CA MET H 313 -9.47 20.74 -40.52
C MET H 313 -10.13 21.37 -39.31
N PRO H 314 -11.16 22.20 -39.47
CA PRO H 314 -11.57 23.10 -38.38
C PRO H 314 -12.20 22.36 -37.22
N GLU H 315 -11.80 22.74 -36.01
CA GLU H 315 -12.42 22.22 -34.81
C GLU H 315 -13.85 22.75 -34.71
N PRO H 316 -14.85 21.88 -34.50
CA PRO H 316 -16.24 22.32 -34.67
C PRO H 316 -16.78 23.22 -33.56
N GLN H 317 -16.05 23.41 -32.46
CA GLN H 317 -16.52 24.32 -31.42
C GLN H 317 -16.58 25.76 -31.92
N ALA H 318 -15.55 26.21 -32.64
CA ALA H 318 -15.53 27.55 -33.20
C ALA H 318 -15.01 27.50 -34.62
N PRO H 319 -15.60 28.29 -35.53
CA PRO H 319 -15.11 28.31 -36.92
C PRO H 319 -13.66 28.76 -37.05
N GLY H 320 -13.20 29.64 -36.17
CA GLY H 320 -11.84 30.12 -36.25
C GLY H 320 -10.79 29.12 -35.81
N ARG H 321 -11.18 28.13 -34.99
CA ARG H 321 -10.25 27.15 -34.49
C ARG H 321 -10.11 25.98 -35.44
N TYR H 322 -8.94 25.35 -35.45
CA TYR H 322 -8.63 24.18 -36.26
C TYR H 322 -8.02 23.12 -35.36
N PHE H 323 -7.61 22.01 -35.96
CA PHE H 323 -6.86 21.00 -35.21
C PHE H 323 -6.10 20.12 -36.19
N ALA H 324 -4.93 19.66 -35.75
CA ALA H 324 -4.17 18.62 -36.44
C ALA H 324 -3.92 17.48 -35.47
N HIS H 325 -3.44 16.36 -36.01
CA HIS H 325 -3.36 15.12 -35.25
C HIS H 325 -2.24 14.27 -35.84
N SER H 326 -1.07 14.30 -35.20
CA SER H 326 0.14 13.70 -35.75
C SER H 326 0.51 12.45 -34.97
N ILE H 327 0.31 11.29 -35.59
CA ILE H 327 0.60 10.01 -34.96
C ILE H 327 2.10 9.80 -34.83
N LEU H 328 2.50 8.79 -34.06
CA LEU H 328 3.88 8.33 -34.00
C LEU H 328 3.83 6.82 -33.76
N THR H 329 3.88 6.05 -34.85
CA THR H 329 3.65 4.61 -34.77
C THR H 329 4.96 3.86 -34.56
N VAL H 330 5.62 4.23 -33.46
CA VAL H 330 6.79 3.49 -33.02
C VAL H 330 6.36 2.11 -32.53
N SER H 331 7.33 1.20 -32.45
CA SER H 331 7.01 -0.17 -32.04
C SER H 331 6.68 -0.22 -30.56
N GLU H 332 5.90 -1.24 -30.18
CA GLU H 332 5.42 -1.38 -28.81
C GLU H 332 6.58 -1.56 -27.84
N GLU H 333 7.54 -2.43 -28.19
CA GLU H 333 8.67 -2.68 -27.31
C GLU H 333 9.53 -1.44 -27.15
N GLU H 334 9.77 -0.71 -28.24
CA GLU H 334 10.55 0.52 -28.16
C GLU H 334 9.82 1.59 -27.37
N TRP H 335 8.49 1.58 -27.37
CA TRP H 335 7.73 2.51 -26.55
C TRP H 335 7.74 2.14 -25.07
N ASN H 336 7.74 0.85 -24.75
CA ASN H 336 7.68 0.39 -23.38
C ASN H 336 9.06 0.19 -22.75
N THR H 337 10.09 0.89 -23.24
CA THR H 337 11.41 0.90 -22.61
C THR H 337 11.68 2.20 -21.87
N GLY H 338 10.65 2.98 -21.57
CA GLY H 338 10.84 4.28 -20.95
C GLY H 338 11.33 5.35 -21.88
N GLU H 339 11.21 5.15 -23.19
CA GLU H 339 11.70 6.12 -24.16
C GLU H 339 10.77 7.32 -24.23
N THR H 340 11.30 8.51 -23.98
CA THR H 340 10.52 9.73 -24.08
C THR H 340 10.33 10.13 -25.55
N TYR H 341 9.34 10.98 -25.79
CA TYR H 341 9.05 11.46 -27.14
C TYR H 341 8.43 12.84 -27.03
N THR H 342 9.15 13.86 -27.52
CA THR H 342 8.68 15.23 -27.48
C THR H 342 8.33 15.69 -28.89
N CYS H 343 7.24 16.46 -29.00
CA CYS H 343 6.76 16.97 -30.28
C CYS H 343 6.67 18.49 -30.23
N VAL H 344 7.51 19.16 -31.01
CA VAL H 344 7.39 20.60 -31.21
C VAL H 344 6.29 20.88 -32.24
N VAL H 345 5.58 21.98 -32.03
CA VAL H 345 4.48 22.39 -32.90
C VAL H 345 4.82 23.80 -33.37
N ALA H 346 5.53 23.91 -34.49
CA ALA H 346 5.91 25.20 -35.03
C ALA H 346 4.68 25.87 -35.63
N HIS H 347 4.33 27.05 -35.11
CA HIS H 347 3.14 27.75 -35.58
C HIS H 347 3.30 29.24 -35.27
N GLU H 348 2.65 30.07 -36.10
CA GLU H 348 2.85 31.51 -36.02
C GLU H 348 2.15 32.16 -34.83
N ALA H 349 1.09 31.55 -34.30
CA ALA H 349 0.33 32.21 -33.24
C ALA H 349 1.01 32.13 -31.88
N LEU H 350 1.97 31.23 -31.71
CA LEU H 350 2.68 31.13 -30.44
C LEU H 350 3.60 32.34 -30.26
N PRO H 351 3.75 32.85 -29.04
CA PRO H 351 4.69 33.96 -28.83
C PRO H 351 6.14 33.60 -29.13
N ASN H 352 6.52 32.34 -28.91
CA ASN H 352 7.86 31.85 -29.21
C ASN H 352 7.93 31.09 -30.53
N ARG H 353 6.83 31.04 -31.27
CA ARG H 353 6.71 30.45 -32.61
C ARG H 353 6.83 28.93 -32.60
N VAL H 354 7.15 28.32 -31.46
CA VAL H 354 7.29 26.87 -31.35
C VAL H 354 7.23 26.45 -29.89
N THR H 355 6.46 25.40 -29.60
CA THR H 355 6.33 24.85 -28.26
C THR H 355 6.33 23.34 -28.33
N GLU H 356 6.95 22.69 -27.34
CA GLU H 356 7.03 21.24 -27.32
C GLU H 356 6.28 20.67 -26.12
N ARG H 357 5.84 19.42 -26.28
CA ARG H 357 5.23 18.67 -25.20
C ARG H 357 5.83 17.28 -25.20
N THR H 358 5.98 16.71 -24.00
CA THR H 358 6.71 15.46 -23.83
C THR H 358 5.80 14.37 -23.27
N VAL H 359 6.13 13.12 -23.60
CA VAL H 359 5.36 11.97 -23.15
C VAL H 359 6.34 10.86 -22.81
N ASP H 360 5.92 9.98 -21.90
CA ASP H 360 6.69 8.82 -21.49
C ASP H 360 5.71 7.83 -20.88
N LYS H 361 6.23 6.71 -20.39
CA LYS H 361 5.37 5.74 -19.70
C LYS H 361 4.79 6.34 -18.42
N SER H 362 5.62 7.04 -17.65
CA SER H 362 5.13 7.67 -16.42
C SER H 362 4.32 8.93 -16.72
N THR H 363 4.59 9.59 -17.85
CA THR H 363 3.88 10.82 -18.18
C THR H 363 2.41 10.57 -18.50
N GLY H 364 2.06 9.37 -18.95
CA GLY H 364 0.66 9.09 -19.21
C GLY H 364 -0.05 8.68 -17.94
N LYS H 365 -0.62 9.68 -17.26
CA LYS H 365 -1.27 9.52 -15.96
C LYS H 365 -0.42 8.72 -14.96
N ILE I 152 46.80 57.21 -20.62
CA ILE I 152 47.37 56.72 -19.38
C ILE I 152 46.36 56.91 -18.25
N ARG I 153 46.17 55.87 -17.43
CA ARG I 153 45.19 55.91 -16.36
C ARG I 153 45.61 54.95 -15.25
N VAL I 154 45.48 55.39 -14.01
CA VAL I 154 45.76 54.58 -12.84
C VAL I 154 44.44 54.12 -12.27
N PHE I 155 44.25 52.80 -12.19
CA PHE I 155 43.01 52.22 -11.71
C PHE I 155 43.01 52.11 -10.19
N ALA I 156 41.81 52.01 -9.63
CA ALA I 156 41.62 51.85 -8.19
C ALA I 156 40.87 50.55 -7.93
N ILE I 157 41.33 49.79 -6.95
CA ILE I 157 40.73 48.51 -6.59
C ILE I 157 40.24 48.62 -5.15
N PRO I 158 38.95 48.92 -4.95
CA PRO I 158 38.40 48.85 -3.60
C PRO I 158 38.36 47.41 -3.13
N PRO I 159 38.48 47.17 -1.82
CA PRO I 159 38.47 45.79 -1.33
C PRO I 159 37.08 45.18 -1.37
N SER I 160 36.84 44.32 -2.36
CA SER I 160 35.59 43.59 -2.46
C SER I 160 35.57 42.48 -1.41
N PHE I 161 34.37 41.94 -1.17
CA PHE I 161 34.27 40.89 -0.16
C PHE I 161 34.95 39.61 -0.64
N ALA I 162 34.96 39.35 -1.95
CA ALA I 162 35.70 38.22 -2.48
C ALA I 162 37.20 38.36 -2.23
N SER I 163 37.73 39.59 -2.37
CA SER I 163 39.15 39.80 -2.15
C SER I 163 39.51 39.76 -0.68
N ILE I 164 38.67 40.34 0.19
CA ILE I 164 38.99 40.34 1.62
C ILE I 164 38.78 38.95 2.20
N PHE I 165 37.91 38.14 1.60
CA PHE I 165 37.63 36.81 2.14
C PHE I 165 38.64 35.77 1.70
N LEU I 166 39.39 36.02 0.63
CA LEU I 166 40.39 35.06 0.16
C LEU I 166 41.55 34.94 1.15
N THR I 167 41.94 36.05 1.76
CA THR I 167 43.10 36.09 2.64
C THR I 167 42.75 36.47 4.08
N LYS I 168 41.48 36.80 4.36
CA LYS I 168 41.05 37.30 5.67
C LYS I 168 41.86 38.54 6.07
N SER I 169 42.04 39.45 5.11
CA SER I 169 42.76 40.68 5.35
C SER I 169 42.22 41.76 4.42
N THR I 170 42.01 42.95 4.97
CA THR I 170 41.54 44.09 4.17
C THR I 170 42.68 44.55 3.27
N LYS I 171 42.60 44.24 1.98
CA LYS I 171 43.63 44.60 1.02
C LYS I 171 43.05 45.61 0.04
N LEU I 172 43.13 46.89 0.40
CA LEU I 172 42.74 47.96 -0.50
C LEU I 172 43.98 48.45 -1.24
N THR I 173 43.90 48.49 -2.56
CA THR I 173 45.04 48.80 -3.41
C THR I 173 44.67 49.85 -4.44
N CYS I 174 45.68 50.57 -4.90
CA CYS I 174 45.59 51.43 -6.09
C CYS I 174 46.46 50.76 -7.16
N LEU I 175 45.86 49.79 -7.85
CA LEU I 175 46.59 48.93 -8.78
C LEU I 175 46.48 49.53 -10.18
N VAL I 176 47.63 49.75 -10.81
CA VAL I 176 47.65 50.33 -12.14
C VAL I 176 47.23 49.29 -13.18
N THR I 177 46.52 49.75 -14.21
CA THR I 177 46.07 48.90 -15.29
C THR I 177 46.59 49.35 -16.65
N ASP I 178 46.60 50.64 -16.92
CA ASP I 178 47.07 51.18 -18.19
C ASP I 178 48.53 51.62 -18.12
N LEU I 179 49.21 51.40 -17.01
CA LEU I 179 50.63 51.73 -16.85
C LEU I 179 51.42 50.61 -17.49
N THR I 180 51.68 50.74 -18.80
CA THR I 180 52.23 49.61 -19.56
C THR I 180 53.73 49.43 -19.30
N THR I 181 54.55 50.44 -19.61
CA THR I 181 55.99 50.31 -19.42
C THR I 181 56.56 51.68 -19.08
N TYR I 182 56.67 51.98 -17.80
CA TYR I 182 57.29 53.22 -17.33
C TYR I 182 57.97 52.94 -16.01
N ASP I 183 59.18 53.45 -15.84
CA ASP I 183 60.03 53.19 -14.67
C ASP I 183 60.02 54.39 -13.74
N SER I 184 60.85 54.31 -12.69
CA SER I 184 60.95 55.34 -11.65
C SER I 184 59.58 55.58 -10.99
N VAL I 185 58.95 54.48 -10.59
CA VAL I 185 57.63 54.55 -9.95
C VAL I 185 57.84 54.78 -8.46
N THR I 186 57.49 55.98 -7.99
CA THR I 186 57.58 56.34 -6.58
C THR I 186 56.15 56.62 -6.11
N ILE I 187 55.45 55.58 -5.72
CA ILE I 187 54.05 55.69 -5.31
C ILE I 187 53.97 56.00 -3.83
N SER I 188 52.99 56.81 -3.45
CA SER I 188 52.79 57.21 -2.07
C SER I 188 51.29 57.31 -1.80
N TRP I 189 50.95 57.63 -0.55
CA TRP I 189 49.57 57.73 -0.12
C TRP I 189 49.37 59.02 0.66
N THR I 190 48.19 59.63 0.46
CA THR I 190 47.84 60.85 1.18
C THR I 190 46.39 60.74 1.66
N ARG I 191 46.08 61.51 2.71
CA ARG I 191 44.72 61.57 3.23
C ARG I 191 44.56 62.86 4.03
N GLN I 192 43.32 63.25 4.23
CA GLN I 192 42.99 64.47 4.97
C GLN I 192 42.92 64.25 6.47
N ASN I 193 43.09 63.02 6.94
CA ASN I 193 43.09 62.70 8.36
C ASN I 193 44.50 62.36 8.82
N GLY I 194 44.65 62.19 10.14
CA GLY I 194 45.94 61.83 10.69
C GLY I 194 46.15 60.33 10.77
N GLU I 195 46.85 59.79 9.78
CA GLU I 195 47.10 58.35 9.68
C GLU I 195 48.14 58.12 8.61
N ALA I 196 48.99 57.11 8.84
CA ALA I 196 50.03 56.73 7.90
C ALA I 196 49.93 55.25 7.59
N VAL I 197 50.38 54.88 6.39
CA VAL I 197 50.30 53.49 5.95
C VAL I 197 51.24 52.65 6.80
N LYS I 198 50.72 51.57 7.38
CA LYS I 198 51.53 50.70 8.23
C LYS I 198 52.60 49.98 7.43
N THR I 199 52.24 49.43 6.27
CA THR I 199 53.19 48.73 5.43
C THR I 199 52.65 48.69 4.00
N HIS I 200 53.57 48.68 3.04
CA HIS I 200 53.23 48.59 1.62
C HIS I 200 54.36 47.89 0.90
N THR I 201 54.23 46.58 0.71
CA THR I 201 55.27 45.76 0.11
C THR I 201 54.65 44.69 -0.80
N ASN I 202 55.45 43.68 -1.15
CA ASN I 202 54.99 42.51 -1.90
C ASN I 202 54.43 42.92 -3.27
N ILE I 203 55.31 43.48 -4.09
CA ILE I 203 54.96 43.74 -5.48
C ILE I 203 54.81 42.41 -6.21
N SER I 204 53.73 42.26 -6.95
CA SER I 204 53.39 40.98 -7.58
C SER I 204 53.99 40.90 -9.00
N GLU I 205 55.29 41.17 -9.07
CA GLU I 205 56.09 41.07 -10.31
C GLU I 205 55.43 41.94 -11.38
N SER I 206 55.11 41.40 -12.56
CA SER I 206 54.44 42.15 -13.61
C SER I 206 53.60 41.19 -14.44
N HIS I 207 52.68 41.76 -15.20
CA HIS I 207 51.82 40.95 -16.06
C HIS I 207 52.64 40.32 -17.19
N PRO I 208 52.25 39.13 -17.65
CA PRO I 208 52.96 38.51 -18.78
C PRO I 208 52.87 39.31 -20.07
N ASN I 209 51.86 40.17 -20.22
CA ASN I 209 51.75 41.02 -21.38
C ASN I 209 52.69 42.22 -21.20
N ALA I 210 52.60 43.22 -22.07
CA ALA I 210 53.43 44.42 -21.97
C ALA I 210 52.74 45.44 -21.06
N THR I 211 52.60 45.04 -19.79
CA THR I 211 51.96 45.87 -18.79
C THR I 211 52.62 45.62 -17.44
N PHE I 212 52.91 46.71 -16.73
CA PHE I 212 53.45 46.63 -15.39
C PHE I 212 52.34 46.50 -14.36
N SER I 213 52.66 45.88 -13.23
CA SER I 213 51.73 45.72 -12.12
C SER I 213 52.37 46.35 -10.88
N ALA I 214 51.76 47.42 -10.39
CA ALA I 214 52.18 48.10 -9.17
C ALA I 214 51.05 48.01 -8.17
N VAL I 215 51.11 47.03 -7.29
CA VAL I 215 50.04 46.80 -6.32
C VAL I 215 50.15 47.82 -5.20
N GLY I 216 49.06 47.99 -4.46
CA GLY I 216 49.04 48.86 -3.31
C GLY I 216 48.62 48.12 -2.05
N GLU I 217 49.13 46.90 -1.90
CA GLU I 217 48.73 46.03 -0.80
C GLU I 217 49.14 46.63 0.54
N ALA I 218 48.22 46.56 1.51
CA ALA I 218 48.49 47.08 2.84
C ALA I 218 47.59 46.33 3.82
N SER I 219 48.19 45.79 4.88
CA SER I 219 47.46 45.05 5.90
C SER I 219 46.74 46.04 6.81
N ILE I 220 45.41 46.06 6.72
CA ILE I 220 44.58 46.99 7.48
C ILE I 220 43.52 46.19 8.22
N CYS I 221 43.21 46.60 9.44
CA CYS I 221 42.20 45.91 10.24
C CYS I 221 40.83 46.00 9.57
N GLU I 222 40.07 44.90 9.63
CA GLU I 222 38.77 44.84 8.99
C GLU I 222 37.80 45.85 9.59
N ASP I 223 37.75 45.95 10.92
CA ASP I 223 36.85 46.90 11.57
C ASP I 223 37.28 48.34 11.32
N ASP I 224 38.58 48.58 11.15
CA ASP I 224 39.05 49.91 10.80
C ASP I 224 38.54 50.34 9.43
N TRP I 225 38.52 49.41 8.48
CA TRP I 225 37.99 49.70 7.14
C TRP I 225 36.47 49.85 7.18
N ASN I 226 35.78 49.10 8.04
CA ASN I 226 34.34 49.19 8.16
C ASN I 226 33.88 50.37 9.02
N SER I 227 34.81 51.12 9.62
CA SER I 227 34.45 52.25 10.45
C SER I 227 34.23 53.53 9.65
N GLY I 228 34.39 53.49 8.33
CA GLY I 228 34.14 54.66 7.51
C GLY I 228 35.31 55.60 7.36
N GLU I 229 36.53 55.15 7.58
CA GLU I 229 37.70 56.01 7.42
C GLU I 229 37.92 56.35 5.96
N ARG I 230 38.30 57.59 5.69
CA ARG I 230 38.48 58.08 4.33
C ARG I 230 39.96 58.04 3.97
N PHE I 231 40.28 57.38 2.85
CA PHE I 231 41.66 57.14 2.48
C PHE I 231 41.75 57.02 0.97
N THR I 232 42.75 57.68 0.38
CA THR I 232 42.92 57.72 -1.06
C THR I 232 44.38 57.49 -1.42
N CYS I 233 44.59 56.99 -2.64
CA CYS I 233 45.93 56.79 -3.19
C CYS I 233 46.26 57.93 -4.13
N THR I 234 47.34 58.65 -3.82
CA THR I 234 47.81 59.73 -4.68
C THR I 234 48.81 59.19 -5.69
N VAL I 235 48.88 59.85 -6.85
CA VAL I 235 49.77 59.45 -7.94
C VAL I 235 50.86 60.50 -8.07
N THR I 236 52.11 60.10 -7.79
CA THR I 236 53.28 60.94 -7.98
C THR I 236 54.23 60.13 -8.87
N HIS I 237 54.06 60.28 -10.17
CA HIS I 237 54.80 59.49 -11.15
C HIS I 237 55.31 60.40 -12.26
N THR I 238 56.34 59.92 -12.97
CA THR I 238 56.89 60.68 -14.07
C THR I 238 55.86 60.88 -15.19
N ASP I 239 55.08 59.83 -15.49
CA ASP I 239 54.05 59.96 -16.52
C ASP I 239 52.87 60.79 -16.02
N LEU I 240 52.42 60.54 -14.79
CA LEU I 240 51.28 61.26 -14.22
C LEU I 240 51.73 62.04 -12.98
N PRO I 241 51.94 63.34 -13.09
CA PRO I 241 52.29 64.16 -11.92
C PRO I 241 51.09 64.65 -11.12
N SER I 242 49.87 64.39 -11.58
CA SER I 242 48.65 64.83 -10.90
C SER I 242 48.01 63.68 -10.15
N PRO I 243 47.52 63.93 -8.93
CA PRO I 243 46.89 62.87 -8.14
C PRO I 243 45.47 62.59 -8.63
N LEU I 244 44.92 61.48 -8.14
CA LEU I 244 43.56 61.07 -8.43
C LEU I 244 42.78 60.94 -7.13
N LYS I 245 41.57 61.50 -7.11
CA LYS I 245 40.74 61.48 -5.92
C LYS I 245 39.98 60.16 -5.87
N GLN I 246 40.27 59.35 -4.84
CA GLN I 246 39.64 58.04 -4.65
C GLN I 246 39.13 57.97 -3.21
N THR I 247 37.94 58.51 -2.98
CA THR I 247 37.36 58.59 -1.64
C THR I 247 36.37 57.44 -1.49
N ILE I 248 36.82 56.34 -0.90
CA ILE I 248 36.01 55.15 -0.69
C ILE I 248 36.19 54.67 0.74
N SER I 249 35.10 54.49 1.46
CA SER I 249 35.15 53.90 2.79
C SER I 249 34.23 52.70 2.95
N ARG I 250 33.01 52.78 2.43
CA ARG I 250 32.00 51.74 2.52
C ARG I 250 30.78 52.16 1.72
N PRO I 251 30.01 51.22 1.20
CA PRO I 251 28.70 51.55 0.63
C PRO I 251 27.76 52.08 1.71
N LYS I 252 27.40 53.36 1.60
CA LYS I 252 26.39 53.93 2.48
C LYS I 252 25.01 53.79 1.87
N GLY I 253 24.01 53.68 2.74
CA GLY I 253 22.63 53.58 2.31
C GLY I 253 22.15 52.19 1.99
N VAL I 254 23.02 51.19 2.00
CA VAL I 254 22.62 49.81 1.73
C VAL I 254 22.15 49.17 3.02
N ALA I 255 21.09 48.37 2.93
CA ALA I 255 20.53 47.72 4.10
C ALA I 255 21.38 46.52 4.52
N LEU I 256 21.16 46.06 5.75
CA LEU I 256 21.85 44.89 6.27
C LEU I 256 20.96 43.66 6.10
N HIS I 257 20.61 43.39 4.84
CA HIS I 257 19.79 42.23 4.49
C HIS I 257 20.70 41.12 4.00
N ARG I 258 20.61 39.96 4.64
CA ARG I 258 21.48 38.84 4.37
C ARG I 258 21.10 38.15 3.06
N PRO I 259 22.02 37.36 2.49
CA PRO I 259 21.64 36.47 1.39
C PRO I 259 20.68 35.37 1.85
N ASP I 260 19.42 35.46 1.43
CA ASP I 260 18.44 34.40 1.67
C ASP I 260 18.74 33.27 0.68
N VAL I 261 19.66 32.40 1.07
CA VAL I 261 20.20 31.37 0.18
C VAL I 261 19.16 30.28 -0.05
N TYR I 262 19.02 29.88 -1.31
CA TYR I 262 18.11 28.81 -1.73
C TYR I 262 18.91 27.82 -2.58
N LEU I 263 19.45 26.80 -1.95
CA LEU I 263 20.20 25.78 -2.68
C LEU I 263 19.23 24.80 -3.32
N LEU I 264 19.48 24.47 -4.59
CA LEU I 264 18.48 23.83 -5.44
C LEU I 264 19.01 22.54 -6.05
N PRO I 265 18.43 21.39 -5.73
CA PRO I 265 18.86 20.13 -6.36
C PRO I 265 18.52 20.10 -7.83
N PRO I 266 19.20 19.28 -8.62
CA PRO I 266 18.92 19.23 -10.06
C PRO I 266 17.60 18.53 -10.35
N ALA I 267 17.14 18.71 -11.58
CA ALA I 267 15.85 18.18 -12.01
C ALA I 267 15.95 16.69 -12.32
N ARG I 268 14.78 16.08 -12.54
CA ARG I 268 14.70 14.67 -12.91
C ARG I 268 15.30 14.40 -14.29
N GLU I 269 15.45 15.43 -15.12
CA GLU I 269 16.04 15.24 -16.44
C GLU I 269 17.51 14.84 -16.36
N GLN I 270 18.19 15.20 -15.26
CA GLN I 270 19.55 14.70 -15.04
C GLN I 270 19.55 13.18 -14.92
N LEU I 271 18.60 12.61 -14.19
CA LEU I 271 18.46 11.17 -14.14
C LEU I 271 17.94 10.61 -15.47
N ASN I 272 17.22 11.43 -16.23
CA ASN I 272 16.71 10.98 -17.53
C ASN I 272 17.84 10.76 -18.53
N LEU I 273 18.80 11.67 -18.61
CA LEU I 273 19.85 11.58 -19.63
C LEU I 273 21.20 11.16 -19.09
N ARG I 274 21.51 11.43 -17.82
CA ARG I 274 22.66 10.88 -17.11
C ARG I 274 23.99 11.25 -17.77
N GLU I 275 24.31 12.54 -17.73
CA GLU I 275 25.65 13.00 -18.06
C GLU I 275 26.23 13.98 -17.04
N SER I 276 25.42 14.55 -16.14
CA SER I 276 25.89 15.55 -15.21
C SER I 276 24.88 15.64 -14.06
N ALA I 277 25.27 16.37 -13.02
CA ALA I 277 24.37 16.69 -11.91
C ALA I 277 24.82 18.03 -11.36
N THR I 278 24.11 19.09 -11.70
CA THR I 278 24.50 20.45 -11.37
C THR I 278 23.53 21.06 -10.37
N ILE I 279 24.07 21.54 -9.25
CA ILE I 279 23.30 22.00 -8.11
C ILE I 279 23.57 23.48 -7.91
N THR I 280 22.51 24.28 -7.81
CA THR I 280 22.61 25.73 -7.90
C THR I 280 22.37 26.37 -6.53
N CYS I 281 23.35 27.17 -6.08
CA CYS I 281 23.27 27.92 -4.84
C CYS I 281 22.72 29.31 -5.13
N LEU I 282 21.39 29.40 -5.14
CA LEU I 282 20.70 30.64 -5.52
C LEU I 282 20.67 31.55 -4.30
N VAL I 283 21.70 32.38 -4.17
CA VAL I 283 21.75 33.37 -3.11
C VAL I 283 20.96 34.60 -3.56
N THR I 284 20.07 35.08 -2.69
CA THR I 284 19.01 35.98 -3.13
C THR I 284 18.78 37.09 -2.11
N GLY I 285 18.52 38.30 -2.61
CA GLY I 285 18.05 39.38 -1.77
C GLY I 285 19.01 39.90 -0.71
N PHE I 286 20.26 40.15 -1.06
CA PHE I 286 21.22 40.79 -0.18
C PHE I 286 21.52 42.19 -0.71
N SER I 287 21.39 43.20 0.16
CA SER I 287 21.45 44.58 -0.29
C SER I 287 22.81 44.98 -0.87
N PRO I 288 23.96 44.76 -0.21
CA PRO I 288 25.22 45.11 -0.87
C PRO I 288 25.60 44.05 -1.90
N ALA I 289 26.15 44.50 -3.03
CA ALA I 289 26.39 43.61 -4.15
C ALA I 289 27.54 42.64 -3.89
N ASP I 290 28.56 43.05 -3.14
CA ASP I 290 29.78 42.26 -3.00
C ASP I 290 29.51 40.98 -2.23
N VAL I 291 29.54 39.85 -2.93
CA VAL I 291 29.33 38.53 -2.32
C VAL I 291 30.33 37.56 -2.93
N PHE I 292 30.63 36.50 -2.18
CA PHE I 292 31.64 35.51 -2.58
C PHE I 292 31.15 34.12 -2.16
N VAL I 293 30.52 33.41 -3.10
CA VAL I 293 30.00 32.07 -2.84
C VAL I 293 31.08 31.04 -3.20
N GLN I 294 31.35 30.14 -2.27
CA GLN I 294 32.24 29.01 -2.53
C GLN I 294 31.66 27.76 -1.88
N TRP I 295 32.06 26.60 -2.41
CA TRP I 295 31.40 25.34 -2.13
C TRP I 295 32.30 24.41 -1.33
N MET I 296 31.70 23.35 -0.80
CA MET I 296 32.44 22.23 -0.24
C MET I 296 31.89 20.92 -0.76
N GLN I 297 32.72 19.89 -0.71
CA GLN I 297 32.32 18.51 -0.95
C GLN I 297 32.89 17.67 0.18
N ARG I 298 32.01 17.07 0.98
CA ARG I 298 32.37 16.36 2.22
C ARG I 298 33.04 17.29 3.24
N GLY I 299 32.76 18.59 3.16
CA GLY I 299 33.26 19.56 4.12
C GLY I 299 34.55 20.27 3.72
N GLN I 300 35.25 19.79 2.71
CA GLN I 300 36.48 20.49 2.37
C GLN I 300 36.24 21.52 1.26
N PRO I 301 36.84 22.70 1.34
CA PRO I 301 36.56 23.75 0.36
C PRO I 301 37.02 23.39 -1.03
N LEU I 302 36.34 23.96 -2.02
CA LEU I 302 36.56 23.68 -3.42
C LEU I 302 37.14 24.88 -4.14
N SER I 303 38.01 24.62 -5.11
CA SER I 303 38.50 25.65 -6.02
C SER I 303 37.45 25.93 -7.10
N PRO I 304 37.48 27.13 -7.69
CA PRO I 304 36.50 27.45 -8.74
C PRO I 304 36.78 26.78 -10.08
N GLU I 305 36.65 25.45 -10.15
CA GLU I 305 36.75 24.73 -11.40
C GLU I 305 35.61 23.75 -11.63
N LYS I 306 34.87 23.35 -10.60
CA LYS I 306 33.60 22.65 -10.78
C LYS I 306 32.41 23.44 -10.26
N TYR I 307 32.62 24.40 -9.36
CA TYR I 307 31.61 25.39 -9.04
C TYR I 307 32.05 26.73 -9.63
N VAL I 308 31.09 27.60 -9.87
CA VAL I 308 31.35 28.96 -10.33
C VAL I 308 30.17 29.85 -9.98
N THR I 309 30.45 31.03 -9.44
CA THR I 309 29.42 31.94 -8.94
C THR I 309 29.10 33.02 -9.95
N SER I 310 27.80 33.25 -10.17
CA SER I 310 27.36 34.33 -11.04
C SER I 310 27.72 35.69 -10.45
N ALA I 311 28.01 36.64 -11.32
CA ALA I 311 28.24 38.01 -10.87
C ALA I 311 26.95 38.58 -10.30
N PRO I 312 27.01 39.30 -9.18
CA PRO I 312 25.79 39.75 -8.50
C PRO I 312 25.03 40.82 -9.26
N MET I 313 23.88 40.46 -9.83
CA MET I 313 23.00 41.39 -10.51
C MET I 313 21.77 41.68 -9.64
N PRO I 314 21.15 42.87 -9.79
CA PRO I 314 20.06 43.24 -8.89
C PRO I 314 18.86 42.30 -8.95
N GLU I 315 18.20 42.16 -7.81
CA GLU I 315 16.99 41.36 -7.71
C GLU I 315 15.88 41.98 -8.54
N PRO I 316 15.12 41.17 -9.29
CA PRO I 316 14.03 41.73 -10.10
C PRO I 316 12.93 42.42 -9.31
N GLN I 317 12.65 41.98 -8.08
CA GLN I 317 11.59 42.61 -7.30
C GLN I 317 12.04 43.91 -6.67
N ALA I 318 13.04 43.86 -5.81
CA ALA I 318 13.55 45.04 -5.13
C ALA I 318 14.91 45.42 -5.69
N PRO I 319 15.05 46.59 -6.32
CA PRO I 319 16.37 46.96 -6.86
C PRO I 319 17.43 47.15 -5.80
N GLY I 320 17.06 47.45 -4.55
CA GLY I 320 18.05 47.54 -3.49
C GLY I 320 18.71 46.20 -3.20
N ARG I 321 17.97 45.12 -3.33
CA ARG I 321 18.51 43.78 -3.12
C ARG I 321 19.24 43.30 -4.37
N TYR I 322 20.22 42.44 -4.16
CA TYR I 322 21.01 41.83 -5.22
C TYR I 322 21.00 40.31 -5.05
N PHE I 323 21.34 39.61 -6.12
CA PHE I 323 21.41 38.15 -6.05
C PHE I 323 22.50 37.64 -6.96
N ALA I 324 23.06 36.48 -6.60
CA ALA I 324 23.96 35.71 -7.44
C ALA I 324 23.43 34.28 -7.49
N HIS I 325 24.11 33.43 -8.26
CA HIS I 325 23.59 32.08 -8.48
C HIS I 325 24.73 31.18 -8.96
N SER I 326 25.12 30.23 -8.10
CA SER I 326 26.39 29.52 -8.25
C SER I 326 26.15 28.02 -8.39
N ILE I 327 26.33 27.49 -9.60
CA ILE I 327 26.18 26.06 -9.87
C ILE I 327 27.34 25.27 -9.28
N LEU I 328 27.18 23.95 -9.25
CA LEU I 328 28.26 23.00 -8.97
C LEU I 328 28.04 21.80 -9.87
N THR I 329 28.81 21.70 -10.93
CA THR I 329 28.63 20.69 -11.96
C THR I 329 29.50 19.47 -11.63
N VAL I 330 28.91 18.51 -10.94
CA VAL I 330 29.57 17.25 -10.63
C VAL I 330 28.96 16.15 -11.50
N SER I 331 29.55 14.96 -11.44
CA SER I 331 29.05 13.83 -12.21
C SER I 331 27.67 13.42 -11.70
N GLU I 332 26.88 12.81 -12.59
CA GLU I 332 25.50 12.47 -12.24
C GLU I 332 25.45 11.41 -11.15
N GLU I 333 26.38 10.45 -11.16
CA GLU I 333 26.37 9.41 -10.15
C GLU I 333 26.84 9.91 -8.79
N GLU I 334 27.67 10.95 -8.77
CA GLU I 334 28.16 11.49 -7.50
C GLU I 334 27.03 12.08 -6.67
N TRP I 335 26.06 12.75 -7.33
CA TRP I 335 24.87 13.18 -6.62
C TRP I 335 24.00 12.01 -6.20
N ASN I 336 24.02 10.92 -6.96
CA ASN I 336 23.19 9.77 -6.63
C ASN I 336 23.73 9.01 -5.43
N THR I 337 25.04 9.04 -5.20
CA THR I 337 25.65 8.29 -4.11
C THR I 337 25.48 8.96 -2.74
N GLY I 338 24.58 9.93 -2.62
CA GLY I 338 24.34 10.57 -1.34
C GLY I 338 25.37 11.61 -0.93
N GLU I 339 26.22 12.05 -1.86
CA GLU I 339 27.21 13.06 -1.54
C GLU I 339 26.55 14.41 -1.31
N THR I 340 26.79 14.99 -0.14
CA THR I 340 26.19 16.26 0.23
C THR I 340 27.10 17.42 -0.21
N TYR I 341 26.48 18.55 -0.53
CA TYR I 341 27.19 19.74 -0.96
C TYR I 341 26.67 20.94 -0.19
N THR I 342 27.56 21.64 0.51
CA THR I 342 27.22 22.84 1.26
C THR I 342 27.98 24.02 0.68
N CYS I 343 27.25 25.05 0.27
CA CYS I 343 27.82 26.23 -0.38
C CYS I 343 27.77 27.41 0.59
N VAL I 344 28.92 27.70 1.21
CA VAL I 344 29.00 28.90 2.05
C VAL I 344 28.99 30.16 1.18
N VAL I 345 28.43 31.22 1.75
CA VAL I 345 28.14 32.45 1.03
C VAL I 345 28.75 33.60 1.84
N ALA I 346 29.99 33.96 1.51
CA ALA I 346 30.67 35.04 2.22
C ALA I 346 30.02 36.38 1.86
N HIS I 347 29.54 37.10 2.87
CA HIS I 347 28.83 38.34 2.63
C HIS I 347 28.96 39.23 3.87
N GLU I 348 28.81 40.54 3.65
CA GLU I 348 29.03 41.50 4.73
C GLU I 348 27.77 41.85 5.50
N ALA I 349 26.59 41.78 4.87
CA ALA I 349 25.35 42.04 5.59
C ALA I 349 24.95 40.87 6.49
N LEU I 350 25.59 39.72 6.32
CA LEU I 350 25.36 38.59 7.21
C LEU I 350 26.02 38.87 8.55
N PRO I 351 25.27 38.82 9.66
CA PRO I 351 25.94 38.96 10.98
C PRO I 351 26.93 37.85 11.26
N ASN I 352 26.64 36.64 10.80
CA ASN I 352 27.58 35.52 10.87
C ASN I 352 28.64 35.57 9.79
N ARG I 353 28.45 36.43 8.78
CA ARG I 353 29.39 36.71 7.68
C ARG I 353 29.42 35.56 6.67
N VAL I 354 28.84 34.42 7.03
CA VAL I 354 28.81 33.23 6.18
C VAL I 354 27.56 32.44 6.48
N THR I 355 26.78 32.13 5.43
CA THR I 355 25.66 31.22 5.56
C THR I 355 25.75 30.17 4.46
N GLU I 356 25.30 28.94 4.77
CA GLU I 356 25.35 27.87 3.80
C GLU I 356 24.09 27.03 3.88
N ARG I 357 23.76 26.38 2.77
CA ARG I 357 22.65 25.46 2.67
C ARG I 357 23.16 24.11 2.18
N THR I 358 22.39 23.06 2.42
CA THR I 358 22.79 21.71 2.08
C THR I 358 21.89 21.13 0.99
N VAL I 359 22.35 20.04 0.38
CA VAL I 359 21.63 19.40 -0.71
C VAL I 359 22.06 17.94 -0.77
N ASP I 360 21.14 17.08 -1.18
CA ASP I 360 21.37 15.65 -1.37
C ASP I 360 20.34 15.14 -2.36
N LYS I 361 20.34 13.82 -2.56
CA LYS I 361 19.23 13.18 -3.24
C LYS I 361 17.98 13.22 -2.39
N SER I 362 18.13 13.06 -1.07
CA SER I 362 16.99 12.99 -0.17
C SER I 362 16.35 14.36 0.05
N THR I 363 17.09 15.45 -0.18
CA THR I 363 16.53 16.78 0.04
C THR I 363 15.43 17.12 -0.97
N GLY I 364 15.42 16.46 -2.11
CA GLY I 364 14.39 16.68 -3.11
C GLY I 364 13.13 15.88 -2.81
N LYS I 365 12.44 16.23 -1.73
CA LYS I 365 11.21 15.58 -1.30
C LYS I 365 11.39 14.07 -1.10
N ILE J 152 33.82 60.19 -27.29
CA ILE J 152 34.93 60.16 -28.23
C ILE J 152 35.29 58.71 -28.57
N ARG J 153 34.43 57.78 -28.16
CA ARG J 153 34.61 56.37 -28.45
C ARG J 153 33.27 55.80 -28.93
N VAL J 154 33.29 55.11 -30.07
CA VAL J 154 32.09 54.53 -30.65
C VAL J 154 32.00 53.07 -30.21
N PHE J 155 30.90 52.72 -29.56
CA PHE J 155 30.66 51.36 -29.10
C PHE J 155 29.92 50.56 -30.16
N ALA J 156 30.12 49.25 -30.13
CA ALA J 156 29.49 48.33 -31.06
C ALA J 156 28.57 47.38 -30.30
N ILE J 157 27.40 47.13 -30.87
CA ILE J 157 26.41 46.25 -30.25
C ILE J 157 26.20 45.03 -31.16
N PRO J 158 26.85 43.91 -30.87
CA PRO J 158 26.57 42.69 -31.64
C PRO J 158 25.15 42.23 -31.38
N PRO J 159 24.54 41.53 -32.35
CA PRO J 159 23.16 41.07 -32.15
C PRO J 159 23.07 39.99 -31.08
N SER J 160 22.50 40.36 -29.94
CA SER J 160 22.32 39.43 -28.83
C SER J 160 21.00 38.69 -28.99
N PHE J 161 20.91 37.53 -28.33
CA PHE J 161 19.69 36.74 -28.42
C PHE J 161 18.51 37.47 -27.77
N ALA J 162 18.78 38.20 -26.69
CA ALA J 162 17.75 39.03 -26.08
C ALA J 162 17.26 40.10 -27.04
N SER J 163 18.16 40.70 -27.81
CA SER J 163 17.75 41.78 -28.71
C SER J 163 16.99 41.23 -29.92
N ILE J 164 17.46 40.12 -30.51
CA ILE J 164 16.76 39.58 -31.67
C ILE J 164 15.40 39.02 -31.26
N PHE J 165 15.32 38.39 -30.09
CA PHE J 165 14.11 37.71 -29.66
C PHE J 165 13.12 38.63 -28.96
N LEU J 166 13.46 39.90 -28.78
CA LEU J 166 12.49 40.87 -28.28
C LEU J 166 11.49 41.28 -29.36
N THR J 167 11.92 41.32 -30.62
CA THR J 167 11.07 41.75 -31.72
C THR J 167 11.02 40.74 -32.86
N LYS J 168 11.66 39.57 -32.70
CA LYS J 168 11.75 38.53 -33.72
C LYS J 168 12.39 39.07 -35.00
N SER J 169 13.48 39.83 -34.85
CA SER J 169 14.25 40.32 -35.97
C SER J 169 15.65 40.67 -35.49
N THR J 170 16.65 40.42 -36.35
CA THR J 170 18.03 40.72 -36.01
C THR J 170 18.23 42.22 -35.86
N LYS J 171 19.08 42.60 -34.90
CA LYS J 171 19.38 44.01 -34.63
C LYS J 171 20.90 44.17 -34.46
N LEU J 172 21.59 44.51 -35.53
CA LEU J 172 22.99 44.90 -35.47
C LEU J 172 23.09 46.43 -35.59
N THR J 173 23.74 47.05 -34.62
CA THR J 173 23.73 48.51 -34.50
C THR J 173 25.12 49.01 -34.13
N CYS J 174 25.31 50.31 -34.30
CA CYS J 174 26.50 51.02 -33.85
C CYS J 174 26.03 52.18 -32.97
N LEU J 175 25.83 51.90 -31.68
CA LEU J 175 25.36 52.88 -30.72
C LEU J 175 26.55 53.51 -30.01
N VAL J 176 26.60 54.84 -30.02
CA VAL J 176 27.68 55.58 -29.36
C VAL J 176 27.27 55.85 -27.92
N THR J 177 28.24 55.78 -27.02
CA THR J 177 28.01 56.03 -25.60
C THR J 177 28.99 57.00 -24.98
N ASP J 178 30.10 57.31 -25.65
CA ASP J 178 31.09 58.27 -25.14
C ASP J 178 30.95 59.65 -25.75
N LEU J 179 30.20 59.79 -26.84
CA LEU J 179 29.97 61.10 -27.46
C LEU J 179 29.00 61.89 -26.60
N THR J 180 29.50 62.88 -25.88
CA THR J 180 28.67 63.59 -24.90
C THR J 180 27.81 64.66 -25.57
N THR J 181 28.43 65.58 -26.32
CA THR J 181 27.70 66.68 -26.96
C THR J 181 28.46 67.10 -28.20
N TYR J 182 27.97 66.67 -29.37
CA TYR J 182 28.57 67.04 -30.64
C TYR J 182 27.47 67.13 -31.68
N ASP J 183 27.34 68.30 -32.32
CA ASP J 183 26.31 68.52 -33.32
C ASP J 183 26.79 68.06 -34.69
N SER J 184 25.88 68.15 -35.67
CA SER J 184 26.15 67.82 -37.08
C SER J 184 26.71 66.40 -37.23
N VAL J 185 26.05 65.45 -36.56
CA VAL J 185 26.44 64.06 -36.67
C VAL J 185 26.05 63.53 -38.05
N THR J 186 27.00 62.89 -38.72
CA THR J 186 26.82 62.39 -40.08
C THR J 186 27.36 60.97 -40.20
N ILE J 187 27.18 60.17 -39.15
CA ILE J 187 27.67 58.79 -39.14
C ILE J 187 26.93 57.96 -40.17
N SER J 188 27.66 57.09 -40.86
CA SER J 188 27.12 56.25 -41.93
C SER J 188 27.40 54.78 -41.61
N TRP J 189 26.95 53.90 -42.52
CA TRP J 189 27.09 52.46 -42.36
C TRP J 189 27.86 51.82 -43.52
N THR J 190 28.71 52.60 -44.20
CA THR J 190 29.46 52.06 -45.32
C THR J 190 30.52 51.09 -44.83
N ARG J 191 30.57 49.91 -45.44
CA ARG J 191 31.53 48.88 -45.08
C ARG J 191 32.84 49.11 -45.82
N GLN J 192 33.75 48.13 -45.78
CA GLN J 192 35.01 48.23 -46.50
C GLN J 192 34.80 48.20 -48.01
N ASN J 193 33.72 47.60 -48.48
CA ASN J 193 33.40 47.57 -49.91
C ASN J 193 32.43 48.68 -50.32
N GLY J 194 31.99 49.51 -49.36
CA GLY J 194 31.10 50.61 -49.68
C GLY J 194 29.64 50.20 -49.81
N GLU J 195 29.10 49.60 -48.75
CA GLU J 195 27.69 49.20 -48.72
C GLU J 195 27.12 49.45 -47.34
N ALA J 196 25.90 49.99 -47.30
CA ALA J 196 25.21 50.31 -46.07
C ALA J 196 24.14 49.26 -45.76
N VAL J 197 23.44 49.47 -44.65
CA VAL J 197 22.38 48.56 -44.22
C VAL J 197 21.16 48.73 -45.11
N LYS J 198 20.24 47.77 -45.04
CA LYS J 198 19.07 47.81 -45.91
C LYS J 198 18.10 48.92 -45.51
N THR J 199 17.84 49.08 -44.21
CA THR J 199 16.94 50.10 -43.71
C THR J 199 17.56 50.83 -42.53
N HIS J 200 17.37 52.14 -42.47
CA HIS J 200 17.89 52.98 -41.42
C HIS J 200 16.85 54.01 -40.99
N THR J 201 15.60 53.57 -40.83
CA THR J 201 14.49 54.48 -40.59
C THR J 201 14.21 54.72 -39.11
N ASN J 202 14.91 54.04 -38.20
CA ASN J 202 14.62 54.15 -36.78
C ASN J 202 15.55 55.15 -36.10
N ILE J 203 14.98 55.97 -35.22
CA ILE J 203 15.73 56.95 -34.44
C ILE J 203 15.27 56.84 -32.98
N SER J 204 16.22 56.94 -32.06
CA SER J 204 15.94 56.80 -30.63
C SER J 204 16.19 58.09 -29.86
N GLU J 205 16.18 59.23 -30.54
CA GLU J 205 16.35 60.57 -29.94
C GLU J 205 17.71 60.62 -29.26
N SER J 206 17.80 60.90 -27.95
CA SER J 206 19.07 61.00 -27.26
C SER J 206 18.94 60.39 -25.87
N HIS J 207 20.09 60.11 -25.26
CA HIS J 207 20.11 59.55 -23.92
C HIS J 207 19.62 60.57 -22.90
N PRO J 208 19.05 60.11 -21.77
CA PRO J 208 18.58 61.06 -20.76
C PRO J 208 19.67 61.98 -20.21
N ASN J 209 20.90 61.48 -20.07
CA ASN J 209 21.99 62.31 -19.60
C ASN J 209 22.57 63.11 -20.76
N ALA J 210 23.73 63.74 -20.54
CA ALA J 210 24.37 64.55 -21.57
C ALA J 210 25.22 63.64 -22.47
N THR J 211 24.52 62.84 -23.26
CA THR J 211 25.17 61.90 -24.16
C THR J 211 24.31 61.74 -25.41
N PHE J 212 24.86 62.08 -26.57
CA PHE J 212 24.16 61.87 -27.83
C PHE J 212 24.05 60.38 -28.13
N SER J 213 22.90 59.97 -28.64
CA SER J 213 22.65 58.59 -29.05
C SER J 213 22.42 58.58 -30.56
N ALA J 214 23.43 58.16 -31.31
CA ALA J 214 23.33 57.99 -32.74
C ALA J 214 23.10 56.52 -33.05
N VAL J 215 21.88 56.18 -33.46
CA VAL J 215 21.50 54.78 -33.62
C VAL J 215 21.68 54.37 -35.08
N GLY J 216 21.88 53.07 -35.28
CA GLY J 216 22.01 52.50 -36.60
C GLY J 216 21.09 51.30 -36.76
N GLU J 217 19.87 51.42 -36.22
CA GLU J 217 18.94 50.30 -36.15
C GLU J 217 18.61 49.77 -37.54
N ALA J 218 18.66 48.45 -37.68
CA ALA J 218 18.35 47.79 -38.94
C ALA J 218 17.93 46.36 -38.65
N SER J 219 17.23 45.76 -39.61
CA SER J 219 16.78 44.38 -39.51
C SER J 219 17.07 43.67 -40.82
N ILE J 220 17.80 42.56 -40.73
CA ILE J 220 18.14 41.75 -41.89
C ILE J 220 17.60 40.33 -41.67
N CYS J 221 17.75 39.50 -42.70
CA CYS J 221 17.28 38.12 -42.61
C CYS J 221 18.10 37.33 -41.61
N GLU J 222 17.43 36.45 -40.86
CA GLU J 222 18.14 35.60 -39.90
C GLU J 222 19.08 34.64 -40.60
N ASP J 223 18.69 34.12 -41.76
CA ASP J 223 19.55 33.21 -42.51
C ASP J 223 20.82 33.93 -42.96
N ASP J 224 20.71 35.20 -43.35
CA ASP J 224 21.90 35.98 -43.71
C ASP J 224 22.79 36.21 -42.50
N TRP J 225 22.21 36.42 -41.32
CA TRP J 225 23.02 36.64 -40.12
C TRP J 225 23.80 35.39 -39.73
N ASN J 226 23.18 34.22 -39.85
CA ASN J 226 23.88 32.98 -39.53
C ASN J 226 24.98 32.65 -40.52
N SER J 227 24.92 33.19 -41.73
CA SER J 227 25.98 32.95 -42.71
C SER J 227 27.25 33.71 -42.37
N GLY J 228 27.17 34.73 -41.53
CA GLY J 228 28.34 35.47 -41.11
C GLY J 228 28.72 36.60 -42.04
N GLU J 229 27.79 37.53 -42.27
CA GLU J 229 28.08 38.68 -43.11
C GLU J 229 28.99 39.66 -42.38
N ARG J 230 29.70 40.47 -43.17
CA ARG J 230 30.67 41.43 -42.64
C ARG J 230 30.12 42.84 -42.87
N PHE J 231 29.63 43.46 -41.80
CA PHE J 231 29.15 44.83 -41.84
C PHE J 231 29.78 45.62 -40.71
N THR J 232 30.22 46.84 -41.01
CA THR J 232 30.85 47.72 -40.04
C THR J 232 30.25 49.11 -40.15
N CYS J 233 30.33 49.84 -39.04
CA CYS J 233 29.82 51.21 -38.95
C CYS J 233 31.00 52.17 -38.99
N THR J 234 31.16 52.87 -40.10
CA THR J 234 32.22 53.86 -40.22
C THR J 234 31.89 55.09 -39.39
N VAL J 235 32.93 55.83 -39.02
CA VAL J 235 32.75 57.06 -38.24
C VAL J 235 33.09 58.25 -39.12
N THR J 236 32.07 58.81 -39.77
CA THR J 236 32.21 59.98 -40.63
C THR J 236 32.17 61.27 -39.83
N HIS J 237 31.77 61.21 -38.56
CA HIS J 237 31.58 62.40 -37.75
C HIS J 237 32.89 63.16 -37.57
N THR J 238 32.77 64.49 -37.45
CA THR J 238 33.93 65.35 -37.40
C THR J 238 34.74 65.17 -36.12
N ASP J 239 34.10 64.69 -35.04
CA ASP J 239 34.82 64.47 -33.80
C ASP J 239 35.87 63.38 -33.95
N LEU J 240 35.53 62.30 -34.67
CA LEU J 240 36.45 61.20 -34.92
C LEU J 240 36.53 60.98 -36.43
N PRO J 241 37.42 61.69 -37.13
CA PRO J 241 37.52 61.51 -38.58
C PRO J 241 38.05 60.15 -39.00
N SER J 242 38.74 59.43 -38.12
CA SER J 242 39.27 58.12 -38.46
C SER J 242 38.25 57.04 -38.15
N PRO J 243 37.88 56.19 -39.10
CA PRO J 243 36.96 55.09 -38.80
C PRO J 243 37.63 54.02 -37.95
N LEU J 244 36.79 53.26 -37.25
CA LEU J 244 37.25 52.18 -36.39
C LEU J 244 36.59 50.88 -36.79
N LYS J 245 37.32 49.78 -36.59
CA LYS J 245 36.85 48.47 -36.99
C LYS J 245 35.68 48.01 -36.10
N GLN J 246 34.74 47.29 -36.71
CA GLN J 246 33.60 46.71 -35.99
C GLN J 246 33.36 45.33 -36.58
N THR J 247 33.87 44.29 -35.90
CA THR J 247 33.72 42.92 -36.36
C THR J 247 32.39 42.38 -35.83
N ILE J 248 31.34 42.55 -36.63
CA ILE J 248 30.00 42.10 -36.28
C ILE J 248 29.67 40.94 -37.21
N SER J 249 29.87 39.72 -36.72
CA SER J 249 29.61 38.52 -37.50
C SER J 249 29.25 37.38 -36.56
N ARG J 250 28.56 36.38 -37.11
CA ARG J 250 28.18 35.22 -36.33
C ARG J 250 29.41 34.38 -36.00
N PRO J 251 29.71 34.13 -34.73
CA PRO J 251 30.89 33.33 -34.37
C PRO J 251 30.62 31.84 -34.56
N LYS J 252 31.23 31.26 -35.58
CA LYS J 252 31.14 29.82 -35.81
C LYS J 252 32.24 29.04 -35.10
N GLY J 253 33.12 29.73 -34.37
CA GLY J 253 34.15 29.02 -33.62
C GLY J 253 33.57 28.12 -32.53
N VAL J 254 32.57 28.63 -31.81
CA VAL J 254 31.88 27.81 -30.83
C VAL J 254 31.03 26.77 -31.53
N ALA J 255 30.85 25.63 -30.87
CA ALA J 255 30.08 24.53 -31.46
C ALA J 255 28.59 24.82 -31.36
N LEU J 256 27.81 24.06 -32.11
CA LEU J 256 26.35 24.11 -32.06
C LEU J 256 25.88 23.03 -31.11
N HIS J 257 26.17 23.23 -29.82
CA HIS J 257 25.80 22.27 -28.77
C HIS J 257 24.55 22.81 -28.10
N ARG J 258 23.50 21.98 -28.10
CA ARG J 258 22.21 22.41 -27.57
C ARG J 258 22.33 22.72 -26.07
N PRO J 259 21.71 23.78 -25.58
CA PRO J 259 21.67 24.04 -24.14
C PRO J 259 21.03 22.87 -23.40
N ASP J 260 21.73 22.37 -22.40
CA ASP J 260 21.20 21.32 -21.56
C ASP J 260 20.19 21.93 -20.59
N VAL J 261 18.93 22.00 -21.00
CA VAL J 261 17.92 22.77 -20.30
C VAL J 261 17.30 21.89 -19.22
N TYR J 262 17.41 22.33 -17.97
CA TYR J 262 16.85 21.63 -16.81
C TYR J 262 16.11 22.65 -15.95
N LEU J 263 14.81 22.77 -16.15
CA LEU J 263 14.00 23.72 -15.41
C LEU J 263 13.83 23.23 -13.98
N LEU J 264 14.51 23.90 -13.04
CA LEU J 264 14.56 23.51 -11.64
C LEU J 264 13.40 24.13 -10.87
N PRO J 265 12.55 23.34 -10.23
CA PRO J 265 11.53 23.90 -9.34
C PRO J 265 12.15 24.51 -8.10
N PRO J 266 11.47 25.43 -7.44
CA PRO J 266 12.00 26.00 -6.20
C PRO J 266 12.14 24.95 -5.11
N ALA J 267 12.98 25.25 -4.14
CA ALA J 267 13.32 24.32 -3.08
C ALA J 267 12.31 24.40 -1.93
N ARG J 268 12.30 23.33 -1.12
CA ARG J 268 11.58 23.38 0.14
C ARG J 268 12.16 24.43 1.07
N GLU J 269 13.45 24.73 0.92
CA GLU J 269 14.03 25.88 1.62
C GLU J 269 13.36 27.18 1.21
N GLN J 270 12.94 27.29 -0.05
CA GLN J 270 12.18 28.45 -0.49
C GLN J 270 10.74 28.39 0.01
N LEU J 271 10.18 27.19 0.06
CA LEU J 271 8.81 27.01 0.54
C LEU J 271 8.70 27.34 2.02
N ASN J 272 9.79 27.21 2.77
CA ASN J 272 9.73 27.32 4.23
C ASN J 272 9.43 28.74 4.69
N LEU J 273 10.13 29.73 4.14
CA LEU J 273 10.15 31.06 4.75
C LEU J 273 9.00 31.96 4.32
N ARG J 274 8.08 31.46 3.48
CA ARG J 274 6.85 32.17 3.11
C ARG J 274 7.14 33.54 2.48
N GLU J 275 8.06 33.56 1.52
CA GLU J 275 8.39 34.77 0.80
C GLU J 275 8.38 34.41 -0.68
N SER J 276 8.78 35.30 -1.58
CA SER J 276 8.71 35.03 -3.02
C SER J 276 9.54 33.81 -3.40
N ALA J 277 8.86 32.77 -3.89
CA ALA J 277 9.52 31.63 -4.51
C ALA J 277 10.22 32.06 -5.79
N THR J 278 11.14 31.21 -6.26
CA THR J 278 12.04 31.58 -7.35
C THR J 278 12.23 30.36 -8.26
N ILE J 279 11.46 30.29 -9.34
CA ILE J 279 11.58 29.20 -10.31
C ILE J 279 12.73 29.55 -11.25
N THR J 280 13.83 28.83 -11.13
CA THR J 280 15.01 29.08 -11.97
C THR J 280 15.02 28.11 -13.14
N CYS J 281 15.30 28.62 -14.32
CA CYS J 281 15.43 27.81 -15.52
C CYS J 281 16.92 27.62 -15.81
N LEU J 282 17.52 26.66 -15.11
CA LEU J 282 18.92 26.35 -15.32
C LEU J 282 19.15 25.80 -16.72
N VAL J 283 19.86 26.58 -17.53
CA VAL J 283 20.34 26.13 -18.84
C VAL J 283 21.86 26.06 -18.75
N THR J 284 22.42 24.86 -18.86
CA THR J 284 23.81 24.64 -18.48
C THR J 284 24.70 24.10 -19.60
N GLY J 285 24.21 24.01 -20.84
CA GLY J 285 25.03 23.38 -21.86
C GLY J 285 25.03 23.99 -23.24
N PHE J 286 24.85 25.30 -23.37
CA PHE J 286 24.88 25.96 -24.68
C PHE J 286 26.26 26.50 -24.95
N SER J 287 26.82 26.16 -26.13
CA SER J 287 28.19 26.54 -26.42
C SER J 287 28.33 28.01 -26.82
N PRO J 288 27.53 28.57 -27.75
CA PRO J 288 27.58 30.03 -27.94
C PRO J 288 27.07 30.76 -26.70
N ALA J 289 27.60 31.97 -26.50
CA ALA J 289 27.49 32.63 -25.20
C ALA J 289 26.05 33.03 -24.87
N ASP J 290 25.34 33.60 -25.82
CA ASP J 290 24.12 34.33 -25.50
C ASP J 290 22.88 33.46 -25.57
N VAL J 291 22.02 33.57 -24.56
CA VAL J 291 20.70 32.98 -24.56
C VAL J 291 19.68 34.07 -24.24
N PHE J 292 18.40 33.75 -24.46
CA PHE J 292 17.29 34.59 -24.01
C PHE J 292 16.22 33.64 -23.48
N VAL J 293 16.28 33.37 -22.19
CA VAL J 293 15.35 32.45 -21.54
C VAL J 293 14.24 33.29 -20.94
N GLN J 294 13.10 33.33 -21.61
CA GLN J 294 11.91 34.01 -21.13
C GLN J 294 10.88 32.97 -20.67
N TRP J 295 9.73 33.45 -20.20
CA TRP J 295 8.77 32.59 -19.55
C TRP J 295 7.38 32.77 -20.11
N MET J 296 6.64 31.66 -20.17
CA MET J 296 5.19 31.68 -20.27
C MET J 296 4.60 30.80 -19.17
N GLN J 297 3.45 31.21 -18.65
CA GLN J 297 2.58 30.31 -17.92
C GLN J 297 1.52 29.83 -18.89
N ARG J 298 1.48 28.52 -19.11
CA ARG J 298 0.79 27.92 -20.26
C ARG J 298 1.34 28.54 -21.53
N GLY J 299 0.67 29.56 -22.06
CA GLY J 299 1.17 30.22 -23.26
C GLY J 299 1.27 31.74 -23.19
N GLN J 300 1.09 32.32 -22.01
CA GLN J 300 1.08 33.77 -21.87
C GLN J 300 2.40 34.27 -21.33
N PRO J 301 3.11 35.13 -22.06
CA PRO J 301 4.45 35.55 -21.64
C PRO J 301 4.43 36.48 -20.44
N LEU J 302 5.61 36.64 -19.84
CA LEU J 302 5.81 37.49 -18.67
C LEU J 302 6.89 38.53 -18.97
N SER J 303 6.75 39.69 -18.35
CA SER J 303 7.67 40.79 -18.60
C SER J 303 9.05 40.52 -18.01
N PRO J 304 10.10 41.11 -18.57
CA PRO J 304 11.44 40.95 -17.99
C PRO J 304 11.60 41.61 -16.62
N GLU J 305 10.61 42.36 -16.14
CA GLU J 305 10.69 42.87 -14.78
C GLU J 305 10.60 41.74 -13.76
N LYS J 306 9.91 40.65 -14.09
CA LYS J 306 9.74 39.54 -13.16
C LYS J 306 10.91 38.55 -13.23
N TYR J 307 11.30 38.14 -14.43
CA TYR J 307 12.40 37.21 -14.60
C TYR J 307 13.66 37.95 -15.04
N VAL J 308 14.80 37.58 -14.47
CA VAL J 308 16.10 38.08 -14.87
C VAL J 308 17.02 36.91 -15.16
N THR J 309 17.76 37.00 -16.26
CA THR J 309 18.66 35.95 -16.70
C THR J 309 20.09 36.31 -16.35
N SER J 310 20.80 35.38 -15.72
CA SER J 310 22.21 35.59 -15.41
C SER J 310 23.03 35.71 -16.68
N ALA J 311 23.86 36.75 -16.75
CA ALA J 311 24.72 36.97 -17.91
C ALA J 311 25.69 35.80 -18.05
N PRO J 312 25.71 35.11 -19.19
CA PRO J 312 26.45 33.84 -19.27
C PRO J 312 27.96 33.98 -19.20
N MET J 313 28.55 33.45 -18.12
CA MET J 313 29.95 33.16 -17.83
C MET J 313 30.21 31.66 -17.99
N PRO J 314 31.45 31.27 -18.30
CA PRO J 314 31.70 29.91 -18.81
C PRO J 314 31.30 28.80 -17.85
N GLU J 315 30.85 27.70 -18.44
CA GLU J 315 30.55 26.48 -17.70
C GLU J 315 31.84 25.91 -17.10
N PRO J 316 31.83 25.50 -15.84
CA PRO J 316 33.09 25.05 -15.21
C PRO J 316 33.58 23.70 -15.68
N GLN J 317 32.73 22.84 -16.23
CA GLN J 317 33.20 21.58 -16.79
C GLN J 317 33.95 21.81 -18.09
N ALA J 318 33.26 22.35 -19.09
CA ALA J 318 33.85 22.65 -20.38
C ALA J 318 33.79 24.15 -20.63
N PRO J 319 34.93 24.82 -20.80
CA PRO J 319 34.90 26.26 -21.07
C PRO J 319 34.18 26.64 -22.35
N GLY J 320 34.10 25.73 -23.33
CA GLY J 320 33.33 26.02 -24.53
C GLY J 320 31.85 26.18 -24.25
N ARG J 321 31.30 25.32 -23.38
CA ARG J 321 29.92 25.48 -22.96
C ARG J 321 29.79 26.63 -21.96
N TYR J 322 28.57 27.14 -21.86
CA TYR J 322 28.22 28.22 -20.93
C TYR J 322 27.04 27.78 -20.08
N PHE J 323 26.53 28.72 -19.29
CA PHE J 323 25.30 28.51 -18.54
C PHE J 323 24.66 29.86 -18.25
N ALA J 324 23.43 29.81 -17.71
CA ALA J 324 22.70 31.00 -17.34
C ALA J 324 21.67 30.64 -16.29
N HIS J 325 21.12 31.66 -15.63
CA HIS J 325 20.14 31.49 -14.57
C HIS J 325 19.03 32.49 -14.77
N SER J 326 17.98 32.08 -15.47
CA SER J 326 16.78 32.88 -15.64
C SER J 326 15.84 32.56 -14.48
N ILE J 327 16.04 33.22 -13.35
CA ILE J 327 15.17 33.01 -12.21
C ILE J 327 13.84 33.71 -12.42
N LEU J 328 12.82 33.27 -11.68
CA LEU J 328 11.49 33.87 -11.79
C LEU J 328 10.92 34.03 -10.38
N THR J 329 11.01 35.25 -9.84
CA THR J 329 10.58 35.53 -8.47
C THR J 329 9.08 35.85 -8.47
N VAL J 330 8.27 34.83 -8.19
CA VAL J 330 6.84 35.00 -7.99
C VAL J 330 6.51 34.52 -6.59
N SER J 331 5.29 34.77 -6.13
CA SER J 331 4.86 34.31 -4.81
C SER J 331 4.76 32.78 -4.80
N GLU J 332 4.97 32.20 -3.61
CA GLU J 332 4.79 30.76 -3.46
C GLU J 332 3.36 30.34 -3.77
N GLU J 333 2.38 31.21 -3.49
CA GLU J 333 1.02 30.92 -3.88
C GLU J 333 0.89 30.81 -5.40
N GLU J 334 1.51 31.74 -6.12
CA GLU J 334 1.45 31.76 -7.58
C GLU J 334 2.13 30.54 -8.21
N TRP J 335 3.03 29.89 -7.49
CA TRP J 335 3.62 28.64 -7.96
C TRP J 335 2.88 27.41 -7.46
N ASN J 336 2.22 27.50 -6.31
CA ASN J 336 1.54 26.35 -5.71
C ASN J 336 0.07 26.27 -6.08
N THR J 337 -0.44 27.18 -6.91
CA THR J 337 -1.79 27.01 -7.47
C THR J 337 -1.89 25.86 -8.46
N GLY J 338 -0.82 25.11 -8.70
CA GLY J 338 -0.80 24.14 -9.78
C GLY J 338 -0.54 24.74 -11.14
N GLU J 339 -0.23 26.03 -11.20
CA GLU J 339 0.05 26.70 -12.47
C GLU J 339 1.32 26.13 -13.08
N THR J 340 1.22 25.66 -14.32
CA THR J 340 2.39 25.16 -15.02
C THR J 340 3.30 26.32 -15.41
N TYR J 341 4.59 26.17 -15.11
CA TYR J 341 5.59 27.18 -15.42
C TYR J 341 6.50 26.63 -16.50
N THR J 342 6.49 27.24 -17.67
CA THR J 342 7.33 26.82 -18.78
C THR J 342 8.35 27.92 -19.05
N CYS J 343 9.63 27.56 -18.98
CA CYS J 343 10.70 28.45 -19.40
C CYS J 343 11.13 28.05 -20.80
N VAL J 344 11.11 29.01 -21.71
CA VAL J 344 11.47 28.76 -23.11
C VAL J 344 12.83 29.37 -23.38
N VAL J 345 13.71 28.58 -23.99
CA VAL J 345 15.11 28.93 -24.15
C VAL J 345 15.37 29.28 -25.61
N ALA J 346 15.35 30.57 -25.91
CA ALA J 346 15.58 31.05 -27.27
C ALA J 346 17.06 30.95 -27.59
N HIS J 347 17.46 29.86 -28.23
CA HIS J 347 18.86 29.61 -28.53
C HIS J 347 18.97 28.92 -29.89
N GLU J 348 20.10 29.13 -30.56
CA GLU J 348 20.23 28.73 -31.96
C GLU J 348 20.71 27.29 -32.14
N ALA J 349 21.47 26.75 -31.20
CA ALA J 349 22.01 25.40 -31.37
C ALA J 349 20.96 24.32 -31.21
N LEU J 350 19.78 24.66 -30.70
CA LEU J 350 18.70 23.71 -30.49
C LEU J 350 18.14 23.23 -31.83
N PRO J 351 17.48 22.05 -31.86
CA PRO J 351 16.83 21.61 -33.10
C PRO J 351 15.73 22.56 -33.54
N ASN J 352 14.77 22.82 -32.66
CA ASN J 352 13.89 23.98 -32.84
C ASN J 352 14.64 25.25 -32.49
N ARG J 353 14.04 26.40 -32.79
CA ARG J 353 14.75 27.63 -32.46
C ARG J 353 14.44 28.08 -31.03
N VAL J 354 13.38 27.57 -30.42
CA VAL J 354 13.05 27.87 -29.02
C VAL J 354 12.46 26.60 -28.39
N THR J 355 13.19 26.02 -27.43
CA THR J 355 12.74 24.83 -26.72
C THR J 355 11.98 25.23 -25.46
N GLU J 356 11.48 24.24 -24.73
CA GLU J 356 10.84 24.50 -23.44
C GLU J 356 10.88 23.27 -22.55
N ARG J 357 10.87 23.51 -21.24
CA ARG J 357 10.59 22.50 -20.23
C ARG J 357 9.40 22.97 -19.38
N THR J 358 8.74 22.01 -18.75
CA THR J 358 7.54 22.27 -17.97
C THR J 358 7.71 21.77 -16.54
N VAL J 359 7.24 22.57 -15.57
CA VAL J 359 7.19 22.16 -14.17
C VAL J 359 5.87 22.60 -13.57
N ASP J 360 5.54 22.01 -12.43
CA ASP J 360 4.41 22.42 -11.61
C ASP J 360 4.68 21.95 -10.18
N LYS J 361 3.67 22.07 -9.32
CA LYS J 361 3.86 21.73 -7.91
C LYS J 361 4.04 20.24 -7.68
N SER J 362 3.64 19.39 -8.63
CA SER J 362 3.69 17.95 -8.44
C SER J 362 4.75 17.24 -9.28
N THR J 363 5.44 17.95 -10.18
CA THR J 363 6.42 17.31 -11.04
C THR J 363 7.70 16.95 -10.31
N GLY J 364 7.98 17.58 -9.18
CA GLY J 364 9.22 17.29 -8.46
C GLY J 364 9.06 16.24 -7.39
N LYS J 365 9.39 14.99 -7.72
CA LYS J 365 9.34 13.85 -6.80
C LYS J 365 8.03 13.74 -6.03
N ILE K 152 55.22 27.93 43.32
CA ILE K 152 55.13 27.15 44.55
C ILE K 152 53.84 27.50 45.30
N ARG K 153 52.77 26.76 45.00
CA ARG K 153 51.48 27.00 45.62
C ARG K 153 50.70 25.70 45.68
N VAL K 154 49.96 25.51 46.76
CA VAL K 154 49.15 24.32 46.96
C VAL K 154 47.75 24.56 46.42
N PHE K 155 47.25 23.61 45.63
CA PHE K 155 45.92 23.69 45.05
C PHE K 155 44.97 22.76 45.80
N ALA K 156 43.67 23.06 45.66
CA ALA K 156 42.61 22.31 46.31
C ALA K 156 41.80 21.56 45.27
N ILE K 157 41.57 20.27 45.51
CA ILE K 157 40.80 19.43 44.59
C ILE K 157 39.53 18.96 45.30
N PRO K 158 38.39 19.59 45.05
CA PRO K 158 37.14 19.14 45.65
C PRO K 158 36.71 17.81 45.06
N PRO K 159 35.96 17.00 45.80
CA PRO K 159 35.49 15.73 45.25
C PRO K 159 34.39 15.92 44.21
N SER K 160 34.73 15.75 42.94
CA SER K 160 33.77 15.86 41.85
C SER K 160 33.06 14.52 41.66
N PHE K 161 31.90 14.58 41.02
CA PHE K 161 31.11 13.36 40.82
C PHE K 161 31.81 12.37 39.91
N ALA K 162 32.74 12.84 39.08
CA ALA K 162 33.54 11.93 38.27
C ALA K 162 34.40 11.03 39.14
N SER K 163 35.02 11.59 40.18
CA SER K 163 35.88 10.79 41.05
C SER K 163 35.07 9.88 41.96
N ILE K 164 33.94 10.38 42.50
CA ILE K 164 33.16 9.59 43.44
C ILE K 164 32.31 8.52 42.77
N PHE K 165 32.35 8.43 41.45
CA PHE K 165 31.67 7.36 40.72
C PHE K 165 32.60 6.41 40.00
N LEU K 166 33.76 6.88 39.55
CA LEU K 166 34.71 6.00 38.89
C LEU K 166 35.25 4.95 39.87
N THR K 167 35.66 5.39 41.06
CA THR K 167 36.07 4.48 42.12
C THR K 167 34.96 4.24 43.14
N LYS K 168 33.80 4.88 42.98
CA LYS K 168 32.63 4.68 43.83
C LYS K 168 32.94 5.01 45.30
N SER K 169 33.77 6.02 45.53
CA SER K 169 34.08 6.47 46.87
C SER K 169 34.47 7.94 46.84
N THR K 170 33.99 8.70 47.82
CA THR K 170 34.32 10.11 47.90
C THR K 170 35.77 10.30 48.36
N LYS K 171 36.50 11.18 47.66
CA LYS K 171 37.90 11.45 47.96
C LYS K 171 38.10 12.96 47.98
N LEU K 172 38.32 13.52 49.17
CA LEU K 172 38.70 14.92 49.32
C LEU K 172 40.18 14.97 49.67
N THR K 173 40.96 15.69 48.86
CA THR K 173 42.41 15.70 48.95
C THR K 173 42.93 17.13 48.95
N CYS K 174 44.20 17.27 49.32
CA CYS K 174 44.95 18.52 49.19
C CYS K 174 46.22 18.18 48.41
N LEU K 175 46.11 18.18 47.08
CA LEU K 175 47.20 17.76 46.21
C LEU K 175 47.90 18.99 45.65
N VAL K 176 49.22 19.05 45.83
CA VAL K 176 50.00 20.18 45.33
C VAL K 176 50.14 20.05 43.81
N THR K 177 50.25 21.19 43.14
CA THR K 177 50.39 21.25 41.69
C THR K 177 51.64 21.95 41.23
N ASP K 178 52.04 23.05 41.88
CA ASP K 178 53.24 23.79 41.53
C ASP K 178 54.37 23.61 42.52
N LEU K 179 54.17 22.83 43.58
CA LEU K 179 55.22 22.58 44.56
C LEU K 179 56.22 21.59 43.98
N THR K 180 57.46 22.05 43.78
CA THR K 180 58.50 21.22 43.20
C THR K 180 59.01 20.21 44.22
N THR K 181 60.01 19.43 43.81
CA THR K 181 60.53 18.36 44.65
C THR K 181 61.30 18.92 45.84
N TYR K 182 60.83 18.60 47.04
CA TYR K 182 61.48 19.03 48.27
C TYR K 182 61.55 17.84 49.23
N ASP K 183 62.52 17.90 50.13
CA ASP K 183 62.71 16.86 51.14
C ASP K 183 62.11 17.28 52.48
N SER K 184 61.93 16.28 53.35
CA SER K 184 61.36 16.46 54.68
C SER K 184 59.98 17.12 54.60
N VAL K 185 59.13 16.55 53.74
CA VAL K 185 57.78 17.06 53.54
C VAL K 185 56.89 16.44 54.62
N THR K 186 56.55 17.24 55.63
CA THR K 186 55.66 16.80 56.71
C THR K 186 54.31 17.46 56.49
N ILE K 187 53.36 16.69 55.96
CA ILE K 187 52.01 17.18 55.67
C ILE K 187 51.07 16.66 56.74
N SER K 188 50.06 17.48 57.09
CA SER K 188 49.08 17.11 58.09
C SER K 188 47.73 17.70 57.71
N TRP K 189 46.68 17.09 58.25
CA TRP K 189 45.30 17.50 58.01
C TRP K 189 44.74 18.04 59.32
N THR K 190 44.85 19.34 59.53
CA THR K 190 44.34 20.00 60.73
C THR K 190 43.21 20.94 60.34
N ARG K 191 42.12 20.90 61.10
CA ARG K 191 40.97 21.75 60.85
C ARG K 191 41.00 22.97 61.76
N GLN K 192 40.02 23.86 61.59
CA GLN K 192 39.87 24.98 62.50
C GLN K 192 39.39 24.55 63.87
N ASN K 193 38.83 23.34 63.99
CA ASN K 193 38.42 22.78 65.27
C ASN K 193 39.31 21.65 65.73
N GLY K 194 40.36 21.31 64.97
CA GLY K 194 41.30 20.29 65.37
C GLY K 194 41.00 18.89 64.88
N GLU K 195 39.87 18.67 64.21
CA GLU K 195 39.53 17.34 63.71
C GLU K 195 40.40 17.00 62.51
N ALA K 196 40.95 15.79 62.52
CA ALA K 196 41.86 15.32 61.48
C ALA K 196 41.19 14.25 60.62
N VAL K 197 41.85 13.93 59.52
CA VAL K 197 41.37 12.91 58.58
C VAL K 197 41.59 11.53 59.20
N LYS K 198 40.56 10.69 59.17
CA LYS K 198 40.63 9.37 59.79
C LYS K 198 41.65 8.48 59.10
N THR K 199 41.67 8.49 57.76
CA THR K 199 42.54 7.60 57.00
C THR K 199 43.25 8.40 55.90
N HIS K 200 44.58 8.45 55.97
CA HIS K 200 45.40 9.17 55.01
C HIS K 200 46.54 8.26 54.56
N THR K 201 46.47 7.78 53.32
CA THR K 201 47.45 6.83 52.80
C THR K 201 47.41 6.92 51.28
N ASN K 202 48.05 5.96 50.60
CA ASN K 202 48.06 5.85 49.15
C ASN K 202 48.67 7.09 48.49
N ILE K 203 49.96 7.29 48.76
CA ILE K 203 50.72 8.33 48.08
C ILE K 203 50.87 7.95 46.61
N SER K 204 50.52 8.89 45.72
CA SER K 204 50.49 8.61 44.29
C SER K 204 51.82 8.93 43.61
N GLU K 205 52.90 8.39 44.16
CA GLU K 205 54.26 8.49 43.61
C GLU K 205 54.61 9.96 43.44
N SER K 206 55.12 10.40 42.29
CA SER K 206 55.45 11.79 42.05
C SER K 206 55.28 12.09 40.57
N HIS K 207 55.17 13.38 40.26
CA HIS K 207 55.03 13.80 38.87
C HIS K 207 56.33 13.56 38.10
N PRO K 208 56.24 13.24 36.81
CA PRO K 208 57.46 12.96 36.03
C PRO K 208 58.42 14.14 35.94
N ASN K 209 57.91 15.37 35.93
CA ASN K 209 58.76 16.54 35.86
C ASN K 209 59.29 16.86 37.27
N ALA K 210 59.89 18.03 37.43
CA ALA K 210 60.44 18.46 38.71
C ALA K 210 59.31 19.08 39.56
N THR K 211 58.40 18.22 39.99
CA THR K 211 57.25 18.64 40.78
C THR K 211 56.87 17.53 41.74
N PHE K 212 57.02 17.77 43.03
CA PHE K 212 56.58 16.83 44.04
C PHE K 212 55.06 16.75 44.07
N SER K 213 54.55 15.57 44.43
CA SER K 213 53.12 15.36 44.61
C SER K 213 52.87 14.90 46.04
N ALA K 214 51.98 15.59 46.73
CA ALA K 214 51.60 15.24 48.10
C ALA K 214 50.07 15.12 48.13
N VAL K 215 49.57 13.90 47.97
CA VAL K 215 48.13 13.68 47.88
C VAL K 215 47.52 13.68 49.28
N GLY K 216 46.21 13.93 49.32
CA GLY K 216 45.46 13.87 50.56
C GLY K 216 44.30 12.91 50.47
N GLU K 217 44.53 11.76 49.84
CA GLU K 217 43.47 10.81 49.57
C GLU K 217 42.88 10.25 50.86
N ALA K 218 41.55 10.13 50.88
CA ALA K 218 40.84 9.62 52.04
C ALA K 218 39.52 9.03 51.57
N SER K 219 39.14 7.90 52.18
CA SER K 219 37.89 7.23 51.86
C SER K 219 36.79 7.74 52.78
N ILE K 220 35.78 8.37 52.18
CA ILE K 220 34.66 8.94 52.92
C ILE K 220 33.37 8.38 52.33
N CYS K 221 32.46 7.96 53.20
CA CYS K 221 31.15 7.48 52.74
C CYS K 221 30.36 8.61 52.09
N GLU K 222 29.52 8.24 51.12
CA GLU K 222 28.74 9.22 50.39
C GLU K 222 27.76 9.94 51.31
N ASP K 223 27.14 9.21 52.24
CA ASP K 223 26.20 9.83 53.17
C ASP K 223 26.88 10.86 54.05
N ASP K 224 28.09 10.56 54.53
CA ASP K 224 28.83 11.53 55.32
C ASP K 224 29.36 12.67 54.45
N TRP K 225 29.57 12.42 53.15
CA TRP K 225 30.00 13.48 52.25
C TRP K 225 28.87 14.46 51.97
N ASN K 226 27.63 13.97 51.91
CA ASN K 226 26.48 14.81 51.61
C ASN K 226 25.84 15.42 52.85
N SER K 227 26.52 15.37 54.00
CA SER K 227 26.00 15.94 55.23
C SER K 227 26.52 17.34 55.51
N GLY K 228 27.27 17.92 54.57
CA GLY K 228 27.83 19.25 54.78
C GLY K 228 28.88 19.33 55.86
N GLU K 229 29.80 18.37 55.91
CA GLU K 229 30.86 18.34 56.90
C GLU K 229 32.05 19.18 56.44
N ARG K 230 33.00 19.37 57.36
CA ARG K 230 34.14 20.26 57.15
C ARG K 230 35.46 19.50 57.29
N PHE K 231 36.39 19.77 56.38
CA PHE K 231 37.82 19.52 56.57
C PHE K 231 38.61 20.56 55.79
N THR K 232 39.81 20.84 56.27
CA THR K 232 40.75 21.69 55.57
C THR K 232 42.17 21.15 55.76
N CYS K 233 43.04 21.43 54.79
CA CYS K 233 44.40 20.91 54.77
C CYS K 233 45.36 22.05 55.03
N THR K 234 46.20 21.91 56.06
CA THR K 234 47.22 22.89 56.37
C THR K 234 48.53 22.53 55.67
N VAL K 235 49.41 23.52 55.55
CA VAL K 235 50.70 23.35 54.92
C VAL K 235 51.77 23.50 56.00
N THR K 236 52.18 22.38 56.57
CA THR K 236 53.23 22.35 57.57
C THR K 236 54.62 22.21 56.93
N HIS K 237 54.67 22.07 55.61
CA HIS K 237 55.93 21.90 54.90
C HIS K 237 56.82 23.13 55.07
N THR K 238 58.13 22.88 55.14
CA THR K 238 59.07 23.95 55.46
C THR K 238 59.14 25.01 54.38
N ASP K 239 58.90 24.64 53.11
CA ASP K 239 58.96 25.63 52.03
C ASP K 239 57.85 26.66 52.16
N LEU K 240 56.66 26.23 52.58
CA LEU K 240 55.51 27.12 52.76
C LEU K 240 54.98 26.95 54.17
N PRO K 241 55.57 27.62 55.15
CA PRO K 241 55.09 27.49 56.53
C PRO K 241 53.71 28.07 56.76
N SER K 242 53.24 28.97 55.90
CA SER K 242 51.92 29.55 56.08
C SER K 242 50.84 28.53 55.74
N PRO K 243 49.81 28.38 56.57
CA PRO K 243 48.73 27.45 56.26
C PRO K 243 47.87 27.95 55.12
N LEU K 244 47.15 27.01 54.50
CA LEU K 244 46.27 27.29 53.39
C LEU K 244 44.84 26.93 53.76
N LYS K 245 43.90 27.83 53.48
CA LYS K 245 42.50 27.57 53.73
C LYS K 245 41.91 26.74 52.59
N GLN K 246 41.08 25.76 52.96
CA GLN K 246 40.45 24.87 51.98
C GLN K 246 39.06 24.53 52.47
N THR K 247 38.05 25.15 51.87
CA THR K 247 36.65 24.91 52.20
C THR K 247 36.02 24.19 51.00
N ILE K 248 35.99 22.87 51.06
CA ILE K 248 35.46 22.04 49.99
C ILE K 248 34.31 21.21 50.54
N SER K 249 33.15 21.30 49.88
CA SER K 249 31.96 20.57 50.30
C SER K 249 30.97 20.55 49.15
N ARG K 250 29.97 19.69 49.29
CA ARG K 250 28.90 19.64 48.29
C ARG K 250 28.07 20.91 48.37
N PRO K 251 27.79 21.58 47.24
CA PRO K 251 26.98 22.81 47.29
C PRO K 251 25.55 22.54 47.70
N LYS K 252 25.18 23.01 48.89
CA LYS K 252 23.84 22.82 49.42
C LYS K 252 22.98 24.05 49.12
N GLY K 253 21.70 23.95 49.48
CA GLY K 253 20.77 25.03 49.23
C GLY K 253 20.50 25.31 47.76
N VAL K 254 20.52 24.27 46.93
CA VAL K 254 20.24 24.39 45.51
C VAL K 254 19.14 23.39 45.15
N ALA K 255 18.16 23.85 44.38
CA ALA K 255 17.03 23.01 43.99
C ALA K 255 17.50 22.00 42.95
N LEU K 256 17.68 20.75 43.37
CA LEU K 256 18.17 19.73 42.47
C LEU K 256 17.08 19.32 41.47
N HIS K 257 17.45 19.29 40.19
CA HIS K 257 16.58 18.81 39.14
C HIS K 257 17.29 17.70 38.37
N ARG K 258 16.55 16.66 38.01
CA ARG K 258 17.17 15.50 37.40
C ARG K 258 17.68 15.83 36.00
N PRO K 259 18.82 15.28 35.61
CA PRO K 259 19.32 15.50 34.23
C PRO K 259 18.29 15.09 33.20
N ASP K 260 17.91 16.05 32.35
CA ASP K 260 17.03 15.78 31.22
C ASP K 260 17.88 15.13 30.14
N VAL K 261 17.90 13.80 30.14
CA VAL K 261 18.79 13.04 29.29
C VAL K 261 18.11 12.77 27.95
N TYR K 262 18.74 13.23 26.87
CA TYR K 262 18.28 13.01 25.51
C TYR K 262 19.46 12.49 24.71
N LEU K 263 19.33 11.30 24.15
CA LEU K 263 20.41 10.66 23.41
C LEU K 263 20.12 10.82 21.92
N LEU K 264 20.88 11.69 21.27
CA LEU K 264 20.59 12.13 19.91
C LEU K 264 21.35 11.28 18.91
N PRO K 265 20.69 10.63 17.94
CA PRO K 265 21.42 9.88 16.93
C PRO K 265 22.08 10.83 15.93
N PRO K 266 23.22 10.44 15.34
CA PRO K 266 23.90 11.33 14.39
C PRO K 266 23.11 11.52 13.10
N ALA K 267 23.56 12.45 12.26
CA ALA K 267 22.83 12.79 11.05
C ALA K 267 22.96 11.67 10.01
N ARG K 268 22.09 11.74 9.00
CA ARG K 268 22.07 10.76 7.92
C ARG K 268 23.31 10.85 7.05
N GLU K 269 24.03 11.97 7.08
CA GLU K 269 25.29 12.06 6.35
C GLU K 269 26.32 11.06 6.87
N GLN K 270 26.28 10.76 8.18
CA GLN K 270 27.13 9.70 8.71
C GLN K 270 26.75 8.34 8.15
N LEU K 271 25.44 8.09 7.98
CA LEU K 271 25.00 6.86 7.34
C LEU K 271 25.48 6.78 5.91
N ASN K 272 25.47 7.93 5.20
CA ASN K 272 26.03 7.97 3.85
C ASN K 272 27.55 7.98 3.84
N LEU K 273 28.19 8.11 5.00
CA LEU K 273 29.65 8.17 5.10
C LEU K 273 30.26 6.78 5.31
N ARG K 274 29.78 6.07 6.33
CA ARG K 274 30.21 4.70 6.65
C ARG K 274 31.66 4.62 7.12
N GLU K 275 32.14 5.65 7.84
CA GLU K 275 33.41 5.48 8.56
C GLU K 275 33.25 5.89 10.02
N SER K 276 32.36 6.83 10.30
CA SER K 276 32.21 7.34 11.66
C SER K 276 30.80 7.87 11.86
N ALA K 277 30.37 7.86 13.12
CA ALA K 277 29.09 8.45 13.53
C ALA K 277 29.22 8.79 15.00
N THR K 278 29.39 10.07 15.31
CA THR K 278 29.65 10.54 16.66
C THR K 278 28.33 10.73 17.38
N ILE K 279 28.00 9.80 18.27
CA ILE K 279 26.72 9.79 18.99
C ILE K 279 26.91 10.60 20.27
N THR K 280 26.22 11.73 20.37
CA THR K 280 26.23 12.54 21.58
C THR K 280 25.06 12.16 22.46
N CYS K 281 25.28 12.26 23.77
CA CYS K 281 24.26 11.96 24.78
C CYS K 281 24.02 13.22 25.58
N LEU K 282 23.14 14.08 25.08
CA LEU K 282 22.85 15.35 25.73
C LEU K 282 22.17 15.17 27.09
N VAL K 283 22.60 15.97 28.05
CA VAL K 283 21.94 16.13 29.35
C VAL K 283 21.72 17.62 29.58
N THR K 284 20.46 18.01 29.83
CA THR K 284 20.00 19.38 29.67
C THR K 284 19.81 20.13 30.99
N GLY K 285 18.97 19.60 31.87
CA GLY K 285 18.45 20.40 32.97
C GLY K 285 18.77 19.98 34.38
N PHE K 286 20.04 19.65 34.66
CA PHE K 286 20.45 19.27 36.01
C PHE K 286 21.07 20.47 36.70
N SER K 287 20.54 20.83 37.88
CA SER K 287 20.96 22.08 38.50
C SER K 287 22.31 21.94 39.21
N PRO K 288 22.57 20.89 40.01
CA PRO K 288 23.96 20.64 40.43
C PRO K 288 24.84 20.36 39.23
N ALA K 289 26.09 20.83 39.29
CA ALA K 289 26.92 20.87 38.09
C ALA K 289 27.51 19.50 37.74
N ASP K 290 28.35 18.96 38.62
CA ASP K 290 29.26 17.87 38.24
C ASP K 290 28.52 16.60 37.83
N VAL K 291 28.99 16.00 36.73
CA VAL K 291 28.41 14.78 36.17
C VAL K 291 29.53 13.82 35.78
N PHE K 292 29.17 12.54 35.65
CA PHE K 292 30.03 11.49 35.10
C PHE K 292 29.21 10.70 34.08
N VAL K 293 29.19 11.19 32.83
CA VAL K 293 28.40 10.54 31.79
C VAL K 293 29.25 9.45 31.14
N GLN K 294 29.21 8.25 31.71
CA GLN K 294 29.91 7.10 31.19
C GLN K 294 29.06 6.43 30.11
N TRP K 295 29.71 5.84 29.12
CA TRP K 295 29.01 5.15 28.04
C TRP K 295 29.12 3.64 28.22
N MET K 296 28.20 2.93 27.57
CA MET K 296 28.34 1.49 27.39
C MET K 296 27.97 1.13 25.96
N GLN K 297 28.53 0.02 25.50
CA GLN K 297 28.10 -0.64 24.27
C GLN K 297 27.31 -1.86 24.70
N ARG K 298 25.99 -1.75 24.66
CA ARG K 298 25.05 -2.73 25.25
C ARG K 298 25.38 -2.80 26.75
N GLY K 299 25.75 -3.95 27.29
CA GLY K 299 26.02 -4.07 28.71
C GLY K 299 27.45 -3.86 29.14
N GLN K 300 28.38 -3.65 28.22
CA GLN K 300 29.75 -3.50 28.69
C GLN K 300 30.20 -2.05 28.60
N PRO K 301 30.88 -1.55 29.62
CA PRO K 301 31.24 -0.12 29.65
C PRO K 301 32.36 0.22 28.68
N LEU K 302 32.45 1.51 28.38
CA LEU K 302 33.51 2.09 27.55
C LEU K 302 34.49 2.85 28.43
N SER K 303 35.76 2.81 28.03
CA SER K 303 36.80 3.52 28.75
C SER K 303 36.73 5.02 28.47
N PRO K 304 37.23 5.86 29.38
CA PRO K 304 37.25 7.31 29.13
C PRO K 304 38.17 7.72 27.99
N GLU K 305 38.89 6.78 27.40
CA GLU K 305 39.67 7.04 26.20
C GLU K 305 38.83 6.96 24.93
N LYS K 306 37.57 6.52 25.04
CA LYS K 306 36.66 6.47 23.90
C LYS K 306 35.50 7.45 24.03
N TYR K 307 34.99 7.69 25.23
CA TYR K 307 34.02 8.74 25.48
C TYR K 307 34.69 9.86 26.27
N VAL K 308 34.13 11.05 26.17
CA VAL K 308 34.58 12.19 26.95
C VAL K 308 33.38 13.10 27.24
N THR K 309 33.23 13.50 28.49
CA THR K 309 32.08 14.28 28.92
C THR K 309 32.39 15.77 28.90
N SER K 310 31.36 16.56 28.59
CA SER K 310 31.49 18.01 28.60
C SER K 310 31.45 18.53 30.03
N ALA K 311 32.36 19.46 30.32
CA ALA K 311 32.37 20.11 31.63
C ALA K 311 31.08 20.90 31.81
N PRO K 312 30.45 20.82 32.98
CA PRO K 312 29.12 21.45 33.13
C PRO K 312 29.18 22.96 33.27
N MET K 313 28.77 23.68 32.22
CA MET K 313 28.51 25.10 32.27
C MET K 313 27.01 25.35 32.25
N PRO K 314 26.54 26.51 32.75
CA PRO K 314 25.11 26.69 32.99
C PRO K 314 24.25 26.52 31.74
N GLU K 315 23.10 25.88 31.94
CA GLU K 315 22.05 25.80 30.95
C GLU K 315 21.53 27.21 30.64
N PRO K 316 21.29 27.56 29.38
CA PRO K 316 20.97 28.96 29.07
C PRO K 316 19.61 29.42 29.55
N GLN K 317 18.59 28.55 29.53
CA GLN K 317 17.23 28.99 29.90
C GLN K 317 17.15 29.42 31.36
N ALA K 318 17.79 28.66 32.26
CA ALA K 318 17.80 28.98 33.68
C ALA K 318 19.23 28.95 34.18
N PRO K 319 19.73 30.02 34.79
CA PRO K 319 21.12 30.01 35.30
C PRO K 319 21.36 28.95 36.35
N GLY K 320 20.35 28.60 37.15
CA GLY K 320 20.51 27.52 38.10
C GLY K 320 20.75 26.18 37.43
N ARG K 321 20.02 25.88 36.36
CA ARG K 321 20.22 24.65 35.62
C ARG K 321 21.57 24.67 34.90
N TYR K 322 22.15 23.47 34.74
CA TYR K 322 23.39 23.26 34.01
C TYR K 322 23.19 22.13 33.01
N PHE K 323 23.94 22.19 31.91
CA PHE K 323 23.90 21.13 30.90
C PHE K 323 25.30 20.54 30.72
N ALA K 324 25.37 19.46 29.96
CA ALA K 324 26.64 18.82 29.60
C ALA K 324 26.41 17.92 28.39
N HIS K 325 27.42 17.13 28.04
CA HIS K 325 27.40 16.23 26.90
C HIS K 325 28.32 15.06 27.19
N SER K 326 28.36 14.11 26.25
CA SER K 326 29.40 13.09 26.16
C SER K 326 29.20 12.34 24.86
N ILE K 327 30.31 12.09 24.14
CA ILE K 327 30.23 11.59 22.78
C ILE K 327 31.12 10.36 22.64
N LEU K 328 30.72 9.46 21.74
CA LEU K 328 31.57 8.37 21.28
C LEU K 328 31.86 8.57 19.80
N THR K 329 33.15 8.61 19.45
CA THR K 329 33.56 8.66 18.04
C THR K 329 33.74 7.23 17.57
N VAL K 330 32.62 6.56 17.28
CA VAL K 330 32.61 5.16 16.91
C VAL K 330 32.32 5.06 15.42
N SER K 331 32.70 3.92 14.84
CA SER K 331 32.50 3.70 13.41
C SER K 331 31.01 3.56 13.10
N GLU K 332 30.63 4.03 11.91
CA GLU K 332 29.25 3.92 11.48
C GLU K 332 28.84 2.47 11.22
N GLU K 333 29.80 1.62 10.85
CA GLU K 333 29.50 0.22 10.65
C GLU K 333 29.06 -0.44 11.95
N GLU K 334 29.64 -0.01 13.08
CA GLU K 334 29.21 -0.53 14.37
C GLU K 334 27.77 -0.11 14.68
N TRP K 335 27.42 1.14 14.39
CA TRP K 335 26.08 1.62 14.71
C TRP K 335 25.02 1.07 13.75
N ASN K 336 25.42 0.74 12.51
CA ASN K 336 24.44 0.29 11.52
C ASN K 336 23.95 -1.13 11.76
N THR K 337 24.67 -1.91 12.56
CA THR K 337 24.28 -3.29 12.84
C THR K 337 23.28 -3.43 13.97
N GLY K 338 22.57 -2.36 14.31
CA GLY K 338 21.63 -2.40 15.41
C GLY K 338 22.26 -2.46 16.78
N GLU K 339 23.53 -2.07 16.90
CA GLU K 339 24.21 -2.10 18.18
C GLU K 339 23.66 -1.03 19.12
N THR K 340 23.33 -1.43 20.34
CA THR K 340 22.79 -0.51 21.31
C THR K 340 23.92 0.26 21.99
N TYR K 341 23.77 1.58 22.08
CA TYR K 341 24.71 2.45 22.79
C TYR K 341 23.96 3.08 23.95
N THR K 342 24.21 2.61 25.16
CA THR K 342 23.52 3.05 26.36
C THR K 342 24.42 4.00 27.13
N CYS K 343 24.11 5.29 27.09
CA CYS K 343 24.88 6.30 27.81
C CYS K 343 24.27 6.49 29.19
N VAL K 344 25.02 6.12 30.22
CA VAL K 344 24.56 6.30 31.59
C VAL K 344 25.04 7.64 32.10
N VAL K 345 24.28 8.22 33.03
CA VAL K 345 24.57 9.55 33.53
C VAL K 345 24.63 9.55 35.06
N ALA K 346 25.85 9.41 35.58
CA ALA K 346 26.06 9.46 37.02
C ALA K 346 25.86 10.88 37.51
N HIS K 347 24.82 11.10 38.31
CA HIS K 347 24.51 12.43 38.83
C HIS K 347 23.70 12.30 40.11
N GLU K 348 23.89 13.25 41.02
CA GLU K 348 23.26 13.18 42.33
C GLU K 348 21.79 13.57 42.31
N ALA K 349 21.34 14.35 41.33
CA ALA K 349 19.95 14.80 41.31
C ALA K 349 19.02 13.83 40.61
N LEU K 350 19.55 12.81 39.94
CA LEU K 350 18.69 11.77 39.39
C LEU K 350 18.10 10.94 40.54
N PRO K 351 16.88 10.41 40.36
CA PRO K 351 16.31 9.56 41.41
C PRO K 351 17.11 8.30 41.67
N ASN K 352 17.46 7.54 40.64
CA ASN K 352 18.29 6.34 40.78
C ASN K 352 19.76 6.60 40.53
N ARG K 353 20.13 7.86 40.23
CA ARG K 353 21.49 8.35 39.99
C ARG K 353 22.09 7.85 38.69
N VAL K 354 21.44 6.93 37.97
CA VAL K 354 21.93 6.43 36.69
C VAL K 354 20.73 6.10 35.80
N THR K 355 20.66 6.74 34.64
CA THR K 355 19.66 6.40 33.63
C THR K 355 20.36 6.24 32.29
N GLU K 356 20.19 5.09 31.65
CA GLU K 356 20.76 4.83 30.34
C GLU K 356 19.69 4.98 29.27
N ARG K 357 19.97 5.83 28.29
CA ARG K 357 19.11 5.97 27.12
C ARG K 357 19.67 5.11 25.99
N THR K 358 18.80 4.74 25.06
CA THR K 358 19.15 3.82 23.99
C THR K 358 19.12 4.52 22.63
N VAL K 359 20.06 4.16 21.76
CA VAL K 359 20.08 4.64 20.38
C VAL K 359 20.41 3.46 19.47
N ASP K 360 19.73 3.41 18.33
CA ASP K 360 19.88 2.36 17.34
C ASP K 360 19.57 2.94 15.97
N LYS K 361 19.79 2.14 14.94
CA LYS K 361 19.36 2.53 13.60
C LYS K 361 17.85 2.65 13.51
N SER K 362 17.13 1.72 14.16
CA SER K 362 15.67 1.69 14.07
C SER K 362 15.01 2.74 14.97
N THR K 363 15.59 3.01 16.14
CA THR K 363 14.90 3.79 17.14
C THR K 363 14.75 5.27 16.76
N GLY K 364 15.58 5.76 15.84
CA GLY K 364 15.50 7.17 15.49
C GLY K 364 14.50 7.45 14.39
N LYS K 365 13.31 7.87 14.78
CA LYS K 365 12.19 8.14 13.86
C LYS K 365 11.95 7.02 12.84
N ILE L 152 47.98 42.95 44.21
CA ILE L 152 49.19 43.49 43.61
C ILE L 152 49.68 42.53 42.51
N ARG L 153 48.96 42.53 41.39
CA ARG L 153 49.30 41.68 40.26
C ARG L 153 48.55 42.18 39.03
N VAL L 154 49.23 42.15 37.89
CA VAL L 154 48.66 42.55 36.61
C VAL L 154 48.30 41.30 35.83
N PHE L 155 47.03 41.16 35.47
CA PHE L 155 46.58 40.00 34.72
C PHE L 155 47.07 40.06 33.28
N ALA L 156 47.15 38.88 32.66
CA ALA L 156 47.55 38.75 31.27
C ALA L 156 46.49 37.94 30.54
N ILE L 157 45.93 38.51 29.47
CA ILE L 157 44.90 37.83 28.70
C ILE L 157 45.20 37.95 27.21
N PRO L 158 45.24 36.84 26.48
CA PRO L 158 45.35 36.92 25.02
C PRO L 158 44.00 37.23 24.41
N PRO L 159 43.96 37.77 23.19
CA PRO L 159 42.66 38.01 22.54
C PRO L 159 41.99 36.72 22.13
N SER L 160 40.96 36.32 22.87
CA SER L 160 40.26 35.08 22.55
C SER L 160 39.48 35.24 21.25
N PHE L 161 39.28 34.12 20.57
CA PHE L 161 38.63 34.17 19.26
C PHE L 161 37.17 34.60 19.39
N ALA L 162 36.52 34.26 20.52
CA ALA L 162 35.16 34.70 20.75
C ALA L 162 35.08 36.22 20.87
N SER L 163 36.05 36.84 21.56
CA SER L 163 36.04 38.29 21.69
C SER L 163 36.44 38.98 20.38
N ILE L 164 37.38 38.39 19.62
CA ILE L 164 37.73 39.00 18.34
C ILE L 164 36.68 38.76 17.28
N PHE L 165 35.74 37.84 17.51
CA PHE L 165 34.61 37.66 16.60
C PHE L 165 33.39 38.48 16.98
N LEU L 166 33.24 38.85 18.27
CA LEU L 166 32.09 39.64 18.68
C LEU L 166 32.14 41.03 18.06
N THR L 167 33.29 41.69 18.14
CA THR L 167 33.48 43.02 17.56
C THR L 167 34.09 42.98 16.18
N LYS L 168 34.36 41.79 15.64
CA LYS L 168 34.99 41.62 14.32
C LYS L 168 36.34 42.33 14.26
N SER L 169 37.05 42.34 15.38
CA SER L 169 38.35 43.00 15.46
C SER L 169 39.12 42.43 16.64
N THR L 170 40.43 42.29 16.48
CA THR L 170 41.29 41.79 17.54
C THR L 170 41.63 42.95 18.48
N LYS L 171 41.10 42.90 19.69
CA LYS L 171 41.26 43.97 20.67
C LYS L 171 42.09 43.44 21.83
N LEU L 172 43.41 43.57 21.71
CA LEU L 172 44.30 43.18 22.80
C LEU L 172 44.13 44.13 23.97
N THR L 173 44.07 43.57 25.18
CA THR L 173 43.84 44.35 26.39
C THR L 173 44.87 43.99 27.44
N CYS L 174 45.21 44.97 28.27
CA CYS L 174 46.09 44.77 29.42
C CYS L 174 45.21 44.87 30.66
N LEU L 175 44.60 43.74 31.02
CA LEU L 175 43.63 43.72 32.11
C LEU L 175 44.34 43.59 33.45
N VAL L 176 43.79 44.27 34.46
CA VAL L 176 44.23 44.12 35.84
C VAL L 176 43.03 43.72 36.68
N THR L 177 43.22 42.68 37.50
CA THR L 177 42.15 42.17 38.34
C THR L 177 42.49 42.09 39.82
N ASP L 178 43.77 42.20 40.19
CA ASP L 178 44.17 42.16 41.59
C ASP L 178 44.48 43.53 42.17
N LEU L 179 44.57 44.57 41.32
CA LEU L 179 44.77 45.93 41.79
C LEU L 179 43.41 46.50 42.22
N THR L 180 43.28 46.77 43.52
CA THR L 180 41.99 47.17 44.08
C THR L 180 41.73 48.67 43.96
N THR L 181 42.61 49.49 44.55
CA THR L 181 42.42 50.94 44.54
C THR L 181 43.80 51.59 44.64
N TYR L 182 44.26 52.19 43.55
CA TYR L 182 45.54 52.88 43.53
C TYR L 182 45.47 54.05 42.56
N ASP L 183 46.07 55.16 42.94
CA ASP L 183 46.07 56.37 42.11
C ASP L 183 47.33 56.42 41.25
N SER L 184 47.33 57.38 40.32
CA SER L 184 48.44 57.60 39.39
C SER L 184 48.72 56.33 38.57
N VAL L 185 47.73 55.96 37.76
CA VAL L 185 47.82 54.77 36.91
C VAL L 185 48.22 55.25 35.53
N THR L 186 49.51 55.11 35.20
CA THR L 186 50.05 55.48 33.90
C THR L 186 50.61 54.20 33.26
N ILE L 187 49.75 53.47 32.57
CA ILE L 187 50.15 52.24 31.90
C ILE L 187 50.51 52.55 30.46
N SER L 188 51.36 51.73 29.88
CA SER L 188 51.84 51.93 28.52
C SER L 188 51.93 50.58 27.83
N TRP L 189 52.48 50.59 26.61
CA TRP L 189 52.63 49.40 25.79
C TRP L 189 54.00 49.48 25.10
N THR L 190 55.00 48.82 25.66
CA THR L 190 56.33 48.79 25.06
C THR L 190 56.79 47.35 24.92
N ARG L 191 57.24 46.98 23.71
CA ARG L 191 57.81 45.67 23.48
C ARG L 191 59.32 45.70 23.75
N GLN L 192 59.98 44.59 23.47
CA GLN L 192 61.43 44.53 23.60
C GLN L 192 62.15 45.35 22.53
N ASN L 193 61.48 45.70 21.44
CA ASN L 193 62.06 46.51 20.38
C ASN L 193 61.64 47.97 20.43
N GLY L 194 60.83 48.36 21.42
CA GLY L 194 60.43 49.74 21.56
C GLY L 194 59.37 50.20 20.57
N GLU L 195 58.17 49.63 20.67
CA GLU L 195 57.04 50.02 19.83
C GLU L 195 55.81 50.19 20.72
N ALA L 196 54.91 51.07 20.30
CA ALA L 196 53.75 51.43 21.11
C ALA L 196 52.48 51.37 20.27
N VAL L 197 51.36 51.14 20.97
CA VAL L 197 50.05 51.07 20.33
C VAL L 197 49.59 52.49 19.97
N LYS L 198 48.53 52.59 19.18
CA LYS L 198 48.06 53.89 18.72
C LYS L 198 47.40 54.67 19.85
N THR L 199 46.29 54.15 20.38
CA THR L 199 45.51 54.85 21.40
C THR L 199 44.74 53.83 22.22
N HIS L 200 44.73 54.03 23.54
CA HIS L 200 43.96 53.20 24.46
C HIS L 200 42.91 54.03 25.21
N THR L 201 42.25 54.94 24.50
CA THR L 201 41.29 55.85 25.14
C THR L 201 40.00 55.13 25.56
N ASN L 202 39.72 53.95 25.01
CA ASN L 202 38.52 53.21 25.36
C ASN L 202 38.73 52.57 26.73
N ILE L 203 38.13 53.17 27.76
CA ILE L 203 38.30 52.74 29.14
C ILE L 203 36.97 52.23 29.66
N SER L 204 37.00 51.11 30.37
CA SER L 204 35.81 50.47 30.93
C SER L 204 35.62 50.84 32.40
N GLU L 205 35.94 52.10 32.76
CA GLU L 205 35.90 52.66 34.11
C GLU L 205 36.41 51.69 35.18
N SER L 206 35.60 51.40 36.19
CA SER L 206 36.01 50.50 37.26
C SER L 206 34.87 49.53 37.55
N HIS L 207 35.23 48.40 38.16
CA HIS L 207 34.25 47.39 38.53
C HIS L 207 33.36 47.90 39.65
N PRO L 208 32.14 47.34 39.77
CA PRO L 208 31.33 47.66 40.96
C PRO L 208 31.99 47.26 42.27
N ASN L 209 32.74 46.16 42.28
CA ASN L 209 33.57 45.81 43.41
C ASN L 209 34.76 46.76 43.44
N ALA L 210 35.44 46.85 44.58
CA ALA L 210 36.60 47.74 44.74
C ALA L 210 37.80 47.13 44.01
N THR L 211 37.83 47.32 42.70
CA THR L 211 38.88 46.82 41.84
C THR L 211 38.97 47.73 40.62
N PHE L 212 40.08 48.45 40.49
CA PHE L 212 40.27 49.35 39.37
C PHE L 212 40.57 48.54 38.11
N SER L 213 39.74 48.71 37.08
CA SER L 213 39.94 48.04 35.80
C SER L 213 40.59 49.04 34.84
N ALA L 214 41.90 49.16 34.94
CA ALA L 214 42.69 50.01 34.05
C ALA L 214 43.06 49.21 32.82
N VAL L 215 42.38 49.48 31.71
CA VAL L 215 42.51 48.67 30.50
C VAL L 215 43.21 49.48 29.42
N GLY L 216 43.83 48.74 28.50
CA GLY L 216 44.35 49.34 27.29
C GLY L 216 43.70 48.73 26.07
N GLU L 217 42.88 49.51 25.37
CA GLU L 217 42.03 49.01 24.29
C GLU L 217 42.57 49.54 22.97
N ALA L 218 43.21 48.66 22.20
CA ALA L 218 43.78 49.01 20.90
C ALA L 218 43.38 47.99 19.87
N SER L 219 43.21 48.45 18.63
CA SER L 219 42.84 47.59 17.51
C SER L 219 44.08 47.29 16.68
N ILE L 220 44.27 46.01 16.35
CA ILE L 220 45.40 45.57 15.55
C ILE L 220 44.89 44.74 14.39
N CYS L 221 45.56 44.89 13.24
CA CYS L 221 45.14 44.18 12.03
C CYS L 221 45.33 42.68 12.19
N GLU L 222 44.35 41.91 11.68
CA GLU L 222 44.40 40.46 11.81
C GLU L 222 45.51 39.85 10.94
N ASP L 223 45.87 40.51 9.84
CA ASP L 223 46.95 40.00 9.00
C ASP L 223 48.28 40.00 9.74
N ASP L 224 48.58 41.09 10.48
CA ASP L 224 49.80 41.13 11.26
C ASP L 224 49.69 40.25 12.51
N TRP L 225 48.48 40.09 13.05
CA TRP L 225 48.29 39.26 14.23
C TRP L 225 48.40 37.78 13.90
N ASN L 226 48.14 37.39 12.65
CA ASN L 226 48.19 35.98 12.26
C ASN L 226 49.60 35.42 12.32
N SER L 227 50.62 36.27 12.25
CA SER L 227 52.01 35.82 12.32
C SER L 227 52.52 35.68 13.74
N GLY L 228 51.68 35.98 14.74
CA GLY L 228 52.11 35.90 16.13
C GLY L 228 53.18 36.91 16.47
N GLU L 229 52.92 38.18 16.15
CA GLU L 229 53.90 39.24 16.40
C GLU L 229 54.14 39.39 17.90
N ARG L 230 55.41 39.58 18.26
CA ARG L 230 55.80 39.64 19.67
C ARG L 230 55.62 41.07 20.18
N PHE L 231 54.83 41.23 21.23
CA PHE L 231 54.54 42.56 21.76
C PHE L 231 54.18 42.43 23.23
N THR L 232 54.66 43.37 24.05
CA THR L 232 54.57 43.29 25.50
C THR L 232 53.87 44.51 26.06
N CYS L 233 52.98 44.29 27.03
CA CYS L 233 52.38 45.38 27.80
C CYS L 233 53.27 45.69 29.00
N THR L 234 53.57 46.97 29.20
CA THR L 234 54.40 47.41 30.30
C THR L 234 53.58 48.24 31.27
N VAL L 235 54.07 48.33 32.51
CA VAL L 235 53.44 49.11 33.56
C VAL L 235 54.47 50.04 34.19
N THR L 236 54.06 51.27 34.46
CA THR L 236 54.88 52.25 35.18
C THR L 236 53.99 52.80 36.28
N HIS L 237 53.96 52.10 37.41
CA HIS L 237 53.01 52.38 38.48
C HIS L 237 53.73 52.44 39.82
N THR L 238 53.19 53.24 40.73
CA THR L 238 53.81 53.40 42.05
C THR L 238 53.74 52.09 42.84
N ASP L 239 52.61 51.40 42.79
CA ASP L 239 52.46 50.14 43.53
C ASP L 239 53.19 49.00 42.85
N LEU L 240 53.27 49.00 41.52
CA LEU L 240 53.93 47.94 40.75
C LEU L 240 54.92 48.56 39.78
N PRO L 241 56.09 48.98 40.27
CA PRO L 241 57.10 49.55 39.36
C PRO L 241 57.72 48.53 38.41
N SER L 242 57.66 47.25 38.74
CA SER L 242 58.28 46.22 37.91
C SER L 242 57.38 45.92 36.71
N PRO L 243 57.88 46.05 35.48
CA PRO L 243 57.07 45.68 34.31
C PRO L 243 56.86 44.17 34.24
N LEU L 244 55.75 43.78 33.63
CA LEU L 244 55.37 42.39 33.49
C LEU L 244 55.60 41.92 32.06
N LYS L 245 56.27 40.79 31.89
CA LYS L 245 56.46 40.19 30.58
C LYS L 245 55.14 39.63 30.09
N GLN L 246 54.64 40.15 28.97
CA GLN L 246 53.32 39.79 28.45
C GLN L 246 53.49 39.02 27.15
N THR L 247 53.33 37.70 27.23
CA THR L 247 53.31 36.85 26.04
C THR L 247 51.86 36.63 25.64
N ILE L 248 51.28 37.63 24.98
CA ILE L 248 49.87 37.63 24.63
C ILE L 248 49.66 37.06 23.24
N SER L 249 50.72 36.48 22.67
CA SER L 249 50.65 35.94 21.32
C SER L 249 50.16 34.50 21.36
N ARG L 250 49.08 34.22 20.63
CA ARG L 250 48.57 32.85 20.55
C ARG L 250 49.52 32.01 19.68
N PRO L 251 49.63 30.72 19.97
CA PRO L 251 50.57 29.87 19.24
C PRO L 251 49.96 29.24 18.00
N LYS L 252 50.83 28.99 17.01
CA LYS L 252 50.48 28.30 15.78
C LYS L 252 51.25 26.99 15.65
N GLY L 253 51.48 26.30 16.77
CA GLY L 253 52.29 25.09 16.77
C GLY L 253 51.61 23.85 16.25
N VAL L 254 50.32 23.91 15.94
CA VAL L 254 49.57 22.75 15.46
C VAL L 254 48.91 23.12 14.13
N ALA L 255 49.00 22.21 13.17
CA ALA L 255 48.37 22.42 11.86
C ALA L 255 46.86 22.41 11.99
N LEU L 256 46.20 23.35 11.32
CA LEU L 256 44.77 23.56 11.50
C LEU L 256 43.95 22.38 10.98
N HIS L 257 42.88 22.07 11.71
CA HIS L 257 41.91 21.05 11.29
C HIS L 257 40.51 21.61 11.47
N ARG L 258 39.64 21.36 10.49
CA ARG L 258 38.33 21.98 10.49
C ARG L 258 37.40 21.36 11.53
N PRO L 259 36.51 22.15 12.11
CA PRO L 259 35.45 21.59 12.96
C PRO L 259 34.51 20.71 12.14
N ASP L 260 34.46 19.43 12.50
CA ASP L 260 33.53 18.48 11.87
C ASP L 260 32.16 18.70 12.48
N VAL L 261 31.42 19.66 11.93
CA VAL L 261 30.16 20.12 12.51
C VAL L 261 29.04 19.16 12.11
N TYR L 262 28.32 18.65 13.10
CA TYR L 262 27.18 17.77 12.90
C TYR L 262 26.03 18.29 13.74
N LEU L 263 24.94 18.72 13.10
CA LEU L 263 23.81 19.30 13.79
C LEU L 263 22.75 18.23 14.01
N LEU L 264 22.71 17.68 15.22
CA LEU L 264 21.87 16.53 15.51
C LEU L 264 20.47 16.98 15.87
N PRO L 265 19.43 16.53 15.15
CA PRO L 265 18.07 16.94 15.50
C PRO L 265 17.65 16.34 16.84
N PRO L 266 16.76 17.01 17.58
CA PRO L 266 16.35 16.49 18.89
C PRO L 266 15.72 15.12 18.80
N ALA L 267 15.94 14.33 19.85
CA ALA L 267 15.57 12.92 19.85
C ALA L 267 14.05 12.73 19.90
N ARG L 268 13.64 11.49 19.64
CA ARG L 268 12.23 11.14 19.74
C ARG L 268 11.70 11.32 21.16
N GLU L 269 12.54 11.09 22.17
CA GLU L 269 12.14 11.38 23.54
C GLU L 269 12.02 12.87 23.80
N GLN L 270 12.88 13.68 23.16
CA GLN L 270 12.72 15.13 23.23
C GLN L 270 11.36 15.53 22.66
N LEU L 271 10.99 14.95 21.51
CA LEU L 271 9.68 15.21 20.92
C LEU L 271 8.57 14.73 21.85
N ASN L 272 8.78 13.61 22.53
CA ASN L 272 7.76 13.08 23.43
C ASN L 272 7.52 13.99 24.63
N LEU L 273 8.58 14.58 25.19
CA LEU L 273 8.43 15.37 26.40
C LEU L 273 7.65 16.65 26.14
N ARG L 274 7.82 17.27 24.97
CA ARG L 274 7.14 18.50 24.54
C ARG L 274 7.44 19.71 25.41
N GLU L 275 8.37 19.59 26.37
CA GLU L 275 8.69 20.73 27.23
C GLU L 275 9.74 21.65 26.64
N SER L 276 10.49 21.18 25.63
CA SER L 276 11.58 21.93 25.05
C SER L 276 11.98 21.22 23.76
N ALA L 277 12.79 21.91 22.95
CA ALA L 277 13.45 21.30 21.80
C ALA L 277 14.86 21.86 21.74
N THR L 278 15.80 21.15 22.35
CA THR L 278 17.19 21.59 22.45
C THR L 278 18.02 20.85 21.40
N ILE L 279 18.74 21.61 20.59
CA ILE L 279 19.48 21.08 19.44
C ILE L 279 20.97 21.27 19.72
N THR L 280 21.70 20.17 19.79
CA THR L 280 23.14 20.22 20.03
C THR L 280 23.89 20.39 18.71
N CYS L 281 24.89 21.28 18.73
CA CYS L 281 25.76 21.53 17.58
C CYS L 281 27.09 20.82 17.85
N LEU L 282 27.18 19.58 17.38
CA LEU L 282 28.36 18.75 17.59
C LEU L 282 29.52 19.21 16.71
N VAL L 283 30.37 20.08 17.24
CA VAL L 283 31.60 20.48 16.57
C VAL L 283 32.73 19.59 17.08
N THR L 284 33.49 19.01 16.15
CA THR L 284 34.31 17.85 16.47
C THR L 284 35.72 18.00 15.89
N GLY L 285 36.72 17.80 16.74
CA GLY L 285 38.08 17.59 16.28
C GLY L 285 38.74 18.73 15.54
N PHE L 286 38.62 19.94 16.05
CA PHE L 286 39.34 21.08 15.50
C PHE L 286 40.56 21.35 16.36
N SER L 287 41.74 21.34 15.75
CA SER L 287 42.99 21.43 16.51
C SER L 287 43.18 22.75 17.25
N PRO L 288 42.85 23.93 16.70
CA PRO L 288 42.84 25.12 17.55
C PRO L 288 41.72 25.03 18.58
N ALA L 289 41.93 25.69 19.72
CA ALA L 289 41.02 25.50 20.86
C ALA L 289 39.69 26.21 20.67
N ASP L 290 39.72 27.54 20.64
CA ASP L 290 38.52 28.34 20.88
C ASP L 290 37.68 28.48 19.62
N VAL L 291 36.46 27.93 19.66
CA VAL L 291 35.43 28.27 18.70
C VAL L 291 34.47 29.27 19.33
N PHE L 292 33.82 30.06 18.49
CA PHE L 292 32.71 30.90 18.90
C PHE L 292 31.49 30.43 18.12
N VAL L 293 30.80 29.43 18.66
CA VAL L 293 29.59 28.91 18.02
C VAL L 293 28.42 29.82 18.39
N GLN L 294 27.65 30.23 17.38
CA GLN L 294 26.52 31.13 17.56
C GLN L 294 25.32 30.52 16.84
N TRP L 295 24.12 30.88 17.30
CA TRP L 295 22.91 30.28 16.75
C TRP L 295 22.10 31.34 16.03
N MET L 296 21.28 30.91 15.07
CA MET L 296 20.57 31.81 14.17
C MET L 296 19.10 31.43 14.08
N GLN L 297 18.26 32.44 13.89
CA GLN L 297 16.83 32.26 13.61
C GLN L 297 16.58 32.72 12.17
N ARG L 298 16.80 31.81 11.22
CA ARG L 298 16.81 32.16 9.78
C ARG L 298 17.67 33.40 9.55
N GLY L 299 18.91 33.33 10.04
CA GLY L 299 19.84 34.42 9.86
C GLY L 299 19.71 35.57 10.83
N GLN L 300 19.04 35.37 11.97
CA GLN L 300 18.93 36.39 13.02
C GLN L 300 19.84 36.01 14.18
N PRO L 301 20.74 36.88 14.62
CA PRO L 301 21.66 36.51 15.71
C PRO L 301 20.93 36.32 17.03
N LEU L 302 21.51 35.50 17.89
CA LEU L 302 20.99 35.23 19.23
C LEU L 302 22.02 35.59 20.28
N SER L 303 21.54 36.04 21.43
CA SER L 303 22.40 36.28 22.57
C SER L 303 22.75 34.95 23.26
N PRO L 304 23.86 34.90 23.99
CA PRO L 304 24.21 33.67 24.72
C PRO L 304 23.33 33.41 25.93
N GLU L 305 22.23 34.16 26.06
CA GLU L 305 21.26 33.89 27.12
C GLU L 305 20.32 32.74 26.76
N LYS L 306 20.14 32.43 25.48
CA LYS L 306 19.25 31.35 25.07
C LYS L 306 19.95 30.18 24.41
N TYR L 307 21.10 30.39 23.77
CA TYR L 307 22.02 29.31 23.45
C TYR L 307 23.25 29.45 24.33
N VAL L 308 24.08 28.41 24.33
CA VAL L 308 25.32 28.44 25.10
C VAL L 308 26.28 27.41 24.50
N THR L 309 27.55 27.81 24.38
CA THR L 309 28.57 27.00 23.73
C THR L 309 29.46 26.35 24.77
N SER L 310 29.61 25.03 24.67
CA SER L 310 30.50 24.29 25.56
C SER L 310 31.95 24.71 25.34
N ALA L 311 32.69 24.82 26.44
CA ALA L 311 34.09 25.17 26.37
C ALA L 311 34.87 24.06 25.68
N PRO L 312 35.80 24.40 24.79
CA PRO L 312 36.55 23.37 24.05
C PRO L 312 37.40 22.49 24.96
N MET L 313 37.50 21.22 24.58
CA MET L 313 38.16 20.20 25.37
C MET L 313 38.61 19.07 24.45
N PRO L 314 39.65 18.32 24.83
CA PRO L 314 40.22 17.34 23.89
C PRO L 314 39.24 16.25 23.46
N GLU L 315 39.36 15.85 22.20
CA GLU L 315 38.68 14.67 21.69
C GLU L 315 39.29 13.41 22.30
N PRO L 316 38.50 12.34 22.45
CA PRO L 316 39.07 11.08 22.96
C PRO L 316 40.05 10.41 22.01
N GLN L 317 40.03 10.76 20.72
CA GLN L 317 40.96 10.19 19.76
C GLN L 317 42.23 11.04 19.64
N ALA L 318 42.07 12.31 19.26
CA ALA L 318 43.19 13.23 19.13
C ALA L 318 43.14 14.23 20.27
N PRO L 319 44.08 14.18 21.22
CA PRO L 319 44.06 15.15 22.32
C PRO L 319 44.26 16.59 21.87
N GLY L 320 45.04 16.82 20.82
CA GLY L 320 45.24 18.16 20.31
C GLY L 320 44.10 18.73 19.51
N ARG L 321 43.13 17.89 19.13
CA ARG L 321 41.98 18.30 18.33
C ARG L 321 40.80 18.50 19.30
N TYR L 322 40.66 19.73 19.79
CA TYR L 322 39.58 20.07 20.71
C TYR L 322 38.23 20.01 20.00
N PHE L 323 37.20 19.66 20.77
CA PHE L 323 35.82 19.68 20.32
C PHE L 323 34.98 20.45 21.34
N ALA L 324 33.74 20.74 20.95
CA ALA L 324 32.85 21.52 21.81
C ALA L 324 31.41 21.20 21.42
N HIS L 325 30.47 21.97 21.97
CA HIS L 325 29.04 21.81 21.70
C HIS L 325 28.40 23.19 21.74
N SER L 326 27.10 23.22 21.41
CA SER L 326 26.26 24.37 21.70
C SER L 326 24.81 23.96 21.52
N ILE L 327 24.01 24.11 22.57
CA ILE L 327 22.60 23.74 22.54
C ILE L 327 21.76 25.00 22.49
N LEU L 328 20.78 25.03 21.60
CA LEU L 328 19.76 26.08 21.55
C LEU L 328 18.51 25.50 22.19
N THR L 329 18.43 25.63 23.52
CA THR L 329 17.26 25.14 24.25
C THR L 329 16.12 26.13 24.05
N VAL L 330 15.19 25.78 23.16
CA VAL L 330 13.98 26.56 22.92
C VAL L 330 12.80 25.68 23.29
N SER L 331 11.60 26.22 23.06
CA SER L 331 10.39 25.44 23.26
C SER L 331 10.25 24.40 22.14
N GLU L 332 9.56 23.30 22.45
CA GLU L 332 9.31 22.28 21.43
C GLU L 332 8.44 22.83 20.31
N GLU L 333 7.44 23.66 20.65
CA GLU L 333 6.55 24.21 19.63
C GLU L 333 7.29 25.09 18.65
N GLU L 334 8.33 25.81 19.11
CA GLU L 334 9.11 26.66 18.21
C GLU L 334 9.80 25.83 17.13
N TRP L 335 10.33 24.67 17.50
CA TRP L 335 10.86 23.74 16.51
C TRP L 335 9.76 22.98 15.78
N ASN L 336 8.55 22.91 16.34
CA ASN L 336 7.44 22.24 15.69
C ASN L 336 6.86 23.07 14.55
N THR L 337 6.96 24.39 14.63
CA THR L 337 6.36 25.27 13.64
C THR L 337 7.16 25.36 12.34
N GLY L 338 8.10 24.45 12.12
CA GLY L 338 8.91 24.48 10.91
C GLY L 338 10.07 25.43 10.94
N GLU L 339 10.33 26.09 12.08
CA GLU L 339 11.47 26.98 12.18
C GLU L 339 12.76 26.17 12.13
N THR L 340 13.61 26.48 11.16
CA THR L 340 14.90 25.83 11.01
C THR L 340 15.85 26.33 12.10
N TYR L 341 17.01 25.68 12.20
CA TYR L 341 18.00 26.06 13.19
C TYR L 341 19.40 25.85 12.64
N THR L 342 20.20 26.91 12.63
CA THR L 342 21.54 26.86 12.08
C THR L 342 22.53 27.35 13.12
N CYS L 343 23.55 26.55 13.40
CA CYS L 343 24.60 26.92 14.34
C CYS L 343 25.85 27.30 13.55
N VAL L 344 26.10 28.60 13.43
CA VAL L 344 27.31 29.06 12.77
C VAL L 344 28.50 28.84 13.68
N VAL L 345 29.52 28.17 13.16
CA VAL L 345 30.69 27.79 13.95
C VAL L 345 31.88 28.62 13.51
N ALA L 346 32.10 29.74 14.18
CA ALA L 346 33.27 30.56 13.90
C ALA L 346 34.51 29.90 14.46
N HIS L 347 35.54 29.75 13.63
CA HIS L 347 36.79 29.17 14.08
C HIS L 347 37.94 29.63 13.20
N GLU L 348 39.12 29.75 13.80
CA GLU L 348 40.31 30.22 13.10
C GLU L 348 40.92 29.16 12.19
N ALA L 349 40.66 27.88 12.45
CA ALA L 349 41.22 26.83 11.61
C ALA L 349 40.60 26.85 10.21
N LEU L 350 39.32 27.15 10.12
CA LEU L 350 38.62 27.21 8.85
C LEU L 350 39.10 28.40 8.03
N PRO L 351 39.57 28.19 6.79
CA PRO L 351 39.76 29.35 5.90
C PRO L 351 38.46 30.07 5.62
N ASN L 352 37.34 29.34 5.57
CA ASN L 352 36.03 29.96 5.42
C ASN L 352 35.57 30.60 6.73
N ARG L 353 36.09 30.12 7.86
CA ARG L 353 36.04 30.73 9.19
C ARG L 353 34.67 30.65 9.86
N VAL L 354 33.64 30.23 9.14
CA VAL L 354 32.30 30.00 9.71
C VAL L 354 31.64 28.87 8.93
N THR L 355 31.28 27.77 9.60
CA THR L 355 30.54 26.71 8.94
C THR L 355 29.32 26.36 9.78
N GLU L 356 28.20 26.10 9.12
CA GLU L 356 26.95 25.81 9.81
C GLU L 356 26.26 24.62 9.15
N ARG L 357 25.39 23.97 9.91
CA ARG L 357 24.50 22.96 9.36
C ARG L 357 23.06 23.42 9.55
N THR L 358 22.17 22.84 8.76
CA THR L 358 20.76 23.20 8.75
C THR L 358 19.93 22.02 9.23
N VAL L 359 19.07 22.26 10.22
CA VAL L 359 18.25 21.21 10.81
C VAL L 359 16.81 21.69 10.87
N ASP L 360 15.86 20.78 10.61
CA ASP L 360 14.44 21.03 10.81
C ASP L 360 13.80 19.67 11.09
N LYS L 361 12.47 19.61 10.96
CA LYS L 361 11.77 18.35 11.18
C LYS L 361 12.05 17.31 10.10
N SER L 362 12.61 17.73 8.96
CA SER L 362 12.81 16.83 7.82
C SER L 362 14.23 16.33 7.68
N THR L 363 15.22 16.98 8.32
CA THR L 363 16.60 16.55 8.17
C THR L 363 16.85 15.17 8.77
N GLY L 364 16.25 14.89 9.93
CA GLY L 364 16.48 13.61 10.58
C GLY L 364 15.53 12.54 10.12
N LYS L 365 15.95 11.76 9.12
CA LYS L 365 15.16 10.68 8.53
C LYS L 365 13.75 11.12 8.12
#